data_8EIO
#
_entry.id   8EIO
#
_cell.length_a   1.00
_cell.length_b   1.00
_cell.length_c   1.00
_cell.angle_alpha   90.00
_cell.angle_beta   90.00
_cell.angle_gamma   90.00
#
_symmetry.space_group_name_H-M   'P 1'
#
loop_
_entity.id
_entity.type
_entity.pdbx_description
1 polymer 'Cystic fibrosis transmembrane conductance regulator'
2 polymer 'Cystic fibrosis transmembrane conductance regulator'
3 non-polymer 'MAGNESIUM ION'
4 non-polymer "ADENOSINE-5'-TRIPHOSPHATE"
5 non-polymer CHOLESTEROL
6 non-polymer DODECANE
7 non-polymer Lumacaftor
8 non-polymer (6P)-N-(1,3-dimethyl-1H-pyrazole-4-sulfonyl)-6-[3-(3,3,3-trifluoro-2,2-dimethylpropoxy)-1H-pyrazol-1-yl]-2-[(4S)-2,2,4-trimethylpyrrolidin-1-yl]pyridine-3-carboxamide
#
loop_
_entity_poly.entity_id
_entity_poly.type
_entity_poly.pdbx_seq_one_letter_code
_entity_poly.pdbx_strand_id
1 'polypeptide(L)'
;MQRSPLEKASVVSKLFFSWTRPILRKGYRQRLELSDIYQIPSVDSADNLSEKLEREWDRELASKKNPKLINALRRCFFWR
FMFYGIFLYLGEVTKAVQPLLLGRIIASYDPDNKEERSIAIYLGIGLCLLFIVRTLLLHPAIFGLHHIGMQMRIAMFSLI
YKKTLKLSSRVLDKISIGQLVSLLSNNLNKFDEGLALAHFVWIAPLQVALLMGLIWELLQASAFCGLGFLIVLALFQAGL
GRMMMKYRDQRAGKISERLVITSEMIENIQSVKAYCWEEAMEKMIENLRQTELKLTRKAAYVRYFNSSAFFFSGFFVVFL
SVLPYALIKGIILRKIFTTISFCIVLRMAVTRQFPWAVQTWYDSLGAINKIQDFLQKQEYKTLEYNLTTTEVVMENVTAF
WEEGFGELFEKAKQNNNNRKTSNGDDSLFFSNFSLLGTPVLKDINFKIERGQLLAVAGSTGAGKTSLLMVIMGELEPSEG
KIKHSGRISFCSQFSWIMPGTIKENIIGVSYDEYRYRSVIKACQLEEDISKFAEKDNIVLGEGGITLSGGQRARISLARA
VYKDADLYLLDSPFGYLDVLTEKEIFESCVCKLMANKTRILVTSKMEHLKKADKILILHEGSSYFYGTFSELQNLQPDFS
SKLMGCDSFDQFSAERRNSILTETLHRFSLEGDAPVSWTETKKQSFKQTGEFGEKRKNSILNPINSIRKFSIVQKTPLQM
NGIEEDSDEPLERRLSLVPDSEQGEAILPRISVISTGPTLQARRRQSVLNLMTHSVNQGQNIHRKTTASTRKVSLAPQAN
LTELDIYSRRLSQETGLEISEEINEEDLKECFFDDMESIPAVTTWNTYLRYITVHKSLIFVLIWCLVIFLAEVAASLVVL
WLLGNTPLQDKGNSTHSRNNSYAVIITSTSSYYVFYIYVGVADTLLAMGFFRGLPLVHTLITVSKILHHKMLHSVLQAPM
STLNTLKAGGILNRFSKDIAILDDLLPLTIFDFIQLLLIVIGAIAVVAVLQPYIFVATVPVIVAFIMLRAYFLQTSQQLK
QLESEGRSPIFTHLVTSLKGLWTLRAFGRQPYFETLFHKALNLHTANWFLYLSTLRWFQMRIEMIFVIFFIAVTFISILT
TGEGEGRVGIILTLAMNIMSTLQWAVNSSIDVDSLMRSVSRVFKFIDMPTEGKPTKSTKPYKNGQLSKVMIIENSHVKKD
DIWPSGGQMTVKDLTAKYTEGGNAILENISFSISPGQRVGLLGRTGSGKSTLLSAFLRLLNTEGEIQIDGVSWDSITLQQ
WRKAFGVIPQKVFIFSGTFRKNLDPYEQWSDQEIWKVADEVGLRSVIEQFPGKLDFVLVDGGCVLSHGHKQLMCLARSVL
SKAKILLLDQPSAHLDPVTYQIIRRTLKQAFADCTVILCEHRIEAMLECQQFLVIEENKVRQYDSIQKLLNERSLFRQAI
SPSDRVKLFPHRNSSKCKSKPQIAALKEETEEEVQDTRL
;
A
2 'polypeptide(L)'
;(UNK)(UNK)(UNK)(UNK)(UNK)(UNK)(UNK)(UNK)(UNK)(UNK)(UNK)(UNK)(UNK)(UNK)(UNK)(UNK)
(UNK)
;
B
#
loop_
_chem_comp.id
_chem_comp.type
_chem_comp.name
_chem_comp.formula
ATP non-polymer ADENOSINE-5'-TRIPHOSPHATE 'C10 H16 N5 O13 P3'
CLR non-polymer CHOLESTEROL 'C27 H46 O'
D12 non-polymer DODECANE 'C12 H26'
MG non-polymer 'MAGNESIUM ION' 'Mg 2'
VX8 non-polymer Lumacaftor 'C24 H18 F2 N2 O5'
WJX non-polymer (6P)-N-(1,3-dimethyl-1H-pyrazole-4-sulfonyl)-6-[3-(3,3,3-trifluoro-2,2-dimethylpropoxy)-1H-pyrazol-1-yl]-2-[(4S)-2,2,4-trimethylpyrrolidin-1-yl]pyridine-3-carboxamide 'C26 H34 F3 N7 O4 S'
#
# COMPACT_ATOMS: atom_id res chain seq x y z
N MET A 1 -2.35 -4.61 -27.91
CA MET A 1 -2.13 -5.65 -26.90
C MET A 1 -2.21 -7.03 -27.53
N GLN A 2 -1.08 -7.52 -28.01
CA GLN A 2 -1.03 -8.76 -28.77
C GLN A 2 -1.06 -9.97 -27.86
N ARG A 3 -1.29 -11.14 -28.46
CA ARG A 3 -1.25 -12.40 -27.72
C ARG A 3 0.16 -12.67 -27.24
N SER A 4 0.26 -13.39 -26.11
CA SER A 4 1.55 -13.69 -25.53
C SER A 4 2.37 -14.54 -26.48
N PRO A 5 3.63 -14.18 -26.77
CA PRO A 5 4.45 -15.01 -27.65
C PRO A 5 4.83 -16.35 -27.04
N LEU A 6 4.71 -16.50 -25.72
CA LEU A 6 5.01 -17.78 -25.10
C LEU A 6 4.05 -18.88 -25.54
N GLU A 7 2.84 -18.50 -25.99
CA GLU A 7 1.83 -19.48 -26.34
C GLU A 7 2.30 -20.37 -27.48
N LYS A 8 2.97 -19.81 -28.48
CA LYS A 8 3.37 -20.55 -29.67
C LYS A 8 4.88 -20.68 -29.81
N ALA A 9 5.63 -20.39 -28.74
CA ALA A 9 7.08 -20.51 -28.81
C ALA A 9 7.50 -21.96 -28.99
N SER A 10 8.54 -22.18 -29.80
CA SER A 10 9.06 -23.51 -30.01
C SER A 10 9.79 -24.01 -28.76
N VAL A 11 10.12 -25.31 -28.77
CA VAL A 11 10.77 -25.92 -27.62
C VAL A 11 12.13 -25.29 -27.35
N VAL A 12 12.91 -25.06 -28.40
CA VAL A 12 14.22 -24.44 -28.23
C VAL A 12 14.06 -22.98 -27.80
N SER A 13 13.03 -22.29 -28.31
CA SER A 13 12.80 -20.90 -27.94
C SER A 13 12.41 -20.78 -26.47
N LYS A 14 11.60 -21.71 -25.97
CA LYS A 14 11.28 -21.72 -24.54
C LYS A 14 12.54 -21.95 -23.70
N LEU A 15 13.40 -22.86 -24.13
CA LEU A 15 14.58 -23.22 -23.35
C LEU A 15 15.51 -22.02 -23.16
N PHE A 16 15.77 -21.29 -24.24
CA PHE A 16 16.69 -20.16 -24.21
C PHE A 16 16.02 -18.83 -23.91
N PHE A 17 14.69 -18.81 -23.76
CA PHE A 17 13.94 -17.57 -23.55
C PHE A 17 14.13 -16.59 -24.70
N SER A 18 14.25 -17.13 -25.92
CA SER A 18 14.47 -16.30 -27.10
C SER A 18 13.23 -15.52 -27.50
N TRP A 19 12.05 -15.92 -27.02
CA TRP A 19 10.81 -15.23 -27.36
C TRP A 19 10.74 -13.82 -26.79
N THR A 20 11.63 -13.45 -25.86
CA THR A 20 11.66 -12.11 -25.30
C THR A 20 12.36 -11.11 -26.21
N ARG A 21 12.92 -11.57 -27.33
CA ARG A 21 13.66 -10.70 -28.23
C ARG A 21 12.88 -9.47 -28.72
N PRO A 22 11.62 -9.57 -29.15
CA PRO A 22 10.95 -8.39 -29.71
C PRO A 22 10.86 -7.20 -28.75
N ILE A 23 10.61 -7.44 -27.46
CA ILE A 23 10.46 -6.31 -26.55
C ILE A 23 11.83 -5.80 -26.10
N LEU A 24 12.85 -6.65 -26.09
CA LEU A 24 14.18 -6.19 -25.72
C LEU A 24 14.77 -5.27 -26.78
N ARG A 25 14.50 -5.56 -28.06
CA ARG A 25 14.97 -4.67 -29.12
C ARG A 25 14.18 -3.37 -29.15
N LYS A 26 12.87 -3.45 -28.95
CA LYS A 26 12.04 -2.25 -28.99
C LYS A 26 12.39 -1.29 -27.85
N GLY A 27 12.57 -1.83 -26.64
CA GLY A 27 12.79 -0.98 -25.48
C GLY A 27 14.17 -0.36 -25.40
N TYR A 28 15.14 -0.89 -26.15
CA TYR A 28 16.49 -0.33 -26.13
C TYR A 28 16.51 1.03 -26.81
N ARG A 29 15.89 1.15 -27.97
CA ARG A 29 15.98 2.40 -28.72
C ARG A 29 14.93 3.42 -28.29
N GLN A 30 13.67 3.01 -28.14
CA GLN A 30 12.59 3.91 -27.80
C GLN A 30 11.81 3.38 -26.60
N ARG A 31 10.98 4.24 -26.04
CA ARG A 31 10.24 3.89 -24.82
C ARG A 31 9.11 2.92 -25.15
N LEU A 32 8.83 2.02 -24.21
CA LEU A 32 7.74 1.07 -24.38
C LEU A 32 6.40 1.78 -24.33
N GLU A 33 5.45 1.26 -25.09
CA GLU A 33 4.09 1.79 -25.15
C GLU A 33 3.12 0.80 -24.53
N LEU A 34 1.85 1.22 -24.43
CA LEU A 34 0.82 0.33 -23.89
C LEU A 34 0.56 -0.85 -24.81
N SER A 35 0.76 -0.67 -26.12
CA SER A 35 0.54 -1.75 -27.07
C SER A 35 1.66 -2.79 -27.05
N ASP A 36 2.84 -2.44 -26.52
CA ASP A 36 3.96 -3.37 -26.51
C ASP A 36 3.75 -4.47 -25.47
N ILE A 37 3.04 -4.19 -24.39
CA ILE A 37 2.84 -5.18 -23.33
C ILE A 37 1.81 -6.21 -23.79
N TYR A 38 2.16 -7.49 -23.65
CA TYR A 38 1.29 -8.58 -24.08
C TYR A 38 0.26 -8.93 -23.02
N GLN A 39 -0.72 -9.73 -23.42
CA GLN A 39 -1.68 -10.30 -22.48
C GLN A 39 -1.04 -11.42 -21.66
N ILE A 40 -1.62 -11.68 -20.50
CA ILE A 40 -1.12 -12.76 -19.64
C ILE A 40 -1.39 -14.10 -20.28
N PRO A 41 -0.54 -15.10 -20.08
CA PRO A 41 -0.89 -16.47 -20.48
C PRO A 41 -2.14 -16.93 -19.75
N SER A 42 -2.97 -17.71 -20.45
CA SER A 42 -4.26 -18.13 -19.89
C SER A 42 -4.10 -18.91 -18.60
N VAL A 43 -2.97 -19.58 -18.40
CA VAL A 43 -2.81 -20.45 -17.25
C VAL A 43 -2.82 -19.65 -15.95
N ASP A 44 -2.26 -18.44 -15.96
CA ASP A 44 -2.15 -17.63 -14.75
C ASP A 44 -3.18 -16.51 -14.71
N SER A 45 -4.31 -16.65 -15.39
CA SER A 45 -5.41 -15.72 -15.22
C SER A 45 -5.99 -15.85 -13.82
N ALA A 46 -6.32 -14.72 -13.20
CA ALA A 46 -6.83 -14.74 -11.83
C ALA A 46 -8.15 -15.51 -11.73
N ASP A 47 -8.98 -15.46 -12.77
CA ASP A 47 -10.26 -16.15 -12.72
C ASP A 47 -10.07 -17.66 -12.62
N ASN A 48 -9.18 -18.21 -13.46
CA ASN A 48 -8.96 -19.65 -13.46
C ASN A 48 -8.27 -20.12 -12.18
N LEU A 49 -7.27 -19.36 -11.73
CA LEU A 49 -6.53 -19.75 -10.53
C LEU A 49 -7.42 -19.73 -9.29
N SER A 50 -8.30 -18.73 -9.18
CA SER A 50 -9.18 -18.65 -8.02
C SER A 50 -10.12 -19.85 -7.95
N GLU A 51 -10.72 -20.22 -9.08
CA GLU A 51 -11.63 -21.35 -9.10
C GLU A 51 -10.91 -22.65 -8.75
N LYS A 52 -9.66 -22.80 -9.17
CA LYS A 52 -8.92 -24.02 -8.91
C LYS A 52 -8.68 -24.22 -7.42
N LEU A 53 -8.13 -23.21 -6.74
CA LEU A 53 -7.81 -23.36 -5.33
C LEU A 53 -9.05 -23.37 -4.46
N GLU A 54 -10.08 -22.61 -4.84
CA GLU A 54 -11.33 -22.61 -4.07
C GLU A 54 -11.96 -24.00 -4.07
N ARG A 55 -11.95 -24.67 -5.23
CA ARG A 55 -12.54 -26.00 -5.32
C ARG A 55 -11.81 -27.00 -4.42
N GLU A 56 -10.52 -26.80 -4.17
CA GLU A 56 -9.76 -27.72 -3.34
C GLU A 56 -9.81 -27.35 -1.86
N TRP A 57 -9.94 -26.06 -1.55
CA TRP A 57 -10.03 -25.64 -0.15
C TRP A 57 -11.34 -26.09 0.47
N ASP A 58 -12.42 -26.14 -0.32
CA ASP A 58 -13.70 -26.61 0.19
C ASP A 58 -13.68 -28.09 0.55
N ARG A 59 -12.79 -28.88 -0.07
CA ARG A 59 -12.71 -30.30 0.27
C ARG A 59 -12.17 -30.50 1.68
N GLU A 60 -11.18 -29.69 2.08
CA GLU A 60 -10.64 -29.77 3.43
C GLU A 60 -11.72 -29.49 4.47
N LEU A 61 -12.59 -28.50 4.20
CA LEU A 61 -13.64 -28.12 5.12
C LEU A 61 -14.72 -29.19 5.26
N ALA A 62 -14.73 -30.21 4.41
CA ALA A 62 -15.77 -31.23 4.46
C ALA A 62 -15.20 -32.64 4.51
N SER A 63 -13.90 -32.80 4.72
CA SER A 63 -13.28 -34.12 4.81
C SER A 63 -12.36 -34.30 6.01
N LYS A 64 -11.94 -33.23 6.66
CA LYS A 64 -10.99 -33.33 7.77
C LYS A 64 -11.50 -32.53 8.96
N LYS A 65 -11.20 -33.03 10.16
CA LYS A 65 -11.60 -32.33 11.37
C LYS A 65 -10.77 -31.07 11.59
N ASN A 66 -9.57 -31.02 11.01
CA ASN A 66 -8.66 -29.87 11.14
C ASN A 66 -8.25 -29.43 9.75
N PRO A 67 -9.08 -28.63 9.08
CA PRO A 67 -8.74 -28.19 7.72
C PRO A 67 -7.48 -27.34 7.69
N LYS A 68 -6.56 -27.69 6.80
CA LYS A 68 -5.32 -26.98 6.63
C LYS A 68 -5.23 -26.41 5.22
N LEU A 69 -4.84 -25.14 5.11
CA LEU A 69 -4.70 -24.51 3.80
C LEU A 69 -3.52 -25.08 3.03
N ILE A 70 -2.49 -25.55 3.73
CA ILE A 70 -1.32 -26.10 3.06
C ILE A 70 -1.67 -27.37 2.30
N ASN A 71 -2.62 -28.15 2.81
CA ASN A 71 -3.02 -29.37 2.11
C ASN A 71 -3.71 -29.05 0.79
N ALA A 72 -4.50 -27.99 0.75
CA ALA A 72 -5.12 -27.58 -0.52
C ALA A 72 -4.08 -27.07 -1.50
N LEU A 73 -3.04 -26.39 -0.99
CA LEU A 73 -1.95 -25.92 -1.85
C LEU A 73 -1.15 -27.09 -2.41
N ARG A 74 -0.92 -28.13 -1.60
CA ARG A 74 -0.18 -29.29 -2.06
C ARG A 74 -0.91 -30.00 -3.19
N ARG A 75 -2.24 -30.12 -3.08
CA ARG A 75 -3.00 -30.84 -4.09
C ARG A 75 -3.01 -30.13 -5.44
N CYS A 76 -2.63 -28.86 -5.49
CA CYS A 76 -2.63 -28.09 -6.72
C CYS A 76 -1.26 -27.94 -7.36
N PHE A 77 -0.19 -27.88 -6.56
CA PHE A 77 1.12 -27.49 -7.09
C PHE A 77 2.26 -28.45 -6.78
N PHE A 78 2.04 -29.51 -5.99
CA PHE A 78 3.16 -30.30 -5.50
C PHE A 78 3.96 -30.94 -6.63
N TRP A 79 3.28 -31.58 -7.58
CA TRP A 79 3.99 -32.38 -8.58
C TRP A 79 4.81 -31.52 -9.52
N ARG A 80 4.35 -30.31 -9.84
CA ARG A 80 5.18 -29.39 -10.60
C ARG A 80 6.31 -28.83 -9.75
N PHE A 81 6.04 -28.58 -8.47
CA PHE A 81 7.07 -28.08 -7.56
C PHE A 81 8.22 -29.08 -7.43
N MET A 82 7.90 -30.35 -7.21
CA MET A 82 8.95 -31.36 -7.08
C MET A 82 9.58 -31.68 -8.44
N PHE A 83 8.85 -31.47 -9.54
CA PHE A 83 9.39 -31.74 -10.85
C PHE A 83 10.60 -30.85 -11.15
N TYR A 84 10.52 -29.57 -10.79
CA TYR A 84 11.65 -28.67 -11.00
C TYR A 84 12.74 -28.83 -9.95
N GLY A 85 12.42 -29.47 -8.82
CA GLY A 85 13.43 -29.67 -7.80
C GLY A 85 14.53 -30.62 -8.20
N ILE A 86 14.20 -31.65 -8.98
CA ILE A 86 15.22 -32.63 -9.37
C ILE A 86 16.18 -32.05 -10.39
N PHE A 87 15.71 -31.15 -11.28
CA PHE A 87 16.61 -30.53 -12.24
C PHE A 87 17.46 -29.45 -11.60
N LEU A 88 16.92 -28.74 -10.61
CA LEU A 88 17.74 -27.83 -9.83
C LEU A 88 18.83 -28.58 -9.08
N TYR A 89 18.49 -29.75 -8.54
CA TYR A 89 19.48 -30.56 -7.84
C TYR A 89 20.59 -31.01 -8.77
N LEU A 90 20.23 -31.44 -9.98
CA LEU A 90 21.24 -31.97 -10.90
C LEU A 90 22.21 -30.90 -11.35
N GLY A 91 21.76 -29.66 -11.48
CA GLY A 91 22.67 -28.57 -11.81
C GLY A 91 23.67 -28.29 -10.70
N GLU A 92 23.25 -28.46 -9.44
CA GLU A 92 24.17 -28.24 -8.34
C GLU A 92 25.17 -29.38 -8.17
N VAL A 93 24.76 -30.60 -8.50
CA VAL A 93 25.70 -31.72 -8.49
C VAL A 93 26.76 -31.50 -9.56
N THR A 94 26.35 -31.01 -10.73
CA THR A 94 27.30 -30.67 -11.79
C THR A 94 28.32 -29.64 -11.30
N LYS A 95 27.91 -28.77 -10.38
CA LYS A 95 28.81 -27.77 -9.83
C LYS A 95 29.78 -28.38 -8.82
N ALA A 96 29.34 -29.36 -8.04
CA ALA A 96 30.17 -29.91 -6.98
C ALA A 96 31.36 -30.70 -7.54
N VAL A 97 31.20 -31.32 -8.71
CA VAL A 97 32.25 -32.17 -9.27
C VAL A 97 33.19 -31.41 -10.21
N GLN A 98 32.98 -30.10 -10.38
CA GLN A 98 33.87 -29.32 -11.22
C GLN A 98 35.33 -29.33 -10.77
N PRO A 99 35.66 -29.20 -9.49
CA PRO A 99 37.08 -29.23 -9.09
C PRO A 99 37.80 -30.53 -9.44
N LEU A 100 37.07 -31.62 -9.64
CA LEU A 100 37.72 -32.86 -10.05
C LEU A 100 38.35 -32.73 -11.43
N LEU A 101 37.67 -32.05 -12.35
CA LEU A 101 38.16 -31.87 -13.71
C LEU A 101 39.07 -30.65 -13.82
N LEU A 102 38.64 -29.51 -13.29
CA LEU A 102 39.42 -28.29 -13.42
C LEU A 102 40.73 -28.37 -12.64
N GLY A 103 40.75 -29.11 -11.54
CA GLY A 103 41.98 -29.24 -10.77
C GLY A 103 43.09 -29.97 -11.50
N ARG A 104 42.72 -30.98 -12.30
CA ARG A 104 43.72 -31.72 -13.05
C ARG A 104 44.23 -30.95 -14.26
N ILE A 105 43.38 -30.12 -14.86
CA ILE A 105 43.82 -29.28 -15.98
C ILE A 105 44.84 -28.26 -15.50
N ILE A 106 44.61 -27.68 -14.33
CA ILE A 106 45.57 -26.73 -13.77
C ILE A 106 46.88 -27.43 -13.42
N ALA A 107 46.79 -28.67 -12.96
CA ALA A 107 48.00 -29.41 -12.60
C ALA A 107 48.81 -29.83 -13.82
N SER A 108 48.21 -29.85 -15.00
CA SER A 108 48.95 -30.27 -16.20
C SER A 108 49.99 -29.24 -16.63
N TYR A 109 49.95 -28.03 -16.09
CA TYR A 109 50.95 -27.03 -16.45
C TYR A 109 52.30 -27.35 -15.83
N ASP A 110 52.31 -28.10 -14.74
CA ASP A 110 53.55 -28.52 -14.11
C ASP A 110 54.16 -29.67 -14.90
N PRO A 111 55.39 -29.55 -15.40
CA PRO A 111 56.00 -30.66 -16.13
C PRO A 111 56.19 -31.90 -15.30
N ASP A 112 56.19 -31.81 -13.97
CA ASP A 112 56.34 -32.99 -13.14
C ASP A 112 55.13 -33.91 -13.23
N ASN A 113 53.93 -33.35 -13.40
CA ASN A 113 52.70 -34.14 -13.44
C ASN A 113 52.53 -34.71 -14.85
N LYS A 114 53.18 -35.85 -15.08
CA LYS A 114 53.08 -36.50 -16.38
C LYS A 114 51.74 -37.20 -16.57
N GLU A 115 51.08 -37.60 -15.47
CA GLU A 115 49.80 -38.29 -15.60
C GLU A 115 48.71 -37.34 -16.07
N GLU A 116 48.65 -36.12 -15.52
CA GLU A 116 47.63 -35.16 -15.94
C GLU A 116 47.83 -34.73 -17.38
N ARG A 117 49.08 -34.62 -17.82
CA ARG A 117 49.35 -34.18 -19.19
C ARG A 117 48.89 -35.21 -20.21
N SER A 118 48.96 -36.50 -19.85
CA SER A 118 48.66 -37.55 -20.82
C SER A 118 47.19 -37.55 -21.23
N ILE A 119 46.29 -37.08 -20.37
CA ILE A 119 44.87 -37.08 -20.64
C ILE A 119 44.28 -35.68 -20.61
N ALA A 120 45.12 -34.65 -20.70
CA ALA A 120 44.66 -33.28 -20.52
C ALA A 120 43.56 -32.90 -21.51
N ILE A 121 43.73 -33.30 -22.78
CA ILE A 121 42.76 -32.91 -23.80
C ILE A 121 41.40 -33.54 -23.54
N TYR A 122 41.38 -34.77 -23.03
CA TYR A 122 40.11 -35.42 -22.71
C TYR A 122 39.42 -34.74 -21.54
N LEU A 123 40.20 -34.25 -20.57
CA LEU A 123 39.62 -33.49 -19.47
C LEU A 123 39.00 -32.19 -19.96
N GLY A 124 39.58 -31.59 -21.00
CA GLY A 124 39.01 -30.37 -21.55
C GLY A 124 37.65 -30.61 -22.20
N ILE A 125 37.52 -31.71 -22.94
CA ILE A 125 36.24 -32.02 -23.57
C ILE A 125 35.17 -32.25 -22.52
N GLY A 126 35.50 -32.98 -21.46
CA GLY A 126 34.53 -33.22 -20.41
C GLY A 126 34.16 -31.97 -19.64
N LEU A 127 35.13 -31.08 -19.42
CA LEU A 127 34.85 -29.85 -18.69
C LEU A 127 33.91 -28.95 -19.48
N CYS A 128 34.11 -28.85 -20.79
CA CYS A 128 33.24 -28.02 -21.62
C CYS A 128 31.81 -28.52 -21.59
N LEU A 129 31.62 -29.84 -21.69
CA LEU A 129 30.27 -30.40 -21.60
C LEU A 129 29.66 -30.18 -20.23
N LEU A 130 30.50 -30.14 -19.19
CA LEU A 130 30.01 -29.87 -17.85
C LEU A 130 29.39 -28.48 -17.76
N PHE A 131 30.02 -27.48 -18.40
CA PHE A 131 29.49 -26.12 -18.37
C PHE A 131 28.18 -26.02 -19.13
N ILE A 132 28.07 -26.68 -20.29
CA ILE A 132 26.87 -26.58 -21.10
C ILE A 132 25.68 -27.19 -20.37
N VAL A 133 25.86 -28.35 -19.75
CA VAL A 133 24.76 -29.01 -19.05
C VAL A 133 24.27 -28.16 -17.89
N ARG A 134 25.20 -27.56 -17.14
CA ARG A 134 24.80 -26.77 -15.98
C ARG A 134 23.96 -25.56 -16.40
N THR A 135 24.30 -24.92 -17.52
CA THR A 135 23.55 -23.76 -17.98
C THR A 135 22.11 -24.14 -18.33
N LEU A 136 21.93 -25.26 -19.03
CA LEU A 136 20.60 -25.65 -19.48
C LEU A 136 19.73 -26.23 -18.36
N LEU A 137 20.33 -26.61 -17.24
CA LEU A 137 19.57 -27.21 -16.14
C LEU A 137 19.08 -26.17 -15.14
N LEU A 138 19.90 -25.16 -14.83
CA LEU A 138 19.56 -24.23 -13.76
C LEU A 138 18.47 -23.26 -14.17
N HIS A 139 18.69 -22.51 -15.24
CA HIS A 139 17.84 -21.37 -15.56
C HIS A 139 16.41 -21.74 -15.93
N PRO A 140 16.16 -22.76 -16.75
CA PRO A 140 14.76 -23.18 -16.95
C PRO A 140 14.10 -23.65 -15.66
N ALA A 141 14.84 -24.32 -14.79
CA ALA A 141 14.25 -24.82 -13.55
C ALA A 141 13.91 -23.69 -12.60
N ILE A 142 14.80 -22.70 -12.46
CA ILE A 142 14.56 -21.60 -11.53
C ILE A 142 13.37 -20.77 -11.99
N PHE A 143 13.26 -20.52 -13.30
CA PHE A 143 12.12 -19.76 -13.79
C PHE A 143 10.82 -20.54 -13.63
N GLY A 144 10.86 -21.86 -13.77
CA GLY A 144 9.66 -22.64 -13.53
C GLY A 144 9.17 -22.54 -12.09
N LEU A 145 10.11 -22.49 -11.15
CA LEU A 145 9.72 -22.31 -9.74
C LEU A 145 9.18 -20.92 -9.50
N HIS A 146 9.73 -19.91 -10.18
CA HIS A 146 9.20 -18.55 -10.06
C HIS A 146 7.77 -18.48 -10.55
N HIS A 147 7.45 -19.20 -11.62
CA HIS A 147 6.10 -19.18 -12.16
C HIS A 147 5.12 -19.88 -11.24
N ILE A 148 5.54 -20.96 -10.56
CA ILE A 148 4.66 -21.63 -9.62
C ILE A 148 4.35 -20.73 -8.44
N GLY A 149 5.35 -20.02 -7.92
CA GLY A 149 5.10 -19.11 -6.81
C GLY A 149 4.21 -17.94 -7.17
N MET A 150 4.32 -17.45 -8.40
CA MET A 150 3.44 -16.37 -8.85
C MET A 150 1.98 -16.83 -8.89
N GLN A 151 1.74 -18.04 -9.39
CA GLN A 151 0.38 -18.57 -9.45
C GLN A 151 -0.19 -18.80 -8.05
N MET A 152 0.66 -19.24 -7.11
CA MET A 152 0.20 -19.44 -5.74
C MET A 152 -0.24 -18.12 -5.10
N ARG A 153 0.51 -17.05 -5.36
CA ARG A 153 0.16 -15.76 -4.77
C ARG A 153 -1.17 -15.24 -5.30
N ILE A 154 -1.39 -15.37 -6.61
CA ILE A 154 -2.63 -14.85 -7.22
C ILE A 154 -3.84 -15.60 -6.69
N ALA A 155 -3.74 -16.93 -6.58
CA ALA A 155 -4.87 -17.71 -6.11
C ALA A 155 -5.23 -17.37 -4.67
N MET A 156 -4.23 -17.17 -3.81
CA MET A 156 -4.51 -16.85 -2.41
C MET A 156 -5.08 -15.44 -2.27
N PHE A 157 -4.63 -14.49 -3.10
CA PHE A 157 -5.12 -13.12 -3.00
C PHE A 157 -6.58 -13.00 -3.39
N SER A 158 -7.03 -13.81 -4.35
CA SER A 158 -8.43 -13.77 -4.74
C SER A 158 -9.34 -14.30 -3.63
N LEU A 159 -8.90 -15.36 -2.94
CA LEU A 159 -9.71 -15.88 -1.86
C LEU A 159 -9.82 -14.91 -0.70
N ILE A 160 -8.77 -14.11 -0.47
CA ILE A 160 -8.80 -13.12 0.60
C ILE A 160 -9.86 -12.07 0.31
N TYR A 161 -9.92 -11.59 -0.94
CA TYR A 161 -10.88 -10.55 -1.28
C TYR A 161 -12.31 -11.08 -1.26
N LYS A 162 -12.52 -12.31 -1.72
CA LYS A 162 -13.87 -12.89 -1.68
C LYS A 162 -14.33 -13.10 -0.25
N LYS A 163 -13.41 -13.42 0.65
CA LYS A 163 -13.77 -13.55 2.07
C LYS A 163 -14.07 -12.19 2.67
N THR A 164 -13.39 -11.14 2.22
CA THR A 164 -13.57 -9.81 2.80
C THR A 164 -14.99 -9.32 2.64
N LEU A 165 -15.61 -9.58 1.49
CA LEU A 165 -16.97 -9.16 1.24
C LEU A 165 -17.99 -9.93 2.08
N LYS A 166 -17.59 -11.02 2.72
CA LYS A 166 -18.48 -11.85 3.52
C LYS A 166 -18.34 -11.64 5.02
N LEU A 167 -17.33 -10.88 5.46
CA LEU A 167 -17.07 -10.73 6.88
C LEU A 167 -18.26 -10.13 7.61
N SER A 168 -18.54 -10.66 8.79
CA SER A 168 -19.59 -10.12 9.65
C SER A 168 -19.21 -8.74 10.16
N SER A 169 -20.22 -7.92 10.44
CA SER A 169 -19.98 -6.58 10.96
C SER A 169 -19.32 -6.61 12.34
N ARG A 170 -19.50 -7.70 13.08
CA ARG A 170 -18.96 -7.75 14.44
C ARG A 170 -17.45 -7.90 14.44
N VAL A 171 -16.88 -8.50 13.40
CA VAL A 171 -15.44 -8.64 13.29
C VAL A 171 -14.81 -7.54 12.45
N LEU A 172 -15.61 -6.66 11.85
CA LEU A 172 -15.06 -5.56 11.08
C LEU A 172 -14.35 -4.54 11.97
N ASP A 173 -14.72 -4.47 13.24
CA ASP A 173 -14.04 -3.55 14.16
C ASP A 173 -12.59 -3.94 14.36
N LYS A 174 -12.28 -5.23 14.34
CA LYS A 174 -10.95 -5.72 14.63
C LYS A 174 -10.06 -5.83 13.39
N ILE A 175 -10.58 -5.50 12.21
CA ILE A 175 -9.84 -5.63 10.96
C ILE A 175 -9.73 -4.23 10.35
N SER A 176 -8.55 -3.65 10.41
CA SER A 176 -8.30 -2.33 9.85
C SER A 176 -7.81 -2.42 8.40
N ILE A 177 -7.85 -1.29 7.71
CA ILE A 177 -7.34 -1.22 6.35
C ILE A 177 -5.84 -1.46 6.32
N GLY A 178 -5.12 -0.98 7.35
CA GLY A 178 -3.69 -1.17 7.39
C GLY A 178 -3.27 -2.63 7.51
N GLN A 179 -4.08 -3.44 8.20
CA GLN A 179 -3.76 -4.86 8.32
C GLN A 179 -3.85 -5.58 6.97
N LEU A 180 -4.88 -5.27 6.18
CA LEU A 180 -5.04 -5.92 4.89
C LEU A 180 -3.98 -5.47 3.90
N VAL A 181 -3.64 -4.19 3.91
CA VAL A 181 -2.61 -3.69 3.00
C VAL A 181 -1.24 -4.25 3.38
N SER A 182 -0.97 -4.38 4.67
CA SER A 182 0.29 -4.97 5.10
C SER A 182 0.42 -6.42 4.64
N LEU A 183 -0.67 -7.18 4.75
CA LEU A 183 -0.64 -8.58 4.34
C LEU A 183 -0.35 -8.71 2.85
N LEU A 184 -0.97 -7.87 2.03
CA LEU A 184 -0.76 -7.96 0.58
C LEU A 184 0.62 -7.46 0.19
N SER A 185 1.03 -6.31 0.72
CA SER A 185 2.27 -5.69 0.28
C SER A 185 3.49 -6.52 0.65
N ASN A 186 3.47 -7.19 1.80
CA ASN A 186 4.64 -7.92 2.27
C ASN A 186 4.95 -9.11 1.38
N ASN A 187 3.94 -9.74 0.77
CA ASN A 187 4.12 -10.93 -0.02
C ASN A 187 4.02 -10.67 -1.52
N LEU A 188 4.03 -9.40 -1.94
CA LEU A 188 3.76 -9.09 -3.33
C LEU A 188 4.91 -9.51 -4.25
N ASN A 189 6.15 -9.42 -3.77
CA ASN A 189 7.28 -9.83 -4.59
C ASN A 189 8.12 -10.88 -3.86
N LYS A 190 8.08 -10.83 -2.52
CA LYS A 190 8.86 -11.77 -1.73
C LYS A 190 8.42 -13.21 -1.96
N PHE A 191 7.11 -13.44 -1.98
CA PHE A 191 6.61 -14.81 -2.03
C PHE A 191 7.00 -15.51 -3.33
N ASP A 192 6.90 -14.80 -4.46
CA ASP A 192 7.15 -15.43 -5.75
C ASP A 192 8.61 -15.89 -5.87
N GLU A 193 9.55 -15.06 -5.44
CA GLU A 193 10.96 -15.40 -5.52
C GLU A 193 11.39 -16.44 -4.50
N GLY A 194 10.56 -16.70 -3.48
CA GLY A 194 10.94 -17.64 -2.44
C GLY A 194 11.00 -19.08 -2.91
N LEU A 195 10.13 -19.46 -3.85
CA LEU A 195 10.06 -20.87 -4.25
C LEU A 195 11.33 -21.36 -4.92
N ALA A 196 12.16 -20.46 -5.45
CA ALA A 196 13.44 -20.88 -6.01
C ALA A 196 14.42 -21.31 -4.92
N LEU A 197 14.22 -20.86 -3.69
CA LEU A 197 15.11 -21.17 -2.59
C LEU A 197 14.65 -22.35 -1.75
N ALA A 198 13.37 -22.72 -1.84
CA ALA A 198 12.80 -23.69 -0.90
C ALA A 198 13.44 -25.07 -1.01
N HIS A 199 13.83 -25.48 -2.22
CA HIS A 199 14.31 -26.84 -2.42
C HIS A 199 15.66 -27.10 -1.76
N PHE A 200 16.42 -26.06 -1.44
CA PHE A 200 17.74 -26.24 -0.84
C PHE A 200 17.69 -26.72 0.60
N VAL A 201 16.50 -26.81 1.19
CA VAL A 201 16.38 -27.36 2.54
C VAL A 201 16.76 -28.83 2.54
N TRP A 202 16.64 -29.52 1.40
CA TRP A 202 17.12 -30.89 1.27
C TRP A 202 18.24 -31.06 0.27
N ILE A 203 18.41 -30.14 -0.68
CA ILE A 203 19.51 -30.24 -1.63
C ILE A 203 20.85 -30.01 -0.95
N ALA A 204 20.92 -28.98 -0.10
CA ALA A 204 22.16 -28.58 0.54
C ALA A 204 22.73 -29.68 1.44
N PRO A 205 21.92 -30.35 2.28
CA PRO A 205 22.48 -31.49 3.03
C PRO A 205 23.06 -32.58 2.15
N LEU A 206 22.43 -32.86 1.01
CA LEU A 206 22.96 -33.87 0.11
C LEU A 206 24.24 -33.40 -0.57
N GLN A 207 24.39 -32.10 -0.80
CA GLN A 207 25.64 -31.56 -1.32
C GLN A 207 26.75 -31.68 -0.30
N VAL A 208 26.44 -31.47 0.97
CA VAL A 208 27.45 -31.58 2.03
C VAL A 208 27.97 -33.00 2.14
N ALA A 209 27.07 -33.99 2.06
CA ALA A 209 27.48 -35.37 2.12
C ALA A 209 28.37 -35.74 0.94
N LEU A 210 28.00 -35.28 -0.26
CA LEU A 210 28.81 -35.57 -1.44
C LEU A 210 30.20 -34.94 -1.34
N LEU A 211 30.26 -33.66 -0.97
CA LEU A 211 31.52 -32.95 -0.96
C LEU A 211 32.45 -33.44 0.15
N MET A 212 31.89 -33.86 1.28
CA MET A 212 32.73 -34.31 2.39
C MET A 212 33.46 -35.60 2.04
N GLY A 213 32.89 -36.42 1.15
CA GLY A 213 33.59 -37.61 0.71
C GLY A 213 34.71 -37.32 -0.27
N LEU A 214 34.58 -36.24 -1.05
CA LEU A 214 35.65 -35.83 -1.95
C LEU A 214 36.80 -35.20 -1.18
N ILE A 215 36.49 -34.43 -0.14
CA ILE A 215 37.52 -33.87 0.72
C ILE A 215 38.17 -34.96 1.55
N TRP A 216 37.43 -36.03 1.86
CA TRP A 216 38.01 -37.15 2.60
C TRP A 216 39.14 -37.80 1.82
N GLU A 217 39.02 -37.86 0.49
CA GLU A 217 40.06 -38.46 -0.32
C GLU A 217 41.39 -37.76 -0.14
N LEU A 218 41.38 -36.43 -0.05
CA LEU A 218 42.61 -35.67 0.15
C LEU A 218 43.10 -35.80 1.59
N LEU A 219 42.29 -35.37 2.55
CA LEU A 219 42.65 -35.36 3.96
C LEU A 219 41.75 -36.36 4.69
N GLN A 220 42.34 -37.46 5.15
CA GLN A 220 41.55 -38.58 5.64
C GLN A 220 40.71 -38.23 6.87
N ALA A 221 41.37 -37.95 7.99
CA ALA A 221 40.66 -37.58 9.22
C ALA A 221 40.75 -36.10 9.52
N SER A 222 41.72 -35.40 8.92
CA SER A 222 41.85 -33.96 9.13
C SER A 222 40.70 -33.18 8.51
N ALA A 223 39.94 -33.80 7.61
CA ALA A 223 38.82 -33.10 6.97
C ALA A 223 37.75 -32.72 7.98
N PHE A 224 37.47 -33.60 8.94
CA PHE A 224 36.38 -33.37 9.88
C PHE A 224 36.66 -32.20 10.82
N CYS A 225 37.92 -31.79 10.97
CA CYS A 225 38.20 -30.61 11.77
C CYS A 225 37.60 -29.36 11.15
N GLY A 226 37.57 -29.29 9.82
CA GLY A 226 36.93 -28.17 9.16
C GLY A 226 35.41 -28.24 9.18
N LEU A 227 34.85 -29.44 9.23
CA LEU A 227 33.40 -29.57 9.26
C LEU A 227 32.83 -29.10 10.60
N GLY A 228 33.54 -29.36 11.69
CA GLY A 228 33.05 -28.93 12.99
C GLY A 228 32.93 -27.43 13.11
N PHE A 229 33.79 -26.70 12.40
CA PHE A 229 33.66 -25.24 12.35
C PHE A 229 32.36 -24.84 11.65
N LEU A 230 32.01 -25.53 10.57
CA LEU A 230 30.79 -25.20 9.84
C LEU A 230 29.54 -25.54 10.64
N ILE A 231 29.61 -26.56 11.50
CA ILE A 231 28.47 -26.87 12.37
C ILE A 231 28.27 -25.77 13.40
N VAL A 232 29.35 -25.19 13.91
CA VAL A 232 29.24 -24.08 14.84
C VAL A 232 28.60 -22.87 14.16
N LEU A 233 29.00 -22.58 12.92
CA LEU A 233 28.37 -21.50 12.18
C LEU A 233 26.90 -21.78 11.91
N ALA A 234 26.56 -23.05 11.63
CA ALA A 234 25.18 -23.39 11.36
C ALA A 234 24.30 -23.15 12.59
N LEU A 235 24.79 -23.49 13.77
CA LEU A 235 24.02 -23.23 14.99
C LEU A 235 23.98 -21.74 15.29
N PHE A 236 25.06 -21.02 15.00
CA PHE A 236 25.07 -19.58 15.20
C PHE A 236 24.06 -18.88 14.29
N GLN A 237 24.03 -19.25 13.01
CA GLN A 237 23.08 -18.63 12.10
C GLN A 237 21.64 -19.02 12.41
N ALA A 238 21.43 -20.20 12.98
CA ALA A 238 20.08 -20.58 13.39
C ALA A 238 19.58 -19.69 14.52
N GLY A 239 20.45 -19.33 15.45
CA GLY A 239 20.05 -18.42 16.52
C GLY A 239 19.82 -17.01 16.02
N LEU A 240 20.57 -16.60 14.99
CA LEU A 240 20.36 -15.27 14.42
C LEU A 240 19.00 -15.15 13.77
N GLY A 241 18.56 -16.20 13.08
CA GLY A 241 17.26 -16.15 12.42
C GLY A 241 16.12 -16.03 13.40
N ARG A 242 16.25 -16.65 14.57
CA ARG A 242 15.18 -16.59 15.56
C ARG A 242 15.09 -15.21 16.20
N MET A 243 16.22 -14.54 16.41
CA MET A 243 16.19 -13.18 16.93
C MET A 243 15.59 -12.22 15.91
N MET A 244 15.90 -12.40 14.63
CA MET A 244 15.37 -11.52 13.60
C MET A 244 13.86 -11.62 13.52
N MET A 245 13.32 -12.84 13.62
CA MET A 245 11.87 -13.02 13.59
C MET A 245 11.21 -12.35 14.78
N LYS A 246 11.84 -12.42 15.96
CA LYS A 246 11.26 -11.79 17.15
C LYS A 246 11.12 -10.28 16.97
N TYR A 247 12.16 -9.62 16.47
CA TYR A 247 12.08 -8.18 16.24
C TYR A 247 11.04 -7.84 15.18
N ARG A 248 10.97 -8.64 14.12
CA ARG A 248 10.04 -8.35 13.03
C ARG A 248 8.59 -8.47 13.49
N ASP A 249 8.29 -9.48 14.31
CA ASP A 249 6.92 -9.66 14.78
C ASP A 249 6.48 -8.53 15.69
N GLN A 250 7.39 -8.05 16.56
CA GLN A 250 7.04 -6.94 17.44
C GLN A 250 6.81 -5.67 16.66
N ARG A 251 7.52 -5.48 15.55
CA ARG A 251 7.40 -4.26 14.75
C ARG A 251 6.12 -4.23 13.93
N ALA A 252 5.54 -5.39 13.62
CA ALA A 252 4.42 -5.45 12.69
C ALA A 252 3.23 -4.63 13.16
N GLY A 253 2.97 -4.60 14.47
CA GLY A 253 1.80 -3.90 14.97
C GLY A 253 1.85 -2.41 14.74
N LYS A 254 3.05 -1.82 14.87
CA LYS A 254 3.18 -0.37 14.70
C LYS A 254 3.08 0.05 13.24
N ILE A 255 3.48 -0.82 12.31
CA ILE A 255 3.38 -0.49 10.89
C ILE A 255 1.92 -0.37 10.48
N SER A 256 1.08 -1.31 10.91
CA SER A 256 -0.34 -1.25 10.60
C SER A 256 -0.99 -0.02 11.22
N GLU A 257 -0.57 0.34 12.43
CA GLU A 257 -1.11 1.52 13.09
C GLU A 257 -0.72 2.80 12.37
N ARG A 258 0.46 2.85 11.77
CA ARG A 258 0.89 4.04 11.04
C ARG A 258 0.10 4.20 9.74
N LEU A 259 -0.15 3.09 9.03
CA LEU A 259 -0.79 3.19 7.72
C LEU A 259 -2.21 3.73 7.81
N VAL A 260 -2.96 3.33 8.84
CA VAL A 260 -4.34 3.79 8.97
C VAL A 260 -4.38 5.29 9.26
N ILE A 261 -3.49 5.77 10.13
CA ILE A 261 -3.46 7.20 10.45
C ILE A 261 -3.00 8.02 9.25
N THR A 262 -2.03 7.50 8.49
CA THR A 262 -1.56 8.20 7.31
C THR A 262 -2.67 8.31 6.26
N SER A 263 -3.45 7.26 6.09
CA SER A 263 -4.54 7.29 5.12
C SER A 263 -5.62 8.29 5.52
N GLU A 264 -5.95 8.36 6.81
CA GLU A 264 -7.03 9.23 7.26
C GLU A 264 -6.71 10.70 6.98
N MET A 265 -5.49 11.13 7.30
CA MET A 265 -5.17 12.55 7.19
C MET A 265 -5.10 13.01 5.74
N ILE A 266 -4.70 12.14 4.83
CA ILE A 266 -4.59 12.53 3.43
C ILE A 266 -5.96 12.50 2.75
N GLU A 267 -6.86 11.63 3.20
CA GLU A 267 -8.23 11.68 2.72
C GLU A 267 -8.92 12.99 3.12
N ASN A 268 -8.68 13.45 4.34
CA ASN A 268 -9.25 14.68 4.86
C ASN A 268 -8.24 15.83 4.83
N ILE A 269 -7.44 15.92 3.76
CA ILE A 269 -6.37 16.90 3.70
C ILE A 269 -6.91 18.32 3.74
N GLN A 270 -8.09 18.55 3.16
CA GLN A 270 -8.65 19.90 3.14
C GLN A 270 -8.99 20.37 4.56
N SER A 271 -9.53 19.48 5.39
CA SER A 271 -9.81 19.84 6.78
C SER A 271 -8.51 20.05 7.56
N VAL A 272 -7.47 19.28 7.23
CA VAL A 272 -6.18 19.45 7.90
C VAL A 272 -5.59 20.82 7.63
N LYS A 273 -5.67 21.28 6.38
CA LYS A 273 -5.16 22.62 6.04
C LYS A 273 -5.97 23.71 6.71
N ALA A 274 -7.30 23.59 6.71
CA ALA A 274 -8.14 24.63 7.28
C ALA A 274 -7.91 24.78 8.77
N TYR A 275 -7.71 23.66 9.47
CA TYR A 275 -7.39 23.69 10.89
C TYR A 275 -5.96 24.12 11.16
N CYS A 276 -5.08 24.04 10.16
CA CYS A 276 -3.64 24.22 10.32
C CYS A 276 -3.08 23.17 11.28
N TRP A 277 -3.30 21.91 10.93
CA TRP A 277 -2.88 20.77 11.73
C TRP A 277 -1.70 20.04 11.13
N GLU A 278 -1.02 20.62 10.14
CA GLU A 278 0.09 19.92 9.49
C GLU A 278 1.19 19.60 10.50
N GLU A 279 1.54 20.57 11.35
CA GLU A 279 2.61 20.35 12.32
C GLU A 279 2.25 19.25 13.31
N ALA A 280 1.00 19.24 13.79
CA ALA A 280 0.59 18.23 14.76
C ALA A 280 0.59 16.84 14.14
N MET A 281 0.16 16.73 12.89
CA MET A 281 0.13 15.42 12.24
C MET A 281 1.53 14.91 11.92
N GLU A 282 2.45 15.80 11.56
CA GLU A 282 3.82 15.37 11.29
C GLU A 282 4.47 14.81 12.54
N LYS A 283 4.28 15.50 13.68
CA LYS A 283 4.85 15.03 14.93
C LYS A 283 4.20 13.72 15.39
N MET A 284 2.91 13.57 15.10
CA MET A 284 2.21 12.34 15.46
C MET A 284 2.79 11.13 14.73
N ILE A 285 2.99 11.26 13.43
CA ILE A 285 3.58 10.17 12.65
C ILE A 285 5.04 9.97 13.02
N GLU A 286 5.75 11.05 13.35
CA GLU A 286 7.17 10.95 13.67
C GLU A 286 7.40 10.05 14.88
N ASN A 287 6.54 10.16 15.89
CA ASN A 287 6.68 9.32 17.07
C ASN A 287 6.37 7.85 16.77
N LEU A 288 5.48 7.59 15.82
CA LEU A 288 5.22 6.21 15.41
C LEU A 288 6.42 5.63 14.66
N ARG A 289 7.06 6.44 13.82
CA ARG A 289 8.24 5.98 13.09
C ARG A 289 9.39 5.70 14.04
N GLN A 290 9.55 6.53 15.08
CA GLN A 290 10.68 6.37 15.99
C GLN A 290 10.64 5.02 16.70
N THR A 291 9.46 4.59 17.15
CA THR A 291 9.36 3.35 17.90
C THR A 291 9.63 2.14 17.03
N GLU A 292 9.19 2.17 15.77
CA GLU A 292 9.40 1.02 14.89
C GLU A 292 10.79 1.01 14.25
N LEU A 293 11.42 2.17 14.13
CA LEU A 293 12.78 2.22 13.58
C LEU A 293 13.81 1.64 14.54
N LYS A 294 13.53 1.62 15.84
CA LYS A 294 14.43 0.96 16.77
C LYS A 294 14.48 -0.54 16.50
N LEU A 295 13.34 -1.17 16.24
CA LEU A 295 13.31 -2.59 15.95
C LEU A 295 13.87 -2.89 14.57
N THR A 296 13.82 -1.92 13.66
CA THR A 296 14.44 -2.08 12.34
C THR A 296 15.95 -2.17 12.46
N ARG A 297 16.56 -1.33 13.29
CA ARG A 297 18.00 -1.35 13.46
C ARG A 297 18.48 -2.63 14.13
N LYS A 298 17.76 -3.09 15.16
CA LYS A 298 18.17 -4.31 15.85
C LYS A 298 18.09 -5.51 14.92
N ALA A 299 17.09 -5.56 14.05
CA ALA A 299 17.02 -6.63 13.05
C ALA A 299 18.15 -6.50 12.04
N ALA A 300 18.49 -5.27 11.66
CA ALA A 300 19.53 -5.06 10.65
C ALA A 300 20.92 -5.45 11.16
N TYR A 301 21.18 -5.25 12.46
CA TYR A 301 22.46 -5.67 13.01
C TYR A 301 22.60 -7.19 13.00
N VAL A 302 21.52 -7.90 13.36
CA VAL A 302 21.55 -9.36 13.35
C VAL A 302 21.75 -9.88 11.93
N ARG A 303 21.09 -9.26 10.95
CA ARG A 303 21.21 -9.70 9.58
C ARG A 303 22.59 -9.44 8.99
N TYR A 304 23.36 -8.49 9.55
CA TYR A 304 24.72 -8.30 9.10
C TYR A 304 25.57 -9.53 9.42
N PHE A 305 25.51 -10.00 10.67
CA PHE A 305 26.30 -11.16 11.06
C PHE A 305 25.86 -12.41 10.31
N ASN A 306 24.59 -12.48 9.93
CA ASN A 306 24.11 -13.61 9.15
C ASN A 306 24.73 -13.63 7.76
N SER A 307 24.85 -12.46 7.12
CA SER A 307 25.35 -12.38 5.76
C SER A 307 26.87 -12.25 5.68
N SER A 308 27.54 -11.98 6.79
CA SER A 308 29.00 -11.91 6.79
C SER A 308 29.65 -13.25 7.12
N ALA A 309 28.86 -14.23 7.55
CA ALA A 309 29.44 -15.52 7.94
C ALA A 309 30.14 -16.19 6.77
N PHE A 310 29.60 -16.03 5.56
CA PHE A 310 30.19 -16.67 4.39
C PHE A 310 31.61 -16.17 4.13
N PHE A 311 31.78 -14.85 4.08
CA PHE A 311 33.07 -14.27 3.70
C PHE A 311 34.14 -14.55 4.76
N PHE A 312 33.77 -14.50 6.03
CA PHE A 312 34.76 -14.70 7.09
C PHE A 312 35.12 -16.16 7.31
N SER A 313 34.33 -17.10 6.79
CA SER A 313 34.65 -18.52 6.95
C SER A 313 35.60 -19.04 5.88
N GLY A 314 35.97 -18.24 4.90
CA GLY A 314 36.77 -18.75 3.79
C GLY A 314 38.13 -19.26 4.22
N PHE A 315 38.80 -18.54 5.12
CA PHE A 315 40.14 -18.93 5.53
C PHE A 315 40.11 -20.02 6.60
N PHE A 316 39.26 -19.87 7.60
CA PHE A 316 39.33 -20.72 8.78
C PHE A 316 38.93 -22.16 8.47
N VAL A 317 37.99 -22.37 7.57
CA VAL A 317 37.56 -23.74 7.26
C VAL A 317 38.68 -24.50 6.57
N VAL A 318 39.44 -23.83 5.71
CA VAL A 318 40.56 -24.48 5.04
C VAL A 318 41.74 -24.65 6.01
N PHE A 319 42.04 -23.61 6.78
CA PHE A 319 43.17 -23.66 7.69
C PHE A 319 43.00 -24.74 8.75
N LEU A 320 41.79 -24.86 9.31
CA LEU A 320 41.56 -25.85 10.35
C LEU A 320 41.69 -27.28 9.83
N SER A 321 41.46 -27.50 8.54
CA SER A 321 41.55 -28.84 7.97
C SER A 321 42.89 -29.13 7.33
N VAL A 322 43.66 -28.10 6.97
CA VAL A 322 44.98 -28.30 6.37
C VAL A 322 46.06 -28.41 7.43
N LEU A 323 45.92 -27.66 8.52
CA LEU A 323 46.96 -27.64 9.55
C LEU A 323 47.24 -29.00 10.18
N PRO A 324 46.26 -29.79 10.63
CA PRO A 324 46.60 -31.09 11.22
C PRO A 324 47.28 -32.04 10.25
N TYR A 325 46.91 -31.99 8.97
CA TYR A 325 47.57 -32.80 7.95
C TYR A 325 49.01 -32.36 7.73
N ALA A 326 49.22 -31.05 7.58
CA ALA A 326 50.56 -30.54 7.30
C ALA A 326 51.53 -30.82 8.43
N LEU A 327 51.06 -30.85 9.68
CA LEU A 327 51.96 -31.05 10.81
C LEU A 327 52.40 -32.51 10.92
N ILE A 328 51.58 -33.45 10.47
CA ILE A 328 51.95 -34.86 10.52
C ILE A 328 52.78 -35.25 9.30
N LYS A 329 52.44 -34.71 8.13
CA LYS A 329 53.15 -35.02 6.91
C LYS A 329 53.14 -33.78 6.01
N GLY A 330 54.18 -33.65 5.19
CA GLY A 330 54.28 -32.49 4.33
C GLY A 330 53.14 -32.46 3.33
N ILE A 331 52.70 -31.26 2.99
CA ILE A 331 51.62 -31.05 2.03
C ILE A 331 52.13 -30.20 0.88
N ILE A 332 51.73 -30.54 -0.34
CA ILE A 332 52.12 -29.81 -1.52
C ILE A 332 51.13 -28.68 -1.78
N LEU A 333 51.58 -27.66 -2.52
CA LEU A 333 50.69 -26.56 -2.86
C LEU A 333 49.51 -27.02 -3.70
N ARG A 334 49.72 -28.01 -4.57
CA ARG A 334 48.63 -28.51 -5.40
C ARG A 334 47.48 -29.05 -4.56
N LYS A 335 47.80 -29.76 -3.48
CA LYS A 335 46.78 -30.30 -2.60
C LYS A 335 46.08 -29.22 -1.79
N ILE A 336 46.80 -28.15 -1.43
CA ILE A 336 46.18 -27.05 -0.71
C ILE A 336 45.13 -26.37 -1.57
N PHE A 337 45.49 -26.09 -2.83
CA PHE A 337 44.56 -25.40 -3.73
C PHE A 337 43.32 -26.25 -4.00
N THR A 338 43.49 -27.56 -4.14
CA THR A 338 42.35 -28.43 -4.39
C THR A 338 41.40 -28.44 -3.22
N THR A 339 41.91 -28.37 -1.99
CA THR A 339 41.05 -28.26 -0.82
C THR A 339 40.25 -26.96 -0.85
N ILE A 340 40.89 -25.87 -1.27
CA ILE A 340 40.19 -24.57 -1.34
C ILE A 340 39.04 -24.63 -2.32
N SER A 341 39.25 -25.28 -3.47
CA SER A 341 38.21 -25.33 -4.50
C SER A 341 36.96 -26.05 -3.99
N PHE A 342 37.13 -27.17 -3.28
CA PHE A 342 35.98 -27.87 -2.73
C PHE A 342 35.33 -27.07 -1.60
N CYS A 343 36.14 -26.41 -0.77
CA CYS A 343 35.59 -25.70 0.38
C CYS A 343 34.78 -24.48 -0.05
N ILE A 344 35.09 -23.90 -1.21
CA ILE A 344 34.30 -22.78 -1.72
C ILE A 344 32.86 -23.20 -1.93
N VAL A 345 32.66 -24.36 -2.56
CA VAL A 345 31.31 -24.87 -2.76
C VAL A 345 30.69 -25.31 -1.43
N LEU A 346 31.51 -25.87 -0.55
CA LEU A 346 31.00 -26.33 0.75
C LEU A 346 30.50 -25.16 1.59
N ARG A 347 31.23 -24.04 1.59
CA ARG A 347 30.81 -22.88 2.37
C ARG A 347 29.52 -22.29 1.83
N MET A 348 29.34 -22.30 0.51
CA MET A 348 28.13 -21.74 -0.08
C MET A 348 26.90 -22.52 0.37
N ALA A 349 27.00 -23.85 0.40
CA ALA A 349 25.86 -24.68 0.79
C ALA A 349 25.50 -24.44 2.26
N VAL A 350 26.49 -24.40 3.14
CA VAL A 350 26.22 -24.40 4.57
C VAL A 350 25.79 -23.02 5.06
N THR A 351 26.49 -21.97 4.63
CA THR A 351 26.29 -20.66 5.19
C THR A 351 25.45 -19.73 4.31
N ARG A 352 25.13 -20.13 3.08
CA ARG A 352 24.35 -19.24 2.22
C ARG A 352 23.04 -19.86 1.77
N GLN A 353 23.10 -21.09 1.26
CA GLN A 353 21.92 -21.68 0.63
C GLN A 353 20.97 -22.29 1.65
N PHE A 354 21.50 -23.12 2.56
CA PHE A 354 20.64 -23.76 3.54
C PHE A 354 19.93 -22.78 4.48
N PRO A 355 20.62 -21.85 5.15
CA PRO A 355 19.89 -20.94 6.05
C PRO A 355 18.88 -20.05 5.33
N TRP A 356 19.14 -19.69 4.07
CA TRP A 356 18.16 -18.91 3.31
C TRP A 356 16.93 -19.75 3.01
N ALA A 357 17.12 -21.04 2.71
CA ALA A 357 15.98 -21.92 2.49
C ALA A 357 15.15 -22.07 3.76
N VAL A 358 15.82 -22.24 4.90
CA VAL A 358 15.11 -22.41 6.17
C VAL A 358 14.28 -21.17 6.49
N GLN A 359 14.87 -19.99 6.31
CA GLN A 359 14.15 -18.75 6.58
C GLN A 359 12.97 -18.56 5.63
N THR A 360 13.10 -19.01 4.38
CA THR A 360 12.00 -18.91 3.42
C THR A 360 10.79 -19.71 3.88
N TRP A 361 11.02 -20.92 4.40
CA TRP A 361 9.91 -21.73 4.89
C TRP A 361 9.22 -21.06 6.08
N TYR A 362 9.99 -20.41 6.94
CA TYR A 362 9.40 -19.67 8.05
C TYR A 362 8.52 -18.53 7.55
N ASP A 363 8.98 -17.82 6.52
CA ASP A 363 8.21 -16.69 6.00
C ASP A 363 6.94 -17.17 5.28
N SER A 364 7.07 -18.19 4.45
CA SER A 364 5.92 -18.66 3.68
C SER A 364 4.86 -19.28 4.57
N LEU A 365 5.27 -20.18 5.46
CA LEU A 365 4.31 -20.83 6.35
C LEU A 365 3.72 -19.85 7.35
N GLY A 366 4.47 -18.80 7.71
CA GLY A 366 3.91 -17.77 8.56
C GLY A 366 2.80 -17.00 7.86
N ALA A 367 2.96 -16.74 6.57
CA ALA A 367 1.93 -16.05 5.82
C ALA A 367 0.73 -16.96 5.51
N ILE A 368 1.00 -18.24 5.24
CA ILE A 368 -0.09 -19.17 4.92
C ILE A 368 -1.00 -19.35 6.13
N ASN A 369 -0.43 -19.51 7.32
CA ASN A 369 -1.24 -19.66 8.52
C ASN A 369 -2.00 -18.38 8.84
N LYS A 370 -1.40 -17.22 8.56
CA LYS A 370 -2.09 -15.96 8.79
C LYS A 370 -3.30 -15.81 7.87
N ILE A 371 -3.16 -16.22 6.61
CA ILE A 371 -4.28 -16.19 5.68
C ILE A 371 -5.33 -17.23 6.07
N GLN A 372 -4.87 -18.40 6.55
CA GLN A 372 -5.81 -19.45 6.93
C GLN A 372 -6.72 -19.00 8.06
N ASP A 373 -6.18 -18.27 9.04
CA ASP A 373 -7.01 -17.75 10.12
C ASP A 373 -8.03 -16.75 9.59
N PHE A 374 -7.62 -15.90 8.65
CA PHE A 374 -8.54 -14.92 8.09
C PHE A 374 -9.71 -15.59 7.36
N LEU A 375 -9.44 -16.69 6.67
CA LEU A 375 -10.48 -17.37 5.91
C LEU A 375 -11.50 -18.06 6.80
N GLN A 376 -11.22 -18.23 8.09
CA GLN A 376 -12.13 -18.91 9.01
C GLN A 376 -12.84 -17.94 9.93
N LYS A 377 -12.77 -16.64 9.68
CA LYS A 377 -13.42 -15.66 10.54
C LYS A 377 -14.94 -15.73 10.38
N GLN A 378 -15.63 -15.12 11.34
CA GLN A 378 -17.09 -15.11 11.35
C GLN A 378 -17.64 -14.45 10.09
N GLU A 379 -18.69 -15.05 9.53
CA GLU A 379 -19.28 -14.61 8.27
C GLU A 379 -20.64 -13.97 8.49
N TYR A 380 -20.95 -12.98 7.66
CA TYR A 380 -22.25 -12.32 7.67
C TYR A 380 -23.35 -13.31 7.31
N LYS A 381 -24.37 -13.40 8.17
CA LYS A 381 -25.46 -14.35 8.00
C LYS A 381 -26.62 -13.64 7.30
N THR A 382 -26.80 -13.92 6.00
CA THR A 382 -27.90 -13.35 5.22
C THR A 382 -29.14 -14.22 5.41
N LEU A 383 -30.14 -13.69 6.11
CA LEU A 383 -31.40 -14.41 6.33
C LEU A 383 -32.46 -13.97 5.32
N GLU A 384 -32.15 -14.19 4.05
CA GLU A 384 -33.09 -13.84 2.98
C GLU A 384 -34.26 -14.80 2.95
N TYR A 385 -35.39 -14.31 2.44
CA TYR A 385 -36.60 -15.10 2.32
C TYR A 385 -37.18 -14.97 0.92
N ASN A 386 -37.83 -16.03 0.45
CA ASN A 386 -38.45 -16.00 -0.88
C ASN A 386 -39.74 -15.18 -0.89
N LEU A 387 -40.53 -15.27 0.18
CA LEU A 387 -41.83 -14.60 0.21
C LEU A 387 -42.23 -14.39 1.66
N THR A 388 -43.27 -13.57 1.85
CA THR A 388 -43.78 -13.28 3.18
C THR A 388 -45.27 -12.96 3.06
N THR A 389 -45.85 -12.45 4.13
CA THR A 389 -47.24 -12.00 4.14
C THR A 389 -47.43 -10.64 3.51
N THR A 390 -46.44 -10.15 2.75
CA THR A 390 -46.40 -8.82 2.16
C THR A 390 -46.38 -7.70 3.18
N GLU A 391 -46.02 -8.02 4.43
CA GLU A 391 -45.89 -7.00 5.48
C GLU A 391 -44.65 -7.29 6.31
N VAL A 392 -44.15 -6.25 6.96
CA VAL A 392 -42.98 -6.35 7.84
C VAL A 392 -43.44 -6.11 9.27
N VAL A 393 -43.04 -7.00 10.18
CA VAL A 393 -43.47 -6.97 11.57
C VAL A 393 -42.25 -7.17 12.47
N MET A 394 -42.20 -6.42 13.57
CA MET A 394 -41.12 -6.46 14.54
C MET A 394 -41.73 -6.69 15.92
N GLU A 395 -41.13 -7.58 16.70
CA GLU A 395 -41.72 -8.04 17.96
C GLU A 395 -40.70 -8.01 19.09
N ASN A 396 -40.74 -6.96 19.90
CA ASN A 396 -39.95 -6.81 21.12
C ASN A 396 -38.46 -7.15 20.89
N VAL A 397 -37.86 -6.37 20.00
CA VAL A 397 -36.44 -6.54 19.68
C VAL A 397 -35.59 -5.78 20.67
N THR A 398 -34.57 -6.44 21.20
CA THR A 398 -33.54 -5.81 22.03
C THR A 398 -32.19 -6.11 21.41
N ALA A 399 -31.36 -5.07 21.26
CA ALA A 399 -30.08 -5.22 20.58
C ALA A 399 -28.98 -4.54 21.38
N PHE A 400 -27.75 -5.03 21.19
CA PHE A 400 -26.56 -4.47 21.81
C PHE A 400 -25.48 -4.32 20.75
N TRP A 401 -24.65 -3.29 20.90
CA TRP A 401 -23.45 -3.16 20.09
C TRP A 401 -22.25 -3.89 20.69
N GLU A 402 -22.41 -4.50 21.86
CA GLU A 402 -21.34 -5.24 22.51
C GLU A 402 -21.00 -6.52 21.77
N GLY A 437 -23.15 -1.66 29.20
CA GLY A 437 -24.21 -2.63 29.46
C GLY A 437 -25.59 -2.09 29.15
N THR A 438 -25.65 -0.86 28.68
CA THR A 438 -26.92 -0.23 28.32
C THR A 438 -27.39 -0.75 26.96
N PRO A 439 -28.62 -1.25 26.85
CA PRO A 439 -29.10 -1.72 25.54
C PRO A 439 -29.27 -0.57 24.57
N VAL A 440 -28.91 -0.81 23.31
CA VAL A 440 -29.14 0.19 22.27
C VAL A 440 -30.62 0.30 21.96
N LEU A 441 -31.32 -0.84 21.90
CA LEU A 441 -32.76 -0.88 21.67
C LEU A 441 -33.39 -1.84 22.68
N LYS A 442 -34.67 -1.63 22.98
CA LYS A 442 -35.37 -2.50 23.91
C LYS A 442 -36.86 -2.47 23.62
N ASP A 443 -37.46 -3.66 23.49
CA ASP A 443 -38.91 -3.81 23.38
C ASP A 443 -39.50 -3.02 22.22
N ILE A 444 -38.75 -2.89 21.14
CA ILE A 444 -39.26 -2.21 19.95
C ILE A 444 -40.19 -3.15 19.19
N ASN A 445 -41.36 -2.65 18.82
CA ASN A 445 -42.31 -3.43 18.03
C ASN A 445 -43.15 -2.51 17.16
N PHE A 446 -43.47 -2.99 15.96
CA PHE A 446 -44.36 -2.27 15.04
C PHE A 446 -44.75 -3.22 13.91
N LYS A 447 -45.81 -2.86 13.20
CA LYS A 447 -46.27 -3.62 12.03
C LYS A 447 -46.63 -2.64 10.92
N ILE A 448 -46.12 -2.90 9.72
CA ILE A 448 -46.28 -2.01 8.57
C ILE A 448 -46.83 -2.84 7.41
N GLU A 449 -48.10 -2.59 7.06
CA GLU A 449 -48.75 -3.30 5.97
C GLU A 449 -48.21 -2.82 4.61
N ARG A 450 -48.64 -3.52 3.57
CA ARG A 450 -48.18 -3.23 2.21
C ARG A 450 -48.55 -1.82 1.79
N GLY A 451 -47.57 -1.10 1.25
CA GLY A 451 -47.79 0.22 0.69
C GLY A 451 -47.84 1.37 1.69
N GLN A 452 -47.56 1.11 2.96
CA GLN A 452 -47.66 2.14 3.98
C GLN A 452 -46.29 2.76 4.27
N LEU A 453 -46.32 4.01 4.74
CA LEU A 453 -45.12 4.76 5.08
C LEU A 453 -45.00 4.92 6.59
N LEU A 454 -43.83 4.59 7.14
CA LEU A 454 -43.56 4.71 8.56
C LEU A 454 -42.53 5.81 8.79
N ALA A 455 -42.87 6.75 9.67
CA ALA A 455 -41.96 7.82 10.05
C ALA A 455 -41.26 7.46 11.35
N VAL A 456 -39.95 7.66 11.40
CA VAL A 456 -39.14 7.39 12.58
C VAL A 456 -38.59 8.72 13.09
N ALA A 457 -38.89 9.05 14.33
CA ALA A 457 -38.48 10.32 14.93
C ALA A 457 -37.67 10.05 16.19
N GLY A 458 -37.07 11.12 16.73
CA GLY A 458 -36.28 11.03 17.93
C GLY A 458 -35.15 12.04 18.01
N SER A 459 -34.41 12.02 19.11
CA SER A 459 -33.30 12.93 19.31
C SER A 459 -31.99 12.32 18.81
N THR A 460 -30.91 13.10 18.93
CA THR A 460 -29.60 12.63 18.53
C THR A 460 -29.16 11.46 19.41
N GLY A 461 -28.73 10.38 18.76
CA GLY A 461 -28.28 9.20 19.48
C GLY A 461 -29.39 8.35 20.04
N ALA A 462 -30.62 8.51 19.55
CA ALA A 462 -31.76 7.77 20.06
C ALA A 462 -31.84 6.35 19.52
N GLY A 463 -30.99 5.99 18.57
CA GLY A 463 -31.02 4.67 17.97
C GLY A 463 -31.77 4.58 16.66
N LYS A 464 -32.00 5.70 15.97
CA LYS A 464 -32.76 5.66 14.73
C LYS A 464 -31.99 4.96 13.62
N THR A 465 -30.67 5.19 13.54
CA THR A 465 -29.85 4.49 12.55
C THR A 465 -29.70 3.01 12.92
N SER A 466 -29.50 2.72 14.20
CA SER A 466 -29.36 1.34 14.64
C SER A 466 -30.63 0.53 14.38
N LEU A 467 -31.78 1.18 14.42
CA LEU A 467 -33.03 0.50 14.13
C LEU A 467 -33.04 -0.05 12.71
N LEU A 468 -32.52 0.72 11.75
CA LEU A 468 -32.48 0.25 10.37
C LEU A 468 -31.42 -0.84 10.18
N MET A 469 -30.33 -0.80 10.94
CA MET A 469 -29.32 -1.85 10.82
C MET A 469 -29.86 -3.21 11.23
N VAL A 470 -30.68 -3.24 12.29
CA VAL A 470 -31.25 -4.50 12.76
C VAL A 470 -32.16 -5.09 11.71
N ILE A 471 -32.94 -4.24 11.03
CA ILE A 471 -33.87 -4.72 10.01
C ILE A 471 -33.11 -5.35 8.85
N MET A 472 -32.01 -4.71 8.42
CA MET A 472 -31.23 -5.24 7.31
C MET A 472 -30.52 -6.55 7.65
N GLY A 473 -30.50 -6.94 8.91
CA GLY A 473 -29.70 -8.07 9.33
C GLY A 473 -28.25 -7.75 9.57
N GLU A 474 -27.89 -6.47 9.62
CA GLU A 474 -26.52 -6.06 9.89
C GLU A 474 -26.22 -6.01 11.39
N LEU A 475 -27.22 -6.13 12.25
CA LEU A 475 -27.03 -6.11 13.69
C LEU A 475 -27.97 -7.14 14.31
N GLU A 476 -27.42 -8.25 14.77
CA GLU A 476 -28.24 -9.35 15.29
C GLU A 476 -28.80 -9.01 16.66
N PRO A 477 -30.12 -9.04 16.86
CA PRO A 477 -30.68 -8.78 18.18
C PRO A 477 -30.51 -9.95 19.13
N SER A 478 -30.36 -9.63 20.41
CA SER A 478 -30.28 -10.65 21.44
C SER A 478 -31.65 -11.20 21.85
N GLU A 479 -32.72 -10.46 21.57
CA GLU A 479 -34.05 -10.92 21.90
C GLU A 479 -35.03 -10.34 20.88
N GLY A 480 -36.13 -11.06 20.67
CA GLY A 480 -37.12 -10.66 19.69
C GLY A 480 -36.90 -11.31 18.33
N LYS A 481 -37.77 -10.95 17.40
CA LYS A 481 -37.79 -11.56 16.09
C LYS A 481 -38.20 -10.53 15.05
N ILE A 482 -37.74 -10.75 13.81
CA ILE A 482 -38.06 -9.89 12.68
C ILE A 482 -38.57 -10.77 11.55
N LYS A 483 -39.59 -10.30 10.83
CA LYS A 483 -40.21 -11.10 9.78
C LYS A 483 -40.62 -10.19 8.63
N HIS A 484 -40.03 -10.43 7.46
CA HIS A 484 -40.34 -9.67 6.26
C HIS A 484 -39.72 -10.38 5.06
N SER A 485 -39.99 -9.85 3.87
CA SER A 485 -39.40 -10.36 2.65
C SER A 485 -37.95 -9.90 2.54
N GLY A 486 -37.21 -10.58 1.65
CA GLY A 486 -35.78 -10.34 1.50
C GLY A 486 -35.40 -9.15 0.64
N ARG A 487 -36.34 -8.54 -0.08
CA ARG A 487 -36.04 -7.47 -1.02
C ARG A 487 -36.02 -6.14 -0.29
N ILE A 488 -34.82 -5.63 -0.01
CA ILE A 488 -34.62 -4.39 0.74
C ILE A 488 -33.74 -3.44 -0.06
N SER A 489 -34.11 -2.15 -0.06
CA SER A 489 -33.28 -1.08 -0.60
C SER A 489 -32.91 -0.13 0.52
N PHE A 490 -31.66 0.35 0.50
CA PHE A 490 -31.08 1.07 1.63
C PHE A 490 -30.38 2.34 1.17
N CYS A 491 -30.61 3.43 1.92
CA CYS A 491 -29.98 4.73 1.67
C CYS A 491 -29.30 5.18 2.95
N SER A 492 -27.97 5.18 2.95
CA SER A 492 -27.20 5.45 4.16
C SER A 492 -27.17 6.94 4.49
N GLN A 493 -27.02 7.23 5.78
CA GLN A 493 -26.85 8.62 6.22
C GLN A 493 -25.53 9.20 5.72
N PHE A 494 -24.48 8.38 5.67
CA PHE A 494 -23.19 8.78 5.11
C PHE A 494 -23.11 8.28 3.67
N SER A 495 -23.23 9.21 2.72
CA SER A 495 -23.29 8.85 1.31
C SER A 495 -21.94 8.33 0.82
N TRP A 496 -21.95 7.16 0.19
CA TRP A 496 -20.75 6.57 -0.40
C TRP A 496 -20.88 6.55 -1.91
N ILE A 497 -19.85 7.04 -2.60
CA ILE A 497 -19.84 7.14 -4.05
C ILE A 497 -18.73 6.24 -4.59
N MET A 498 -19.13 5.23 -5.37
CA MET A 498 -18.16 4.34 -6.01
C MET A 498 -17.57 4.99 -7.26
N PRO A 499 -16.28 4.78 -7.51
CA PRO A 499 -15.65 5.39 -8.70
C PRO A 499 -16.33 4.94 -9.98
N GLY A 500 -16.47 5.88 -10.91
CA GLY A 500 -17.10 5.61 -12.19
C GLY A 500 -17.97 6.78 -12.61
N THR A 501 -18.95 6.48 -13.43
CA THR A 501 -19.83 7.48 -14.03
C THR A 501 -21.04 7.74 -13.13
N ILE A 502 -21.54 8.98 -13.20
CA ILE A 502 -22.76 9.34 -12.47
C ILE A 502 -23.91 8.40 -12.86
N LYS A 503 -24.06 8.17 -14.17
CA LYS A 503 -25.10 7.26 -14.64
C LYS A 503 -24.84 5.84 -14.16
N GLU A 504 -23.56 5.44 -14.10
CA GLU A 504 -23.21 4.10 -13.64
C GLU A 504 -23.47 3.93 -12.15
N ASN A 505 -23.47 5.01 -11.37
CA ASN A 505 -23.78 4.92 -9.95
C ASN A 505 -25.26 4.72 -9.70
N ILE A 506 -26.11 5.39 -10.47
CA ILE A 506 -27.56 5.29 -10.25
C ILE A 506 -28.04 3.88 -10.59
N ILE A 507 -27.69 3.39 -11.76
CA ILE A 507 -28.16 2.09 -12.22
C ILE A 507 -27.15 1.03 -11.81
N GLY A 508 -27.60 -0.22 -11.81
CA GLY A 508 -26.70 -1.34 -11.60
C GLY A 508 -26.04 -1.73 -12.90
N VAL A 509 -26.08 -3.01 -13.24
CA VAL A 509 -25.67 -3.45 -14.57
C VAL A 509 -26.82 -3.36 -15.58
N SER A 510 -28.06 -3.26 -15.11
CA SER A 510 -29.21 -3.11 -15.98
C SER A 510 -29.36 -1.65 -16.43
N TYR A 511 -30.17 -1.44 -17.47
CA TYR A 511 -30.34 -0.10 -18.03
C TYR A 511 -31.76 0.00 -18.59
N ASP A 512 -32.63 0.66 -17.84
CA ASP A 512 -34.00 0.95 -18.26
C ASP A 512 -34.12 2.46 -18.45
N GLU A 513 -34.23 2.89 -19.70
CA GLU A 513 -34.16 4.32 -19.98
C GLU A 513 -35.36 5.08 -19.42
N TYR A 514 -36.56 4.49 -19.49
CA TYR A 514 -37.73 5.18 -18.97
C TYR A 514 -37.63 5.38 -17.47
N ARG A 515 -37.11 4.38 -16.74
CA ARG A 515 -36.93 4.51 -15.31
C ARG A 515 -35.81 5.49 -14.98
N TYR A 516 -34.74 5.51 -15.78
CA TYR A 516 -33.62 6.41 -15.51
C TYR A 516 -34.04 7.86 -15.63
N ARG A 517 -34.80 8.20 -16.66
CA ARG A 517 -35.29 9.57 -16.81
C ARG A 517 -36.28 9.92 -15.71
N SER A 518 -37.04 8.95 -15.24
CA SER A 518 -38.06 9.22 -14.23
C SER A 518 -37.43 9.63 -12.90
N VAL A 519 -36.47 8.84 -12.41
CA VAL A 519 -35.89 9.11 -11.10
C VAL A 519 -35.01 10.35 -11.14
N ILE A 520 -34.33 10.61 -12.26
CA ILE A 520 -33.46 11.77 -12.35
C ILE A 520 -34.28 13.06 -12.25
N LYS A 521 -35.49 13.05 -12.82
CA LYS A 521 -36.35 14.23 -12.71
C LYS A 521 -36.88 14.40 -11.28
N ALA A 522 -37.37 13.33 -10.67
CA ALA A 522 -37.95 13.42 -9.34
C ALA A 522 -36.93 13.73 -8.26
N CYS A 523 -35.65 13.44 -8.50
CA CYS A 523 -34.59 13.70 -7.55
C CYS A 523 -33.97 15.07 -7.69
N GLN A 524 -34.48 15.90 -8.62
CA GLN A 524 -34.00 17.27 -8.82
C GLN A 524 -32.54 17.31 -9.26
N LEU A 525 -32.09 16.29 -9.99
CA LEU A 525 -30.72 16.22 -10.47
C LEU A 525 -30.53 16.82 -11.85
N GLU A 526 -31.61 17.13 -12.57
CA GLU A 526 -31.48 17.65 -13.92
C GLU A 526 -30.75 19.00 -13.95
N GLU A 527 -31.04 19.87 -12.98
CA GLU A 527 -30.41 21.19 -12.96
C GLU A 527 -28.90 21.08 -12.78
N ASP A 528 -28.46 20.17 -11.91
CA ASP A 528 -27.02 20.03 -11.66
C ASP A 528 -26.31 19.37 -12.82
N ILE A 529 -26.94 18.40 -13.46
CA ILE A 529 -26.30 17.67 -14.56
C ILE A 529 -26.01 18.61 -15.72
N SER A 530 -26.92 19.52 -16.01
CA SER A 530 -26.77 20.41 -17.15
C SER A 530 -25.58 21.36 -17.00
N LYS A 531 -25.04 21.51 -15.79
CA LYS A 531 -23.93 22.40 -15.55
C LYS A 531 -22.59 21.68 -15.53
N PHE A 532 -22.50 20.51 -16.14
CA PHE A 532 -21.28 19.71 -16.13
C PHE A 532 -20.71 19.61 -17.54
N ALA A 533 -19.38 19.43 -17.59
CA ALA A 533 -18.72 19.35 -18.89
C ALA A 533 -19.20 18.16 -19.70
N GLU A 534 -19.38 17.01 -19.05
CA GLU A 534 -19.78 15.78 -19.72
C GLU A 534 -21.25 15.45 -19.50
N LYS A 535 -22.04 16.40 -19.00
CA LYS A 535 -23.47 16.25 -18.73
C LYS A 535 -23.70 15.27 -17.58
N ASP A 536 -23.70 13.96 -17.88
CA ASP A 536 -23.82 12.95 -16.83
C ASP A 536 -22.84 11.81 -17.01
N ASN A 537 -21.81 11.98 -17.84
CA ASN A 537 -20.77 10.98 -18.02
C ASN A 537 -19.47 11.36 -17.33
N ILE A 538 -19.55 12.15 -16.26
CA ILE A 538 -18.36 12.62 -15.57
C ILE A 538 -17.73 11.48 -14.79
N VAL A 539 -16.40 11.40 -14.83
CA VAL A 539 -15.65 10.39 -14.09
C VAL A 539 -15.56 10.84 -12.64
N LEU A 540 -16.35 10.22 -11.77
CA LEU A 540 -16.29 10.52 -10.35
C LEU A 540 -15.13 9.80 -9.70
N GLY A 541 -14.49 10.46 -8.73
CA GLY A 541 -13.42 9.85 -7.97
C GLY A 541 -13.94 8.95 -6.87
N GLU A 542 -13.00 8.39 -6.12
CA GLU A 542 -13.35 7.56 -4.97
C GLU A 542 -13.84 8.44 -3.85
N GLY A 543 -15.13 8.33 -3.52
CA GLY A 543 -15.74 9.19 -2.53
C GLY A 543 -16.39 10.44 -3.07
N GLY A 544 -16.30 10.69 -4.38
CA GLY A 544 -16.98 11.82 -4.98
C GLY A 544 -16.48 13.17 -4.52
N ILE A 545 -15.16 13.37 -4.54
CA ILE A 545 -14.57 14.64 -4.14
C ILE A 545 -15.10 15.78 -5.01
N THR A 546 -15.25 15.53 -6.30
CA THR A 546 -15.64 16.57 -7.25
C THR A 546 -17.06 17.06 -7.04
N LEU A 547 -17.87 16.37 -6.25
CA LEU A 547 -19.27 16.72 -6.07
C LEU A 547 -19.49 17.56 -4.81
N SER A 548 -20.67 18.14 -4.71
CA SER A 548 -21.10 18.90 -3.56
C SER A 548 -21.67 17.97 -2.49
N GLY A 549 -21.89 18.53 -1.30
CA GLY A 549 -22.45 17.74 -0.21
C GLY A 549 -23.86 17.25 -0.50
N GLY A 550 -24.71 18.15 -1.00
CA GLY A 550 -26.07 17.78 -1.33
C GLY A 550 -26.21 17.02 -2.63
N GLN A 551 -25.24 17.16 -3.54
CA GLN A 551 -25.27 16.38 -4.76
C GLN A 551 -24.98 14.91 -4.49
N ARG A 552 -24.08 14.63 -3.54
CA ARG A 552 -23.82 13.25 -3.17
C ARG A 552 -25.03 12.63 -2.48
N ALA A 553 -25.80 13.42 -1.73
CA ALA A 553 -27.00 12.91 -1.10
C ALA A 553 -28.05 12.53 -2.14
N ARG A 554 -28.21 13.35 -3.19
CA ARG A 554 -29.21 13.07 -4.20
C ARG A 554 -28.84 11.84 -5.04
N ILE A 555 -27.56 11.68 -5.35
CA ILE A 555 -27.13 10.51 -6.10
C ILE A 555 -27.30 9.24 -5.26
N SER A 556 -27.05 9.33 -3.96
CA SER A 556 -27.29 8.19 -3.08
C SER A 556 -28.77 7.88 -2.99
N LEU A 557 -29.62 8.91 -2.96
CA LEU A 557 -31.06 8.68 -2.89
C LEU A 557 -31.60 8.14 -4.21
N ALA A 558 -31.14 8.67 -5.34
CA ALA A 558 -31.60 8.18 -6.63
C ALA A 558 -31.21 6.73 -6.86
N ARG A 559 -30.05 6.31 -6.34
CA ARG A 559 -29.64 4.92 -6.47
C ARG A 559 -30.60 3.99 -5.73
N ALA A 560 -31.06 4.37 -4.55
CA ALA A 560 -31.94 3.51 -3.77
C ALA A 560 -33.30 3.36 -4.43
N VAL A 561 -33.85 4.45 -4.97
CA VAL A 561 -35.19 4.39 -5.55
C VAL A 561 -35.20 3.73 -6.92
N TYR A 562 -34.06 3.71 -7.63
CA TYR A 562 -34.01 3.04 -8.92
C TYR A 562 -34.16 1.54 -8.77
N LYS A 563 -33.59 0.97 -7.71
CA LYS A 563 -33.68 -0.47 -7.50
C LYS A 563 -35.09 -0.90 -7.16
N ASP A 564 -35.54 -1.99 -7.79
CA ASP A 564 -36.85 -2.56 -7.49
C ASP A 564 -36.74 -3.45 -6.26
N ALA A 565 -37.55 -3.16 -5.24
CA ALA A 565 -37.52 -3.91 -4.00
C ALA A 565 -38.88 -3.79 -3.32
N ASP A 566 -39.04 -4.50 -2.20
CA ASP A 566 -40.27 -4.48 -1.42
C ASP A 566 -40.24 -3.41 -0.33
N LEU A 567 -39.14 -3.34 0.42
CA LEU A 567 -39.00 -2.38 1.51
C LEU A 567 -37.91 -1.38 1.16
N TYR A 568 -38.13 -0.12 1.53
CA TYR A 568 -37.19 0.98 1.25
C TYR A 568 -36.83 1.65 2.56
N LEU A 569 -35.56 1.61 2.92
CA LEU A 569 -35.05 2.25 4.14
C LEU A 569 -34.30 3.52 3.76
N LEU A 570 -34.75 4.65 4.28
CA LEU A 570 -34.19 5.97 3.94
C LEU A 570 -33.74 6.64 5.23
N ASP A 571 -32.42 6.60 5.50
CA ASP A 571 -31.87 7.14 6.74
C ASP A 571 -31.54 8.61 6.56
N SER A 572 -32.58 9.44 6.66
CA SER A 572 -32.47 10.90 6.66
C SER A 572 -31.73 11.42 5.43
N PRO A 573 -32.29 11.29 4.23
CA PRO A 573 -31.61 11.81 3.04
C PRO A 573 -31.73 13.32 2.86
N PHE A 574 -32.56 13.99 3.65
CA PHE A 574 -32.82 15.42 3.47
C PHE A 574 -31.96 16.29 4.37
N GLY A 575 -30.83 15.78 4.84
CA GLY A 575 -30.01 16.55 5.76
C GLY A 575 -29.35 17.76 5.11
N TYR A 576 -28.74 17.55 3.95
CA TYR A 576 -27.94 18.60 3.30
C TYR A 576 -28.72 19.40 2.28
N LEU A 577 -30.04 19.25 2.22
CA LEU A 577 -30.85 19.90 1.20
C LEU A 577 -31.59 21.11 1.77
N ASP A 578 -31.81 22.10 0.91
CA ASP A 578 -32.60 23.27 1.27
C ASP A 578 -34.08 22.92 1.35
N VAL A 579 -34.87 23.85 1.88
CA VAL A 579 -36.29 23.60 2.11
C VAL A 579 -37.03 23.40 0.78
N LEU A 580 -36.64 24.14 -0.25
CA LEU A 580 -37.37 24.06 -1.52
C LEU A 580 -37.09 22.74 -2.23
N THR A 581 -35.84 22.32 -2.28
CA THR A 581 -35.52 21.03 -2.89
C THR A 581 -36.09 19.87 -2.06
N GLU A 582 -36.04 19.99 -0.74
CA GLU A 582 -36.58 18.94 0.12
C GLU A 582 -38.08 18.77 -0.11
N LYS A 583 -38.81 19.87 -0.22
CA LYS A 583 -40.26 19.79 -0.41
C LYS A 583 -40.60 19.13 -1.74
N GLU A 584 -39.91 19.50 -2.81
CA GLU A 584 -40.21 18.95 -4.13
C GLU A 584 -39.92 17.45 -4.17
N ILE A 585 -38.77 17.02 -3.66
CA ILE A 585 -38.41 15.61 -3.68
C ILE A 585 -39.40 14.79 -2.87
N PHE A 586 -39.78 15.30 -1.69
CA PHE A 586 -40.66 14.55 -0.81
C PHE A 586 -42.03 14.32 -1.43
N GLU A 587 -42.58 15.33 -2.11
CA GLU A 587 -43.93 15.23 -2.65
C GLU A 587 -43.95 14.72 -4.09
N SER A 588 -42.81 14.49 -4.73
CA SER A 588 -42.79 13.98 -6.09
C SER A 588 -42.06 12.66 -6.25
N CYS A 589 -41.22 12.27 -5.29
CA CYS A 589 -40.51 11.00 -5.35
C CYS A 589 -40.94 10.05 -4.26
N VAL A 590 -40.87 10.48 -2.99
CA VAL A 590 -41.20 9.58 -1.89
C VAL A 590 -42.70 9.29 -1.86
N CYS A 591 -43.53 10.31 -2.05
CA CYS A 591 -44.98 10.16 -1.95
C CYS A 591 -45.65 9.81 -3.26
N LYS A 592 -44.98 9.98 -4.40
CA LYS A 592 -45.62 9.81 -5.69
C LYS A 592 -45.08 8.60 -6.46
N LEU A 593 -43.77 8.51 -6.67
CA LEU A 593 -43.23 7.41 -7.47
C LEU A 593 -43.32 6.06 -6.77
N MET A 594 -43.41 6.05 -5.44
CA MET A 594 -43.42 4.81 -4.68
C MET A 594 -44.53 4.84 -3.63
N ALA A 595 -45.72 5.28 -4.05
CA ALA A 595 -46.87 5.30 -3.15
C ALA A 595 -47.35 3.89 -2.82
N ASN A 596 -47.05 2.91 -3.68
CA ASN A 596 -47.53 1.55 -3.51
C ASN A 596 -46.44 0.60 -2.99
N LYS A 597 -45.35 1.12 -2.46
CA LYS A 597 -44.26 0.33 -1.92
C LYS A 597 -44.01 0.71 -0.48
N THR A 598 -43.80 -0.30 0.37
CA THR A 598 -43.50 -0.04 1.77
C THR A 598 -42.18 0.71 1.90
N ARG A 599 -42.15 1.69 2.80
CA ARG A 599 -40.95 2.49 2.98
C ARG A 599 -40.91 3.04 4.39
N ILE A 600 -39.70 3.20 4.92
CA ILE A 600 -39.47 3.73 6.26
C ILE A 600 -38.55 4.94 6.12
N LEU A 601 -38.97 6.07 6.70
CA LEU A 601 -38.27 7.33 6.54
C LEU A 601 -37.89 7.89 7.90
N VAL A 602 -36.59 8.10 8.12
CA VAL A 602 -36.11 8.79 9.31
C VAL A 602 -36.13 10.29 9.03
N THR A 603 -36.94 11.02 9.79
CA THR A 603 -37.14 12.43 9.51
C THR A 603 -37.40 13.17 10.81
N SER A 604 -36.95 14.43 10.87
CA SER A 604 -37.19 15.29 12.01
C SER A 604 -38.17 16.42 11.70
N LYS A 605 -38.80 16.42 10.53
CA LYS A 605 -39.71 17.47 10.14
C LYS A 605 -41.15 17.08 10.50
N MET A 606 -41.84 17.97 11.22
CA MET A 606 -43.22 17.70 11.57
C MET A 606 -44.14 17.66 10.36
N GLU A 607 -43.77 18.34 9.27
CA GLU A 607 -44.60 18.33 8.07
C GLU A 607 -44.55 17.00 7.34
N HIS A 608 -43.48 16.21 7.54
CA HIS A 608 -43.43 14.87 6.97
C HIS A 608 -44.25 13.89 7.79
N LEU A 609 -44.41 14.14 9.09
CA LEU A 609 -45.14 13.22 9.95
C LEU A 609 -46.62 13.17 9.60
N LYS A 610 -47.18 14.28 9.08
CA LYS A 610 -48.60 14.33 8.80
C LYS A 610 -49.01 13.46 7.62
N LYS A 611 -48.05 13.08 6.76
CA LYS A 611 -48.36 12.24 5.61
C LYS A 611 -47.83 10.81 5.77
N ALA A 612 -47.61 10.38 7.00
CA ALA A 612 -47.16 9.03 7.28
C ALA A 612 -48.30 8.21 7.90
N ASP A 613 -48.41 6.95 7.48
CA ASP A 613 -49.45 6.08 8.03
C ASP A 613 -49.24 5.85 9.53
N LYS A 614 -48.00 5.64 9.95
CA LYS A 614 -47.68 5.40 11.35
C LYS A 614 -46.43 6.17 11.74
N ILE A 615 -46.33 6.49 13.02
CA ILE A 615 -45.26 7.31 13.57
C ILE A 615 -44.62 6.58 14.73
N LEU A 616 -43.30 6.49 14.72
CA LEU A 616 -42.54 5.89 15.82
C LEU A 616 -41.55 6.93 16.35
N ILE A 617 -41.58 7.15 17.67
CA ILE A 617 -40.70 8.10 18.33
C ILE A 617 -39.80 7.34 19.29
N LEU A 618 -38.49 7.52 19.11
CA LEU A 618 -37.49 6.84 19.93
C LEU A 618 -36.84 7.81 20.91
N HIS A 619 -36.51 7.30 22.09
CA HIS A 619 -35.81 8.08 23.09
C HIS A 619 -35.01 7.12 23.97
N GLU A 620 -33.68 7.25 23.92
CA GLU A 620 -32.76 6.41 24.69
C GLU A 620 -32.91 4.93 24.31
N GLY A 621 -33.35 4.66 23.08
CA GLY A 621 -33.57 3.31 22.62
C GLY A 621 -34.94 2.74 22.90
N SER A 622 -35.80 3.47 23.59
CA SER A 622 -37.14 3.01 23.93
C SER A 622 -38.16 3.70 23.05
N SER A 623 -39.23 2.97 22.70
CA SER A 623 -40.29 3.52 21.87
C SER A 623 -41.15 4.47 22.70
N TYR A 624 -40.84 5.77 22.60
CA TYR A 624 -41.59 6.77 23.36
C TYR A 624 -43.05 6.85 22.92
N PHE A 625 -43.33 6.60 21.64
CA PHE A 625 -44.69 6.62 21.13
C PHE A 625 -44.76 5.79 19.86
N TYR A 626 -45.92 5.15 19.66
CA TYR A 626 -46.21 4.43 18.43
C TYR A 626 -47.69 4.57 18.12
N GLY A 627 -48.01 5.05 16.92
CA GLY A 627 -49.38 5.28 16.54
C GLY A 627 -49.47 6.25 15.36
N THR A 628 -50.67 6.80 15.19
CA THR A 628 -50.95 7.72 14.10
C THR A 628 -50.74 9.18 14.53
N PHE A 629 -50.76 10.08 13.55
CA PHE A 629 -50.54 11.49 13.85
C PHE A 629 -51.65 12.06 14.73
N SER A 630 -52.91 11.72 14.42
CA SER A 630 -54.01 12.23 15.23
C SER A 630 -53.94 11.71 16.67
N GLU A 631 -53.52 10.45 16.84
CA GLU A 631 -53.35 9.91 18.18
C GLU A 631 -52.30 10.69 18.96
N LEU A 632 -51.19 11.04 18.30
CA LEU A 632 -50.17 11.86 18.94
C LEU A 632 -50.70 13.26 19.25
N GLN A 633 -51.62 13.78 18.42
CA GLN A 633 -52.12 15.13 18.61
C GLN A 633 -52.94 15.25 19.89
N ASN A 634 -53.55 14.16 20.35
CA ASN A 634 -54.36 14.20 21.55
C ASN A 634 -53.59 13.90 22.82
N LEU A 635 -52.42 13.28 22.71
CA LEU A 635 -51.63 12.93 23.89
C LEU A 635 -50.14 12.83 23.57
N TRP A 845 21.33 7.12 -12.30
CA TRP A 845 22.38 8.02 -12.72
C TRP A 845 22.54 9.19 -11.74
N ASN A 846 21.47 9.97 -11.58
CA ASN A 846 21.43 11.04 -10.60
C ASN A 846 20.70 10.62 -9.32
N THR A 847 19.93 9.53 -9.37
CA THR A 847 19.32 9.00 -8.16
C THR A 847 20.37 8.49 -7.19
N TYR A 848 21.42 7.84 -7.70
CA TYR A 848 22.48 7.33 -6.84
C TYR A 848 23.21 8.47 -6.15
N LEU A 849 23.57 9.52 -6.90
CA LEU A 849 24.28 10.64 -6.32
C LEU A 849 23.44 11.34 -5.26
N ARG A 850 22.16 11.55 -5.53
CA ARG A 850 21.30 12.26 -4.60
C ARG A 850 21.02 11.43 -3.35
N TYR A 851 20.95 10.09 -3.49
CA TYR A 851 20.74 9.22 -2.34
C TYR A 851 21.96 9.25 -1.40
N ILE A 852 23.16 9.31 -1.97
CA ILE A 852 24.37 9.28 -1.15
C ILE A 852 24.55 10.58 -0.38
N THR A 853 24.30 11.71 -1.02
CA THR A 853 24.66 13.01 -0.45
C THR A 853 23.58 13.61 0.43
N VAL A 854 22.46 12.91 0.64
CA VAL A 854 21.41 13.47 1.48
C VAL A 854 21.78 13.46 2.96
N HIS A 855 22.80 12.69 3.34
CA HIS A 855 23.23 12.60 4.73
C HIS A 855 24.75 12.53 4.76
N LYS A 856 25.38 13.50 5.42
CA LYS A 856 26.83 13.59 5.40
C LYS A 856 27.49 12.45 6.15
N SER A 857 26.79 11.85 7.12
CA SER A 857 27.38 10.76 7.88
C SER A 857 27.65 9.55 7.01
N LEU A 858 26.84 9.34 5.97
CA LEU A 858 27.08 8.23 5.05
C LEU A 858 28.39 8.42 4.28
N ILE A 859 28.68 9.66 3.86
CA ILE A 859 29.89 9.92 3.08
C ILE A 859 31.14 9.62 3.89
N PHE A 860 31.13 9.98 5.18
CA PHE A 860 32.29 9.73 6.03
C PHE A 860 32.50 8.24 6.29
N VAL A 861 31.42 7.48 6.41
CA VAL A 861 31.54 6.04 6.61
C VAL A 861 32.10 5.37 5.35
N LEU A 862 31.68 5.84 4.18
CA LEU A 862 32.18 5.27 2.93
C LEU A 862 33.67 5.55 2.75
N ILE A 863 34.11 6.75 3.11
CA ILE A 863 35.54 7.07 3.07
C ILE A 863 36.29 6.19 4.05
N TRP A 864 35.71 5.96 5.23
CA TRP A 864 36.33 5.08 6.23
C TRP A 864 36.50 3.66 5.69
N CYS A 865 35.50 3.16 4.96
CA CYS A 865 35.62 1.84 4.35
C CYS A 865 36.71 1.82 3.28
N LEU A 866 36.82 2.90 2.50
CA LEU A 866 37.79 2.94 1.41
C LEU A 866 39.22 2.92 1.93
N VAL A 867 39.49 3.68 2.99
CA VAL A 867 40.85 3.81 3.50
C VAL A 867 41.36 2.47 4.04
N ILE A 868 40.51 1.75 4.77
CA ILE A 868 40.91 0.44 5.29
C ILE A 868 41.16 -0.54 4.14
N PHE A 869 40.34 -0.47 3.09
CA PHE A 869 40.52 -1.37 1.95
C PHE A 869 41.88 -1.18 1.29
N LEU A 870 42.33 0.07 1.18
CA LEU A 870 43.63 0.34 0.58
C LEU A 870 44.76 -0.27 1.41
N ALA A 871 44.64 -0.21 2.74
CA ALA A 871 45.66 -0.82 3.59
C ALA A 871 45.69 -2.33 3.45
N GLU A 872 44.53 -2.96 3.28
CA GLU A 872 44.50 -4.41 3.06
C GLU A 872 45.18 -4.79 1.76
N VAL A 873 44.93 -4.04 0.68
CA VAL A 873 45.57 -4.31 -0.60
C VAL A 873 47.08 -4.09 -0.50
N ALA A 874 47.49 -3.01 0.19
CA ALA A 874 48.92 -2.76 0.37
C ALA A 874 49.58 -3.85 1.18
N ALA A 875 48.93 -4.32 2.25
CA ALA A 875 49.50 -5.38 3.07
C ALA A 875 49.63 -6.67 2.29
N SER A 876 48.64 -6.99 1.45
CA SER A 876 48.73 -8.19 0.62
C SER A 876 49.91 -8.13 -0.33
N LEU A 877 50.16 -6.96 -0.92
CA LEU A 877 51.27 -6.80 -1.85
C LEU A 877 52.60 -7.11 -1.17
N VAL A 878 52.79 -6.60 0.05
CA VAL A 878 54.06 -6.78 0.74
C VAL A 878 54.32 -8.26 1.04
N VAL A 879 53.34 -8.94 1.64
CA VAL A 879 53.54 -10.32 2.02
C VAL A 879 53.64 -11.22 0.80
N LEU A 880 52.87 -10.92 -0.25
CA LEU A 880 52.93 -11.73 -1.46
C LEU A 880 54.26 -11.56 -2.17
N TRP A 881 54.74 -10.31 -2.29
CA TRP A 881 56.04 -10.07 -2.89
C TRP A 881 57.16 -10.65 -2.04
N LEU A 882 56.97 -10.73 -0.72
CA LEU A 882 57.99 -11.27 0.16
C LEU A 882 58.26 -12.74 -0.12
N LEU A 883 57.26 -13.47 -0.60
CA LEU A 883 57.42 -14.88 -0.92
C LEU A 883 58.21 -15.10 -2.21
N GLY A 884 58.41 -14.06 -3.02
CA GLY A 884 59.14 -14.19 -4.27
C GLY A 884 60.62 -14.47 -4.09
N SER A 901 63.54 -31.51 5.02
CA SER A 901 62.09 -31.70 5.09
C SER A 901 61.41 -30.43 5.58
N TYR A 902 60.50 -29.90 4.76
CA TYR A 902 59.74 -28.70 5.09
C TYR A 902 58.27 -29.05 5.22
N ALA A 903 57.56 -28.27 6.05
CA ALA A 903 56.13 -28.53 6.27
C ALA A 903 55.33 -28.32 4.99
N VAL A 904 55.70 -27.34 4.16
CA VAL A 904 55.02 -27.04 2.91
C VAL A 904 56.04 -27.15 1.78
N ILE A 905 55.78 -28.03 0.83
CA ILE A 905 56.71 -28.29 -0.26
C ILE A 905 56.41 -27.35 -1.41
N ILE A 906 57.41 -26.56 -1.81
CA ILE A 906 57.31 -25.68 -2.97
C ILE A 906 58.49 -25.96 -3.88
N THR A 907 58.25 -25.89 -5.20
CA THR A 907 59.30 -26.05 -6.19
C THR A 907 59.20 -24.91 -7.21
N SER A 908 60.29 -24.74 -7.97
CA SER A 908 60.33 -23.68 -8.97
C SER A 908 59.23 -23.85 -10.01
N THR A 909 58.94 -25.08 -10.40
CA THR A 909 57.91 -25.34 -11.39
C THR A 909 56.51 -25.40 -10.82
N SER A 910 56.37 -25.42 -9.48
CA SER A 910 55.07 -25.44 -8.83
C SER A 910 54.74 -24.14 -8.13
N SER A 911 55.58 -23.11 -8.25
CA SER A 911 55.37 -21.87 -7.53
C SER A 911 54.17 -21.06 -8.04
N TYR A 912 53.63 -21.41 -9.21
CA TYR A 912 52.50 -20.64 -9.74
C TYR A 912 51.25 -20.81 -8.88
N TYR A 913 51.20 -21.89 -8.08
CA TYR A 913 50.05 -22.11 -7.19
C TYR A 913 49.90 -21.02 -6.15
N VAL A 914 50.94 -20.22 -5.90
CA VAL A 914 50.87 -19.19 -4.87
C VAL A 914 49.79 -18.18 -5.19
N PHE A 915 49.70 -17.77 -6.46
CA PHE A 915 48.69 -16.79 -6.85
C PHE A 915 47.30 -17.39 -6.86
N TYR A 916 47.19 -18.67 -7.22
CA TYR A 916 45.89 -19.33 -7.17
C TYR A 916 45.36 -19.42 -5.75
N ILE A 917 46.23 -19.71 -4.79
CA ILE A 917 45.82 -19.81 -3.40
C ILE A 917 45.34 -18.46 -2.89
N TYR A 918 46.01 -17.37 -3.29
CA TYR A 918 45.61 -16.04 -2.84
C TYR A 918 44.20 -15.69 -3.31
N VAL A 919 43.89 -16.00 -4.58
CA VAL A 919 42.57 -15.68 -5.11
C VAL A 919 41.48 -16.45 -4.39
N GLY A 920 41.76 -17.70 -3.99
CA GLY A 920 40.74 -18.49 -3.32
C GLY A 920 40.45 -18.04 -1.91
N VAL A 921 41.36 -17.29 -1.29
CA VAL A 921 41.19 -16.79 0.08
C VAL A 921 41.07 -15.28 0.12
N ALA A 922 41.01 -14.62 -1.03
CA ALA A 922 40.91 -13.16 -1.04
C ALA A 922 39.62 -12.67 -0.41
N ASP A 923 38.55 -13.48 -0.45
CA ASP A 923 37.28 -13.03 0.08
C ASP A 923 37.32 -12.85 1.59
N THR A 924 38.23 -13.55 2.28
CA THR A 924 38.37 -13.41 3.73
C THR A 924 39.31 -12.27 4.11
N LEU A 925 40.41 -12.11 3.37
CA LEU A 925 41.35 -11.04 3.67
C LEU A 925 40.73 -9.67 3.45
N LEU A 926 39.79 -9.57 2.52
CA LEU A 926 39.15 -8.31 2.17
C LEU A 926 37.75 -8.18 2.76
N ALA A 927 37.35 -9.09 3.65
CA ALA A 927 36.02 -9.05 4.23
C ALA A 927 35.84 -7.81 5.10
N MET A 928 34.65 -7.22 5.04
CA MET A 928 34.32 -6.06 5.85
C MET A 928 33.95 -6.51 7.26
N GLY A 929 34.79 -6.19 8.23
CA GLY A 929 34.51 -6.52 9.61
C GLY A 929 33.43 -5.63 10.21
N PHE A 930 33.08 -5.94 11.46
CA PHE A 930 32.01 -5.21 12.14
C PHE A 930 32.38 -3.75 12.39
N PHE A 931 33.66 -3.39 12.30
CA PHE A 931 34.03 -1.98 12.34
C PHE A 931 33.58 -1.22 11.11
N ARG A 932 33.23 -1.92 10.03
CA ARG A 932 32.77 -1.30 8.80
C ARG A 932 31.36 -1.73 8.42
N GLY A 933 31.00 -2.99 8.63
CA GLY A 933 29.69 -3.46 8.22
C GLY A 933 28.56 -2.86 9.05
N LEU A 934 28.72 -2.82 10.37
CA LEU A 934 27.65 -2.30 11.22
C LEU A 934 27.41 -0.81 11.01
N PRO A 935 28.43 0.07 11.03
CA PRO A 935 28.13 1.49 10.77
C PRO A 935 27.61 1.75 9.37
N LEU A 936 27.97 0.93 8.39
CA LEU A 936 27.42 1.10 7.04
C LEU A 936 25.92 0.85 7.02
N VAL A 937 25.48 -0.25 7.62
CA VAL A 937 24.06 -0.55 7.65
C VAL A 937 23.32 0.45 8.54
N HIS A 938 23.93 0.85 9.65
CA HIS A 938 23.29 1.79 10.56
C HIS A 938 22.99 3.11 9.87
N THR A 939 23.94 3.63 9.10
CA THR A 939 23.76 4.92 8.44
C THR A 939 22.80 4.85 7.25
N LEU A 940 22.69 3.69 6.61
CA LEU A 940 21.72 3.54 5.52
C LEU A 940 20.28 3.62 6.02
N ILE A 941 20.06 3.28 7.28
CA ILE A 941 18.71 3.39 7.84
C ILE A 941 18.36 4.83 8.17
N THR A 942 19.34 5.64 8.57
CA THR A 942 19.07 7.05 8.83
C THR A 942 18.71 7.80 7.56
N VAL A 943 19.15 7.31 6.40
CA VAL A 943 18.76 7.93 5.14
C VAL A 943 17.26 7.74 4.91
N SER A 944 16.76 6.53 5.16
CA SER A 944 15.32 6.28 5.01
C SER A 944 14.51 7.07 6.01
N LYS A 945 15.04 7.29 7.22
CA LYS A 945 14.34 8.11 8.20
C LYS A 945 14.19 9.55 7.72
N ILE A 946 15.26 10.10 7.14
CA ILE A 946 15.21 11.47 6.62
C ILE A 946 14.24 11.57 5.45
N LEU A 947 14.31 10.61 4.53
CA LEU A 947 13.49 10.69 3.32
C LEU A 947 12.01 10.59 3.65
N HIS A 948 11.63 9.76 4.61
CA HIS A 948 10.22 9.67 4.98
C HIS A 948 9.71 10.99 5.54
N HIS A 949 10.52 11.67 6.36
CA HIS A 949 10.11 12.95 6.91
C HIS A 949 9.93 13.99 5.81
N LYS A 950 10.86 14.04 4.86
CA LYS A 950 10.73 14.97 3.74
C LYS A 950 9.52 14.64 2.88
N MET A 951 9.29 13.36 2.62
CA MET A 951 8.19 12.95 1.74
C MET A 951 6.85 13.32 2.35
N LEU A 952 6.67 13.06 3.64
CA LEU A 952 5.42 13.37 4.31
C LEU A 952 5.22 14.88 4.41
N HIS A 953 6.30 15.63 4.66
CA HIS A 953 6.19 17.07 4.79
C HIS A 953 5.72 17.72 3.50
N SER A 954 6.28 17.30 2.36
CA SER A 954 5.91 17.92 1.09
C SER A 954 4.48 17.59 0.68
N VAL A 955 3.97 16.42 1.08
CA VAL A 955 2.60 16.05 0.72
C VAL A 955 1.60 16.95 1.43
N LEU A 956 1.85 17.27 2.69
CA LEU A 956 0.94 18.14 3.43
C LEU A 956 1.00 19.58 2.97
N GLN A 957 2.03 19.96 2.21
CA GLN A 957 2.21 21.32 1.75
C GLN A 957 1.80 21.54 0.30
N ALA A 958 1.46 20.47 -0.42
CA ALA A 958 1.13 20.60 -1.84
C ALA A 958 -0.19 21.34 -2.02
N PRO A 959 -0.34 22.05 -3.14
CA PRO A 959 -1.63 22.71 -3.42
C PRO A 959 -2.74 21.68 -3.62
N MET A 960 -3.96 22.08 -3.28
CA MET A 960 -5.08 21.16 -3.31
C MET A 960 -5.35 20.62 -4.71
N SER A 961 -5.08 21.42 -5.74
CA SER A 961 -5.32 20.99 -7.11
C SER A 961 -4.47 19.76 -7.45
N THR A 962 -3.20 19.75 -7.02
CA THR A 962 -2.33 18.61 -7.25
C THR A 962 -2.82 17.37 -6.50
N LEU A 963 -3.27 17.55 -5.26
CA LEU A 963 -3.65 16.42 -4.44
C LEU A 963 -4.95 15.77 -4.92
N ASN A 964 -5.79 16.52 -5.62
CA ASN A 964 -7.04 15.96 -6.11
C ASN A 964 -6.84 14.92 -7.20
N THR A 965 -5.70 14.95 -7.89
CA THR A 965 -5.43 13.98 -8.94
C THR A 965 -4.86 12.67 -8.39
N LEU A 966 -4.39 12.66 -7.15
CA LEU A 966 -3.78 11.46 -6.58
C LEU A 966 -4.85 10.54 -6.00
N LYS A 967 -4.76 9.26 -6.34
CA LYS A 967 -5.71 8.27 -5.85
C LYS A 967 -5.23 7.71 -4.52
N ALA A 968 -6.19 7.23 -3.73
CA ALA A 968 -5.87 6.74 -2.39
C ALA A 968 -4.91 5.56 -2.43
N GLY A 969 -5.10 4.65 -3.39
CA GLY A 969 -4.23 3.50 -3.49
C GLY A 969 -2.85 3.82 -4.02
N GLY A 970 -2.70 4.93 -4.74
CA GLY A 970 -1.38 5.37 -5.14
C GLY A 970 -0.61 6.02 -4.01
N ILE A 971 -1.32 6.65 -3.08
CA ILE A 971 -0.67 7.19 -1.88
C ILE A 971 -0.19 6.06 -0.98
N LEU A 972 -1.05 5.06 -0.76
CA LEU A 972 -0.66 3.94 0.10
C LEU A 972 0.44 3.11 -0.54
N ASN A 973 0.51 3.06 -1.86
CA ASN A 973 1.53 2.28 -2.55
C ASN A 973 2.93 2.79 -2.20
N ARG A 974 3.10 4.11 -2.21
CA ARG A 974 4.42 4.68 -1.91
C ARG A 974 4.73 4.64 -0.42
N PHE A 975 3.77 4.98 0.42
CA PHE A 975 4.04 5.06 1.86
C PHE A 975 4.16 3.69 2.51
N SER A 976 3.59 2.65 1.91
CA SER A 976 3.69 1.31 2.48
C SER A 976 4.83 0.51 1.86
N LYS A 977 4.78 0.31 0.54
CA LYS A 977 5.70 -0.60 -0.11
C LYS A 977 7.10 0.01 -0.25
N ASP A 978 7.18 1.24 -0.77
CA ASP A 978 8.49 1.84 -1.03
C ASP A 978 9.25 2.12 0.27
N ILE A 979 8.56 2.59 1.30
CA ILE A 979 9.22 2.86 2.58
C ILE A 979 9.76 1.58 3.18
N ALA A 980 9.01 0.48 3.07
CA ALA A 980 9.48 -0.79 3.61
C ALA A 980 10.73 -1.27 2.88
N ILE A 981 10.79 -1.03 1.57
CA ILE A 981 11.96 -1.43 0.79
C ILE A 981 13.20 -0.68 1.26
N LEU A 982 13.07 0.62 1.50
CA LEU A 982 14.22 1.40 1.96
C LEU A 982 14.68 0.97 3.34
N ASP A 983 13.79 0.38 4.14
CA ASP A 983 14.15 -0.04 5.49
C ASP A 983 14.79 -1.42 5.51
N ASP A 984 14.17 -2.38 4.83
CA ASP A 984 14.59 -3.78 4.95
C ASP A 984 15.58 -4.19 3.87
N LEU A 985 15.18 -4.07 2.61
CA LEU A 985 15.94 -4.69 1.53
C LEU A 985 17.18 -3.89 1.16
N LEU A 986 17.03 -2.59 0.98
CA LEU A 986 18.12 -1.80 0.42
C LEU A 986 19.39 -1.80 1.25
N PRO A 987 19.37 -1.65 2.58
CA PRO A 987 20.64 -1.66 3.32
C PRO A 987 21.46 -2.93 3.16
N LEU A 988 20.82 -4.10 3.12
CA LEU A 988 21.57 -5.33 2.97
C LEU A 988 22.02 -5.58 1.53
N THR A 989 21.18 -5.21 0.56
CA THR A 989 21.53 -5.39 -0.84
C THR A 989 22.71 -4.51 -1.23
N ILE A 990 22.76 -3.29 -0.70
CA ILE A 990 23.90 -2.42 -0.94
C ILE A 990 25.16 -2.99 -0.29
N PHE A 991 25.04 -3.52 0.93
CA PHE A 991 26.20 -4.07 1.62
C PHE A 991 26.80 -5.24 0.84
N ASP A 992 25.95 -6.13 0.35
CA ASP A 992 26.46 -7.28 -0.40
C ASP A 992 27.12 -6.84 -1.70
N PHE A 993 26.52 -5.87 -2.40
CA PHE A 993 27.12 -5.36 -3.64
C PHE A 993 28.48 -4.73 -3.38
N ILE A 994 28.58 -3.92 -2.32
CA ILE A 994 29.85 -3.26 -2.00
C ILE A 994 30.91 -4.29 -1.65
N GLN A 995 30.53 -5.32 -0.89
CA GLN A 995 31.49 -6.35 -0.51
C GLN A 995 32.06 -7.06 -1.74
N LEU A 996 31.19 -7.46 -2.67
CA LEU A 996 31.65 -8.17 -3.85
C LEU A 996 32.51 -7.28 -4.73
N LEU A 997 32.16 -6.00 -4.85
CA LEU A 997 32.93 -5.09 -5.70
C LEU A 997 34.34 -4.90 -5.16
N LEU A 998 34.48 -4.77 -3.83
CA LEU A 998 35.81 -4.61 -3.25
C LEU A 998 36.66 -5.85 -3.45
N ILE A 999 36.05 -7.03 -3.41
CA ILE A 999 36.80 -8.27 -3.58
C ILE A 999 37.36 -8.38 -5.00
N VAL A 1000 36.53 -8.07 -6.00
CA VAL A 1000 36.99 -8.14 -7.38
C VAL A 1000 38.05 -7.09 -7.66
N ILE A 1001 37.83 -5.87 -7.18
CA ILE A 1001 38.80 -4.80 -7.42
C ILE A 1001 40.14 -5.12 -6.77
N GLY A 1002 40.11 -5.61 -5.53
CA GLY A 1002 41.35 -5.92 -4.84
C GLY A 1002 42.08 -7.10 -5.47
N ALA A 1003 41.36 -8.12 -5.90
CA ALA A 1003 41.99 -9.29 -6.49
C ALA A 1003 42.72 -8.92 -7.78
N ILE A 1004 42.08 -8.13 -8.64
CA ILE A 1004 42.73 -7.71 -9.88
C ILE A 1004 43.92 -6.82 -9.59
N ALA A 1005 43.78 -5.89 -8.65
CA ALA A 1005 44.85 -4.93 -8.37
C ALA A 1005 46.11 -5.64 -7.86
N VAL A 1006 45.95 -6.65 -7.00
CA VAL A 1006 47.11 -7.33 -6.43
C VAL A 1006 47.85 -8.12 -7.50
N VAL A 1007 47.13 -8.88 -8.33
CA VAL A 1007 47.79 -9.72 -9.31
C VAL A 1007 48.27 -8.93 -10.52
N ALA A 1008 47.71 -7.74 -10.77
CA ALA A 1008 48.16 -6.96 -11.93
C ALA A 1008 49.56 -6.41 -11.71
N VAL A 1009 49.86 -5.92 -10.52
CA VAL A 1009 51.17 -5.31 -10.28
C VAL A 1009 52.27 -6.37 -10.29
N LEU A 1010 51.99 -7.55 -9.74
CA LEU A 1010 52.99 -8.62 -9.74
C LEU A 1010 53.03 -9.37 -11.06
N GLN A 1011 51.94 -9.40 -11.81
CA GLN A 1011 51.88 -10.10 -13.09
C GLN A 1011 51.02 -9.31 -14.05
N PRO A 1012 51.63 -8.34 -14.77
CA PRO A 1012 50.82 -7.44 -15.60
C PRO A 1012 50.39 -8.05 -16.94
N TYR A 1013 49.88 -9.28 -16.89
CA TYR A 1013 49.21 -9.88 -18.04
C TYR A 1013 47.83 -10.40 -17.70
N ILE A 1014 47.54 -10.69 -16.43
CA ILE A 1014 46.20 -11.07 -16.02
C ILE A 1014 45.24 -9.91 -16.21
N PHE A 1015 45.68 -8.69 -15.89
CA PHE A 1015 44.84 -7.51 -16.12
C PHE A 1015 44.53 -7.34 -17.59
N VAL A 1016 45.50 -7.64 -18.46
CA VAL A 1016 45.26 -7.56 -19.90
C VAL A 1016 44.31 -8.66 -20.36
N ALA A 1017 44.48 -9.87 -19.82
CA ALA A 1017 43.67 -11.00 -20.27
C ALA A 1017 42.21 -10.88 -19.86
N THR A 1018 41.90 -10.11 -18.82
CA THR A 1018 40.54 -10.02 -18.32
C THR A 1018 39.73 -8.89 -18.94
N VAL A 1019 40.36 -8.02 -19.72
CA VAL A 1019 39.62 -6.90 -20.33
C VAL A 1019 38.49 -7.37 -21.23
N PRO A 1020 38.67 -8.35 -22.13
CA PRO A 1020 37.54 -8.74 -22.98
C PRO A 1020 36.33 -9.24 -22.21
N VAL A 1021 36.55 -9.89 -21.06
CA VAL A 1021 35.42 -10.38 -20.28
C VAL A 1021 34.73 -9.23 -19.55
N ILE A 1022 35.50 -8.28 -19.01
CA ILE A 1022 34.92 -7.18 -18.26
C ILE A 1022 34.07 -6.30 -19.17
N VAL A 1023 34.58 -5.97 -20.35
CA VAL A 1023 33.83 -5.11 -21.26
C VAL A 1023 32.57 -5.82 -21.75
N ALA A 1024 32.63 -7.14 -21.94
CA ALA A 1024 31.45 -7.87 -22.38
C ALA A 1024 30.34 -7.82 -21.34
N PHE A 1025 30.69 -7.95 -20.05
CA PHE A 1025 29.70 -7.90 -19.00
C PHE A 1025 29.08 -6.50 -18.90
N ILE A 1026 29.90 -5.46 -19.07
CA ILE A 1026 29.40 -4.09 -18.93
C ILE A 1026 28.48 -3.73 -20.10
N MET A 1027 28.85 -4.14 -21.32
CA MET A 1027 28.03 -3.81 -22.48
C MET A 1027 26.66 -4.47 -22.41
N LEU A 1028 26.60 -5.74 -22.00
CA LEU A 1028 25.32 -6.41 -21.89
C LEU A 1028 24.46 -5.78 -20.79
N ARG A 1029 25.09 -5.36 -19.70
CA ARG A 1029 24.35 -4.71 -18.62
C ARG A 1029 23.71 -3.41 -19.10
N ALA A 1030 24.46 -2.60 -19.85
CA ALA A 1030 23.90 -1.35 -20.36
C ALA A 1030 22.76 -1.59 -21.33
N TYR A 1031 22.88 -2.62 -22.18
CA TYR A 1031 21.82 -2.95 -23.12
C TYR A 1031 20.56 -3.39 -22.39
N PHE A 1032 20.71 -4.22 -21.35
CA PHE A 1032 19.55 -4.76 -20.65
C PHE A 1032 18.84 -3.70 -19.82
N LEU A 1033 19.60 -2.82 -19.18
CA LEU A 1033 18.98 -1.86 -18.25
C LEU A 1033 18.11 -0.83 -18.95
N GLN A 1034 18.25 -0.65 -20.26
CA GLN A 1034 17.34 0.25 -20.98
C GLN A 1034 15.90 -0.23 -20.90
N THR A 1035 15.70 -1.55 -20.99
CA THR A 1035 14.37 -2.14 -20.97
C THR A 1035 13.94 -2.54 -19.56
N SER A 1036 14.89 -2.96 -18.72
CA SER A 1036 14.56 -3.43 -17.38
C SER A 1036 13.96 -2.31 -16.53
N GLN A 1037 14.52 -1.11 -16.63
CA GLN A 1037 14.05 0.00 -15.81
C GLN A 1037 12.64 0.42 -16.18
N GLN A 1038 12.28 0.33 -17.47
CA GLN A 1038 10.92 0.70 -17.86
C GLN A 1038 9.90 -0.32 -17.38
N LEU A 1039 10.23 -1.60 -17.46
CA LEU A 1039 9.31 -2.64 -17.00
C LEU A 1039 9.11 -2.59 -15.50
N LYS A 1040 10.17 -2.29 -14.75
CA LYS A 1040 10.03 -2.19 -13.30
C LYS A 1040 9.19 -0.98 -12.91
N GLN A 1041 9.31 0.12 -13.64
CA GLN A 1041 8.48 1.29 -13.39
C GLN A 1041 7.00 0.97 -13.65
N LEU A 1042 6.71 0.23 -14.72
CA LEU A 1042 5.33 -0.13 -15.02
C LEU A 1042 4.78 -1.12 -13.98
N GLU A 1043 5.60 -2.04 -13.52
CA GLU A 1043 5.15 -3.01 -12.51
C GLU A 1043 4.88 -2.34 -11.18
N SER A 1044 5.73 -1.38 -10.78
CA SER A 1044 5.52 -0.69 -9.52
C SER A 1044 4.24 0.13 -9.54
N GLU A 1045 3.93 0.77 -10.66
CA GLU A 1045 2.70 1.53 -10.78
C GLU A 1045 1.49 0.63 -10.96
N GLY A 1046 1.69 -0.64 -11.30
CA GLY A 1046 0.59 -1.58 -11.39
C GLY A 1046 0.04 -2.06 -10.08
N ARG A 1047 0.73 -1.76 -8.97
CA ARG A 1047 0.25 -2.13 -7.65
C ARG A 1047 -0.80 -1.16 -7.12
N SER A 1048 -0.85 0.06 -7.63
CA SER A 1048 -1.82 1.04 -7.14
C SER A 1048 -3.27 0.63 -7.33
N PRO A 1049 -3.72 0.12 -8.49
CA PRO A 1049 -5.13 -0.24 -8.62
C PRO A 1049 -5.58 -1.30 -7.63
N ILE A 1050 -4.69 -2.19 -7.22
CA ILE A 1050 -5.05 -3.21 -6.23
C ILE A 1050 -5.39 -2.58 -4.90
N PHE A 1051 -4.58 -1.61 -4.46
CA PHE A 1051 -4.83 -0.95 -3.18
C PHE A 1051 -6.04 -0.02 -3.26
N THR A 1052 -6.25 0.62 -4.42
CA THR A 1052 -7.41 1.50 -4.57
C THR A 1052 -8.72 0.73 -4.45
N HIS A 1053 -8.79 -0.45 -5.07
CA HIS A 1053 -10.01 -1.24 -5.00
C HIS A 1053 -10.26 -1.77 -3.61
N LEU A 1054 -9.19 -2.08 -2.87
CA LEU A 1054 -9.35 -2.58 -1.51
C LEU A 1054 -9.90 -1.52 -0.57
N VAL A 1055 -9.48 -0.26 -0.76
CA VAL A 1055 -9.93 0.81 0.12
C VAL A 1055 -11.41 1.09 -0.10
N THR A 1056 -11.84 1.20 -1.36
CA THR A 1056 -13.21 1.60 -1.64
C THR A 1056 -14.20 0.50 -1.24
N SER A 1057 -13.80 -0.77 -1.33
CA SER A 1057 -14.72 -1.85 -0.99
C SER A 1057 -15.02 -1.88 0.51
N LEU A 1058 -14.04 -1.52 1.34
CA LEU A 1058 -14.27 -1.51 2.78
C LEU A 1058 -15.14 -0.33 3.21
N LYS A 1059 -15.01 0.81 2.54
CA LYS A 1059 -15.80 1.97 2.91
C LYS A 1059 -17.26 1.80 2.54
N GLY A 1060 -17.55 1.02 1.50
CA GLY A 1060 -18.92 0.81 1.05
C GLY A 1060 -19.42 -0.59 1.26
N LEU A 1061 -18.88 -1.31 2.25
CA LEU A 1061 -19.19 -2.72 2.43
C LEU A 1061 -20.68 -2.94 2.67
N TRP A 1062 -21.30 -2.12 3.51
CA TRP A 1062 -22.73 -2.30 3.77
C TRP A 1062 -23.58 -2.01 2.55
N THR A 1063 -23.19 -1.02 1.75
CA THR A 1063 -23.92 -0.74 0.51
C THR A 1063 -23.71 -1.84 -0.53
N LEU A 1064 -22.52 -2.45 -0.55
CA LEU A 1064 -22.27 -3.55 -1.47
C LEU A 1064 -23.21 -4.72 -1.21
N ARG A 1065 -23.35 -5.11 0.06
CA ARG A 1065 -24.19 -6.25 0.39
C ARG A 1065 -25.67 -5.93 0.20
N ALA A 1066 -26.08 -4.69 0.50
CA ALA A 1066 -27.49 -4.34 0.40
C ALA A 1066 -27.98 -4.43 -1.03
N PHE A 1067 -27.20 -3.94 -1.98
CA PHE A 1067 -27.59 -3.95 -3.39
C PHE A 1067 -27.14 -5.20 -4.12
N GLY A 1068 -26.40 -6.09 -3.47
CA GLY A 1068 -26.05 -7.37 -4.07
C GLY A 1068 -25.08 -7.29 -5.22
N ARG A 1069 -24.17 -6.31 -5.20
CA ARG A 1069 -23.21 -6.13 -6.29
C ARG A 1069 -21.87 -6.80 -6.01
N GLN A 1070 -21.83 -7.80 -5.13
CA GLN A 1070 -20.58 -8.50 -4.85
C GLN A 1070 -19.94 -9.14 -6.08
N PRO A 1071 -20.65 -9.84 -6.98
CA PRO A 1071 -19.97 -10.39 -8.17
C PRO A 1071 -19.34 -9.33 -9.05
N TYR A 1072 -19.95 -8.15 -9.14
CA TYR A 1072 -19.37 -7.08 -9.96
C TYR A 1072 -18.03 -6.61 -9.39
N PHE A 1073 -17.93 -6.47 -8.07
CA PHE A 1073 -16.69 -6.03 -7.46
C PHE A 1073 -15.62 -7.11 -7.50
N GLU A 1074 -16.01 -8.38 -7.41
CA GLU A 1074 -15.03 -9.46 -7.52
C GLU A 1074 -14.39 -9.50 -8.90
N THR A 1075 -15.18 -9.23 -9.94
CA THR A 1075 -14.64 -9.20 -11.29
C THR A 1075 -13.70 -8.02 -11.49
N LEU A 1076 -14.01 -6.87 -10.89
CA LEU A 1076 -13.14 -5.71 -11.01
C LEU A 1076 -11.82 -5.92 -10.28
N PHE A 1077 -11.83 -6.70 -9.20
CA PHE A 1077 -10.59 -7.02 -8.51
C PHE A 1077 -9.70 -7.92 -9.34
N HIS A 1078 -10.29 -8.82 -10.13
CA HIS A 1078 -9.50 -9.69 -11.00
C HIS A 1078 -8.84 -8.90 -12.11
N LYS A 1079 -9.47 -7.82 -12.58
CA LYS A 1079 -8.83 -6.95 -13.57
C LYS A 1079 -7.57 -6.33 -12.99
N ALA A 1080 -7.61 -5.90 -11.73
CA ALA A 1080 -6.44 -5.31 -11.11
C ALA A 1080 -5.32 -6.33 -10.95
N LEU A 1081 -5.68 -7.58 -10.62
CA LEU A 1081 -4.68 -8.63 -10.51
C LEU A 1081 -4.07 -8.96 -11.86
N ASN A 1082 -4.90 -9.13 -12.88
CA ASN A 1082 -4.39 -9.45 -14.21
C ASN A 1082 -3.55 -8.32 -14.78
N LEU A 1083 -3.88 -7.07 -14.44
CA LEU A 1083 -3.10 -5.95 -14.92
C LEU A 1083 -1.70 -5.95 -14.32
N HIS A 1084 -1.60 -6.21 -13.01
CA HIS A 1084 -0.29 -6.29 -12.38
C HIS A 1084 0.52 -7.48 -12.88
N THR A 1085 -0.15 -8.63 -13.06
CA THR A 1085 0.54 -9.84 -13.50
C THR A 1085 1.18 -9.66 -14.87
N ALA A 1086 0.52 -8.91 -15.76
CA ALA A 1086 1.06 -8.75 -17.11
C ALA A 1086 2.43 -8.10 -17.10
N ASN A 1087 2.60 -7.05 -16.30
CA ASN A 1087 3.90 -6.39 -16.21
C ASN A 1087 4.89 -7.21 -15.40
N TRP A 1088 4.46 -7.79 -14.27
CA TRP A 1088 5.37 -8.53 -13.40
C TRP A 1088 5.91 -9.77 -14.08
N PHE A 1089 5.05 -10.50 -14.79
CA PHE A 1089 5.52 -11.69 -15.51
C PHE A 1089 6.51 -11.31 -16.60
N LEU A 1090 6.25 -10.20 -17.29
CA LEU A 1090 7.14 -9.78 -18.38
C LEU A 1090 8.48 -9.30 -17.84
N TYR A 1091 8.47 -8.61 -16.70
CA TYR A 1091 9.72 -8.20 -16.08
C TYR A 1091 10.55 -9.40 -15.63
N LEU A 1092 9.88 -10.39 -15.02
CA LEU A 1092 10.60 -11.55 -14.52
C LEU A 1092 11.16 -12.40 -15.66
N SER A 1093 10.53 -12.37 -16.82
CA SER A 1093 10.99 -13.18 -17.95
C SER A 1093 12.24 -12.59 -18.59
N THR A 1094 12.28 -11.26 -18.76
CA THR A 1094 13.46 -10.64 -19.36
C THR A 1094 14.65 -10.68 -18.43
N LEU A 1095 14.41 -10.69 -17.11
CA LEU A 1095 15.51 -10.86 -16.16
C LEU A 1095 16.16 -12.23 -16.30
N ARG A 1096 15.36 -13.27 -16.50
CA ARG A 1096 15.91 -14.61 -16.69
C ARG A 1096 16.73 -14.71 -17.96
N TRP A 1097 16.33 -13.97 -19.01
CA TRP A 1097 17.12 -13.92 -20.23
C TRP A 1097 18.51 -13.35 -19.95
N PHE A 1098 18.56 -12.23 -19.23
CA PHE A 1098 19.84 -11.57 -18.96
C PHE A 1098 20.77 -12.47 -18.14
N GLN A 1099 20.24 -13.07 -17.07
CA GLN A 1099 21.11 -13.86 -16.20
C GLN A 1099 21.55 -15.15 -16.87
N MET A 1100 20.78 -15.65 -17.83
CA MET A 1100 21.21 -16.82 -18.60
C MET A 1100 22.30 -16.45 -19.60
N ARG A 1101 22.16 -15.28 -20.25
CA ARG A 1101 23.16 -14.85 -21.22
C ARG A 1101 24.47 -14.46 -20.54
N ILE A 1102 24.40 -13.90 -19.34
CA ILE A 1102 25.64 -13.52 -18.65
C ILE A 1102 26.45 -14.76 -18.30
N GLU A 1103 25.80 -15.91 -18.13
CA GLU A 1103 26.52 -17.15 -17.88
C GLU A 1103 26.97 -17.81 -19.17
N MET A 1104 26.18 -17.69 -20.24
CA MET A 1104 26.61 -18.21 -21.54
C MET A 1104 27.82 -17.47 -22.07
N ILE A 1105 27.88 -16.15 -21.85
CA ILE A 1105 29.06 -15.38 -22.23
C ILE A 1105 30.28 -15.87 -21.47
N PHE A 1106 30.12 -16.15 -20.18
CA PHE A 1106 31.21 -16.71 -19.39
C PHE A 1106 31.66 -18.06 -19.93
N VAL A 1107 30.72 -18.87 -20.42
CA VAL A 1107 31.06 -20.22 -20.86
C VAL A 1107 31.94 -20.19 -22.11
N ILE A 1108 31.60 -19.35 -23.10
CA ILE A 1108 32.38 -19.33 -24.33
C ILE A 1108 33.80 -18.85 -24.07
N PHE A 1109 33.97 -17.87 -23.17
CA PHE A 1109 35.31 -17.44 -22.82
C PHE A 1109 36.08 -18.51 -22.09
N PHE A 1110 35.39 -19.30 -21.26
CA PHE A 1110 36.05 -20.41 -20.57
C PHE A 1110 36.39 -21.54 -21.53
N ILE A 1111 35.50 -21.80 -22.49
CA ILE A 1111 35.77 -22.83 -23.50
C ILE A 1111 36.98 -22.43 -24.35
N ALA A 1112 37.02 -21.16 -24.77
CA ALA A 1112 38.16 -20.68 -25.54
C ALA A 1112 39.45 -20.75 -24.75
N VAL A 1113 39.41 -20.37 -23.48
CA VAL A 1113 40.58 -20.42 -22.62
C VAL A 1113 41.04 -21.87 -22.43
N THR A 1114 40.10 -22.78 -22.23
CA THR A 1114 40.45 -24.17 -21.91
C THR A 1114 41.29 -24.80 -23.02
N PHE A 1115 40.81 -24.74 -24.26
CA PHE A 1115 41.50 -25.41 -25.35
C PHE A 1115 42.83 -24.72 -25.69
N ILE A 1116 42.86 -23.39 -25.60
CA ILE A 1116 44.11 -22.66 -25.84
C ILE A 1116 45.15 -23.05 -24.81
N SER A 1117 44.76 -23.13 -23.54
CA SER A 1117 45.69 -23.47 -22.48
C SER A 1117 46.29 -24.86 -22.69
N ILE A 1118 45.44 -25.84 -23.03
CA ILE A 1118 45.90 -27.22 -23.16
C ILE A 1118 46.81 -27.37 -24.37
N LEU A 1119 46.41 -26.79 -25.51
CA LEU A 1119 47.18 -26.98 -26.74
C LEU A 1119 48.49 -26.21 -26.74
N THR A 1120 48.53 -25.05 -26.09
CA THR A 1120 49.75 -24.26 -26.03
C THR A 1120 50.78 -24.82 -25.06
N THR A 1121 50.35 -25.65 -24.11
CA THR A 1121 51.26 -26.25 -23.15
C THR A 1121 52.17 -27.22 -23.88
N GLY A 1122 53.44 -26.83 -24.04
CA GLY A 1122 54.39 -27.63 -24.76
C GLY A 1122 55.00 -28.70 -23.90
N GLU A 1123 56.16 -29.19 -24.35
CA GLU A 1123 56.86 -30.24 -23.60
C GLU A 1123 57.26 -29.76 -22.22
N GLY A 1124 57.59 -28.48 -22.09
CA GLY A 1124 58.00 -27.91 -20.81
C GLY A 1124 57.19 -26.68 -20.45
N GLU A 1125 56.80 -26.60 -19.18
CA GLU A 1125 56.16 -25.42 -18.58
C GLU A 1125 54.87 -25.12 -19.34
N GLY A 1126 54.70 -23.92 -19.89
CA GLY A 1126 53.45 -23.46 -20.45
C GLY A 1126 52.88 -22.35 -19.61
N ARG A 1127 53.09 -21.11 -20.05
CA ARG A 1127 52.73 -19.94 -19.27
C ARG A 1127 51.39 -19.33 -19.67
N VAL A 1128 50.93 -19.61 -20.88
CA VAL A 1128 49.64 -19.09 -21.32
C VAL A 1128 48.51 -19.68 -20.48
N GLY A 1129 48.58 -20.98 -20.19
CA GLY A 1129 47.55 -21.59 -19.39
C GLY A 1129 47.53 -21.09 -17.96
N ILE A 1130 48.71 -20.78 -17.41
CA ILE A 1130 48.77 -20.27 -16.04
C ILE A 1130 48.10 -18.91 -15.94
N ILE A 1131 48.33 -18.04 -16.92
CA ILE A 1131 47.78 -16.69 -16.87
C ILE A 1131 46.28 -16.70 -17.16
N LEU A 1132 45.87 -17.41 -18.21
CA LEU A 1132 44.47 -17.35 -18.63
C LEU A 1132 43.54 -18.00 -17.62
N THR A 1133 43.95 -19.12 -17.02
CA THR A 1133 43.09 -19.79 -16.05
C THR A 1133 42.94 -18.97 -14.78
N LEU A 1134 43.97 -18.20 -14.40
CA LEU A 1134 43.82 -17.27 -13.30
C LEU A 1134 42.78 -16.21 -13.61
N ALA A 1135 42.79 -15.67 -14.83
CA ALA A 1135 41.88 -14.60 -15.19
C ALA A 1135 40.43 -15.06 -15.12
N MET A 1136 40.16 -16.29 -15.56
CA MET A 1136 38.79 -16.79 -15.49
C MET A 1136 38.33 -17.06 -14.07
N ASN A 1137 39.27 -17.41 -13.18
CA ASN A 1137 38.91 -17.59 -11.77
C ASN A 1137 38.45 -16.28 -11.14
N ILE A 1138 39.05 -15.16 -11.56
CA ILE A 1138 38.62 -13.86 -11.05
C ILE A 1138 37.25 -13.50 -11.60
N MET A 1139 37.00 -13.79 -12.87
CA MET A 1139 35.74 -13.42 -13.50
C MET A 1139 34.56 -14.25 -13.01
N SER A 1140 34.81 -15.34 -12.29
CA SER A 1140 33.71 -16.06 -11.65
C SER A 1140 33.04 -15.20 -10.58
N THR A 1141 33.83 -14.41 -9.86
CA THR A 1141 33.29 -13.53 -8.83
C THR A 1141 32.60 -12.32 -9.44
N LEU A 1142 33.11 -11.81 -10.55
CA LEU A 1142 32.47 -10.65 -11.19
C LEU A 1142 31.09 -10.99 -11.71
N GLN A 1143 30.88 -12.25 -12.12
CA GLN A 1143 29.55 -12.68 -12.53
C GLN A 1143 28.56 -12.54 -11.38
N TRP A 1144 28.98 -12.88 -10.16
CA TRP A 1144 28.14 -12.67 -9.00
C TRP A 1144 27.93 -11.19 -8.72
N ALA A 1145 28.98 -10.38 -8.91
CA ALA A 1145 28.86 -8.95 -8.65
C ALA A 1145 27.94 -8.28 -9.66
N VAL A 1146 27.97 -8.70 -10.92
CA VAL A 1146 27.12 -8.09 -11.94
C VAL A 1146 25.66 -8.40 -11.65
N ASN A 1147 25.35 -9.65 -11.29
CA ASN A 1147 23.98 -9.99 -10.93
C ASN A 1147 23.51 -9.24 -9.69
N SER A 1148 24.41 -9.04 -8.73
CA SER A 1148 24.07 -8.26 -7.55
C SER A 1148 23.82 -6.80 -7.90
N SER A 1149 24.49 -6.29 -8.94
CA SER A 1149 24.29 -4.91 -9.34
C SER A 1149 22.90 -4.69 -9.94
N ILE A 1150 22.35 -5.71 -10.60
CA ILE A 1150 21.00 -5.61 -11.14
C ILE A 1150 19.98 -5.55 -10.02
N ASP A 1151 20.23 -6.28 -8.93
CA ASP A 1151 19.30 -6.24 -7.79
C ASP A 1151 19.29 -4.86 -7.14
N VAL A 1152 20.45 -4.21 -7.06
CA VAL A 1152 20.50 -2.87 -6.49
C VAL A 1152 19.69 -1.88 -7.33
N ASP A 1153 19.86 -1.96 -8.65
CA ASP A 1153 19.17 -1.02 -9.54
C ASP A 1153 17.67 -1.26 -9.55
N SER A 1154 17.23 -2.50 -9.33
CA SER A 1154 15.80 -2.77 -9.22
C SER A 1154 15.20 -2.06 -8.01
N LEU A 1155 15.94 -2.05 -6.90
CA LEU A 1155 15.44 -1.40 -5.68
C LEU A 1155 15.54 0.11 -5.75
N MET A 1156 16.49 0.64 -6.54
CA MET A 1156 16.64 2.08 -6.66
C MET A 1156 15.49 2.74 -7.40
N ARG A 1157 14.60 1.96 -8.03
CA ARG A 1157 13.38 2.55 -8.57
C ARG A 1157 12.50 3.10 -7.46
N SER A 1158 12.46 2.43 -6.32
CA SER A 1158 11.70 2.92 -5.18
C SER A 1158 12.27 4.23 -4.65
N VAL A 1159 13.58 4.43 -4.77
CA VAL A 1159 14.18 5.69 -4.34
C VAL A 1159 13.75 6.83 -5.26
N SER A 1160 13.70 6.58 -6.56
CA SER A 1160 13.30 7.62 -7.51
C SER A 1160 11.83 7.97 -7.36
N ARG A 1161 10.98 7.00 -7.05
CA ARG A 1161 9.56 7.31 -6.83
C ARG A 1161 9.36 8.14 -5.57
N VAL A 1162 10.19 7.92 -4.54
CA VAL A 1162 10.10 8.74 -3.33
C VAL A 1162 10.51 10.17 -3.63
N PHE A 1163 11.61 10.36 -4.36
CA PHE A 1163 12.08 11.70 -4.69
C PHE A 1163 11.06 12.45 -5.54
N LYS A 1164 10.27 11.73 -6.34
CA LYS A 1164 9.26 12.39 -7.17
C LYS A 1164 8.17 13.04 -6.32
N PHE A 1165 7.83 12.43 -5.18
CA PHE A 1165 6.87 13.06 -4.29
C PHE A 1165 7.48 14.22 -3.52
N ILE A 1166 8.77 14.13 -3.18
CA ILE A 1166 9.43 15.23 -2.47
C ILE A 1166 9.50 16.47 -3.35
N ASP A 1167 9.63 16.28 -4.66
CA ASP A 1167 9.71 17.40 -5.59
C ASP A 1167 8.36 18.02 -5.92
N MET A 1168 7.28 17.59 -5.27
CA MET A 1168 5.97 18.18 -5.52
C MET A 1168 5.98 19.66 -5.12
N PRO A 1169 5.39 20.55 -5.90
CA PRO A 1169 5.43 21.98 -5.57
C PRO A 1169 4.69 22.28 -4.28
N THR A 1170 5.19 23.28 -3.55
CA THR A 1170 4.49 23.79 -2.38
C THR A 1170 3.43 24.81 -2.79
N GLU A 1171 2.37 24.90 -1.96
CA GLU A 1171 1.28 25.82 -2.26
C GLU A 1171 1.65 27.27 -2.01
N GLY A 1172 2.67 27.53 -1.19
CA GLY A 1172 3.09 28.90 -0.91
C GLY A 1172 3.95 29.51 -2.01
N ILE A 1202 -1.53 43.35 17.07
CA ILE A 1202 -2.83 42.70 17.15
C ILE A 1202 -3.57 42.87 15.83
N TRP A 1203 -3.26 42.01 14.86
CA TRP A 1203 -3.89 42.13 13.55
C TRP A 1203 -5.38 41.83 13.62
N PRO A 1204 -5.82 40.60 13.99
CA PRO A 1204 -7.27 40.37 14.02
C PRO A 1204 -7.88 40.98 15.27
N SER A 1205 -8.46 42.17 15.13
CA SER A 1205 -9.00 42.88 16.28
C SER A 1205 -10.44 43.30 16.03
N GLY A 1206 -10.74 43.67 14.79
CA GLY A 1206 -12.07 44.12 14.44
C GLY A 1206 -12.91 43.05 13.77
N GLY A 1207 -12.32 42.35 12.81
CA GLY A 1207 -13.05 41.41 11.99
C GLY A 1207 -13.69 41.99 10.76
N GLN A 1208 -13.51 43.29 10.51
CA GLN A 1208 -13.99 43.89 9.28
C GLN A 1208 -13.23 43.35 8.08
N MET A 1209 -13.94 43.06 7.00
CA MET A 1209 -13.31 42.47 5.82
C MET A 1209 -14.01 42.97 4.57
N THR A 1210 -13.22 43.35 3.57
CA THR A 1210 -13.71 43.88 2.30
C THR A 1210 -13.23 42.99 1.17
N VAL A 1211 -14.13 42.68 0.23
CA VAL A 1211 -13.84 41.80 -0.89
C VAL A 1211 -13.99 42.57 -2.19
N LYS A 1212 -13.05 42.38 -3.11
CA LYS A 1212 -13.05 43.07 -4.40
C LYS A 1212 -12.71 42.09 -5.51
N ASP A 1213 -13.64 41.92 -6.46
CA ASP A 1213 -13.38 41.21 -7.71
C ASP A 1213 -12.85 39.80 -7.47
N LEU A 1214 -13.43 39.10 -6.50
CA LEU A 1214 -13.04 37.73 -6.22
C LEU A 1214 -13.60 36.80 -7.28
N THR A 1215 -12.73 36.03 -7.92
CA THR A 1215 -13.12 34.98 -8.87
C THR A 1215 -12.55 33.67 -8.38
N ALA A 1216 -13.41 32.66 -8.23
CA ALA A 1216 -13.02 31.37 -7.68
C ALA A 1216 -13.16 30.27 -8.73
N LYS A 1217 -12.12 29.46 -8.87
CA LYS A 1217 -12.13 28.34 -9.80
C LYS A 1217 -11.26 27.23 -9.23
N TYR A 1218 -11.71 25.98 -9.40
CA TYR A 1218 -11.01 24.86 -8.79
C TYR A 1218 -9.74 24.50 -9.54
N THR A 1219 -9.76 24.58 -10.87
CA THR A 1219 -8.59 24.27 -11.68
C THR A 1219 -8.21 25.47 -12.53
N GLU A 1220 -6.90 25.63 -12.74
CA GLU A 1220 -6.42 26.67 -13.64
C GLU A 1220 -6.84 26.34 -15.06
N GLY A 1221 -7.41 27.32 -15.75
CA GLY A 1221 -7.99 27.07 -17.05
C GLY A 1221 -9.38 26.44 -17.01
N GLY A 1222 -9.96 26.29 -15.82
CA GLY A 1222 -11.30 25.75 -15.70
C GLY A 1222 -12.36 26.82 -15.60
N ASN A 1223 -13.61 26.37 -15.56
CA ASN A 1223 -14.74 27.28 -15.41
C ASN A 1223 -14.79 27.87 -14.00
N ALA A 1224 -15.16 29.14 -13.90
CA ALA A 1224 -15.27 29.80 -12.62
C ALA A 1224 -16.59 29.44 -11.93
N ILE A 1225 -16.55 29.32 -10.62
CA ILE A 1225 -17.75 29.05 -9.83
C ILE A 1225 -18.32 30.37 -9.34
N LEU A 1226 -17.45 31.32 -9.02
CA LEU A 1226 -17.85 32.66 -8.62
C LEU A 1226 -17.09 33.66 -9.48
N GLU A 1227 -17.75 34.77 -9.79
CA GLU A 1227 -17.19 35.77 -10.70
C GLU A 1227 -17.42 37.16 -10.15
N ASN A 1228 -16.34 37.92 -9.97
CA ASN A 1228 -16.40 39.34 -9.62
C ASN A 1228 -17.24 39.58 -8.37
N ILE A 1229 -17.01 38.76 -7.34
CA ILE A 1229 -17.73 38.91 -6.08
C ILE A 1229 -17.17 40.10 -5.32
N SER A 1230 -18.06 40.94 -4.79
CA SER A 1230 -17.66 42.09 -4.01
C SER A 1230 -18.70 42.39 -2.94
N PHE A 1231 -18.24 42.61 -1.71
CA PHE A 1231 -19.10 42.99 -0.60
C PHE A 1231 -18.21 43.42 0.55
N SER A 1232 -18.84 43.92 1.61
CA SER A 1232 -18.14 44.32 2.83
C SER A 1232 -18.93 43.89 4.05
N ILE A 1233 -18.23 43.43 5.08
CA ILE A 1233 -18.83 43.01 6.34
C ILE A 1233 -18.29 43.91 7.45
N SER A 1234 -19.20 44.59 8.13
CA SER A 1234 -18.80 45.44 9.25
C SER A 1234 -18.33 44.58 10.42
N PRO A 1235 -17.49 45.12 11.29
CA PRO A 1235 -16.94 44.31 12.39
C PRO A 1235 -18.01 43.92 13.40
N GLY A 1236 -18.07 42.63 13.72
CA GLY A 1236 -18.86 42.13 14.82
C GLY A 1236 -20.24 41.60 14.46
N GLN A 1237 -20.68 41.78 13.21
CA GLN A 1237 -22.01 41.33 12.82
C GLN A 1237 -21.99 39.91 12.30
N ARG A 1238 -23.16 39.28 12.28
CA ARG A 1238 -23.33 37.92 11.81
C ARG A 1238 -23.99 37.92 10.43
N VAL A 1239 -23.53 37.02 9.56
CA VAL A 1239 -23.95 36.97 8.17
C VAL A 1239 -24.56 35.61 7.87
N GLY A 1240 -25.71 35.60 7.21
CA GLY A 1240 -26.32 34.37 6.75
C GLY A 1240 -26.09 34.11 5.28
N LEU A 1241 -25.38 33.03 4.97
CA LEU A 1241 -25.08 32.65 3.59
C LEU A 1241 -26.14 31.67 3.12
N LEU A 1242 -26.96 32.09 2.16
CA LEU A 1242 -28.05 31.28 1.64
C LEU A 1242 -27.77 30.90 0.19
N GLY A 1243 -28.61 30.01 -0.33
CA GLY A 1243 -28.51 29.55 -1.70
C GLY A 1243 -28.89 28.09 -1.82
N ARG A 1244 -29.20 27.68 -3.06
CA ARG A 1244 -29.56 26.31 -3.34
C ARG A 1244 -28.33 25.40 -3.22
N THR A 1245 -28.58 24.12 -3.02
CA THR A 1245 -27.50 23.13 -3.00
C THR A 1245 -26.75 23.13 -4.33
N GLY A 1246 -25.42 23.10 -4.26
CA GLY A 1246 -24.60 23.15 -5.44
C GLY A 1246 -24.39 24.52 -6.04
N SER A 1247 -24.83 25.58 -5.35
CA SER A 1247 -24.67 26.93 -5.89
C SER A 1247 -23.26 27.46 -5.74
N GLY A 1248 -22.54 27.04 -4.69
CA GLY A 1248 -21.20 27.52 -4.47
C GLY A 1248 -20.98 28.14 -3.10
N LYS A 1249 -21.78 27.72 -2.13
CA LYS A 1249 -21.62 28.23 -0.77
C LYS A 1249 -20.32 27.73 -0.13
N SER A 1250 -20.01 26.45 -0.28
CA SER A 1250 -18.76 25.92 0.26
C SER A 1250 -17.56 26.41 -0.53
N THR A 1251 -17.75 26.71 -1.82
CA THR A 1251 -16.66 27.28 -2.61
C THR A 1251 -16.27 28.66 -2.08
N LEU A 1252 -17.26 29.47 -1.70
CA LEU A 1252 -16.96 30.79 -1.17
C LEU A 1252 -16.17 30.70 0.12
N LEU A 1253 -16.54 29.77 1.01
CA LEU A 1253 -15.82 29.61 2.27
C LEU A 1253 -14.40 29.12 2.04
N SER A 1254 -14.21 28.23 1.06
CA SER A 1254 -12.87 27.77 0.73
C SER A 1254 -12.04 28.87 0.09
N ALA A 1255 -12.68 29.82 -0.59
CA ALA A 1255 -11.95 30.89 -1.24
C ALA A 1255 -11.29 31.83 -0.24
N PHE A 1256 -11.88 31.99 0.94
CA PHE A 1256 -11.27 32.83 1.98
C PHE A 1256 -9.93 32.26 2.42
N LEU A 1257 -9.85 30.94 2.56
CA LEU A 1257 -8.66 30.27 3.04
C LEU A 1257 -7.65 29.95 1.94
N ARG A 1258 -7.94 30.34 0.70
CA ARG A 1258 -7.08 30.08 -0.45
C ARG A 1258 -6.87 28.58 -0.65
N LEU A 1259 -7.95 27.81 -0.50
CA LEU A 1259 -7.93 26.39 -0.83
C LEU A 1259 -8.18 26.12 -2.29
N LEU A 1260 -8.32 27.17 -3.12
CA LEU A 1260 -8.51 27.02 -4.55
C LEU A 1260 -7.89 28.24 -5.24
N ASN A 1261 -7.89 28.18 -6.57
CA ASN A 1261 -7.28 29.24 -7.37
C ASN A 1261 -8.12 30.51 -7.30
N THR A 1262 -7.55 31.57 -6.75
CA THR A 1262 -8.24 32.84 -6.56
C THR A 1262 -7.56 33.93 -7.37
N GLU A 1263 -8.35 34.93 -7.76
CA GLU A 1263 -7.86 36.04 -8.57
C GLU A 1263 -8.28 37.41 -8.06
N GLY A 1264 -8.84 37.49 -6.87
CA GLY A 1264 -9.37 38.72 -6.33
C GLY A 1264 -8.47 39.39 -5.31
N GLU A 1265 -9.08 40.16 -4.41
CA GLU A 1265 -8.39 40.87 -3.36
C GLU A 1265 -9.28 40.95 -2.14
N ILE A 1266 -8.75 40.58 -0.98
CA ILE A 1266 -9.48 40.59 0.29
C ILE A 1266 -8.63 41.28 1.34
N GLN A 1267 -9.22 42.22 2.06
CA GLN A 1267 -8.52 42.99 3.09
C GLN A 1267 -9.22 42.84 4.42
N ILE A 1268 -8.63 42.10 5.35
CA ILE A 1268 -9.15 41.96 6.69
C ILE A 1268 -8.47 42.99 7.59
N ASP A 1269 -9.26 43.94 8.09
CA ASP A 1269 -8.76 45.00 8.99
C ASP A 1269 -7.62 45.79 8.34
N GLY A 1270 -7.70 45.98 7.02
CA GLY A 1270 -6.78 46.83 6.32
C GLY A 1270 -5.58 46.16 5.70
N VAL A 1271 -5.29 44.91 6.04
CA VAL A 1271 -4.14 44.21 5.48
C VAL A 1271 -4.62 43.30 4.35
N SER A 1272 -3.89 43.32 3.24
CA SER A 1272 -4.22 42.47 2.11
C SER A 1272 -3.71 41.05 2.33
N TRP A 1273 -4.45 40.08 1.77
CA TRP A 1273 -4.06 38.69 1.92
C TRP A 1273 -2.77 38.36 1.18
N ASP A 1274 -2.37 39.17 0.20
CA ASP A 1274 -1.12 38.93 -0.51
C ASP A 1274 0.09 39.33 0.34
N SER A 1275 -0.02 40.43 1.08
CA SER A 1275 1.10 40.94 1.84
C SER A 1275 1.53 39.96 2.93
N ILE A 1276 0.59 39.55 3.75
CA ILE A 1276 0.88 38.65 4.86
C ILE A 1276 1.00 37.22 4.33
N THR A 1277 1.82 36.42 4.99
CA THR A 1277 2.05 35.05 4.54
C THR A 1277 0.82 34.19 4.74
N LEU A 1278 0.73 33.12 3.94
CA LEU A 1278 -0.44 32.25 3.98
C LEU A 1278 -0.64 31.62 5.35
N GLN A 1279 0.46 31.27 6.03
CA GLN A 1279 0.35 30.58 7.31
C GLN A 1279 -0.30 31.46 8.37
N GLN A 1280 -0.01 32.76 8.35
CA GLN A 1280 -0.65 33.67 9.29
C GLN A 1280 -2.08 34.00 8.88
N TRP A 1281 -2.35 34.04 7.58
CA TRP A 1281 -3.68 34.39 7.09
C TRP A 1281 -4.72 33.38 7.57
N ARG A 1282 -4.43 32.09 7.42
CA ARG A 1282 -5.39 31.06 7.81
C ARG A 1282 -5.59 30.99 9.32
N LYS A 1283 -4.63 31.46 10.11
CA LYS A 1283 -4.74 31.37 11.56
C LYS A 1283 -5.73 32.35 12.14
N ALA A 1284 -6.21 33.31 11.35
CA ALA A 1284 -7.22 34.26 11.80
C ALA A 1284 -8.63 33.69 11.77
N PHE A 1285 -8.82 32.49 11.22
CA PHE A 1285 -10.14 31.93 11.00
C PHE A 1285 -10.39 30.73 11.92
N GLY A 1286 -11.63 30.60 12.38
CA GLY A 1286 -12.10 29.40 13.02
C GLY A 1286 -13.14 28.73 12.16
N VAL A 1287 -12.90 27.48 11.77
CA VAL A 1287 -13.65 26.84 10.70
C VAL A 1287 -14.36 25.61 11.23
N ILE A 1288 -15.60 25.41 10.79
CA ILE A 1288 -16.33 24.17 10.96
C ILE A 1288 -16.59 23.59 9.59
N PRO A 1289 -15.79 22.61 9.16
CA PRO A 1289 -15.98 22.02 7.83
C PRO A 1289 -17.30 21.28 7.72
N GLN A 1290 -17.83 21.23 6.48
CA GLN A 1290 -19.02 20.44 6.23
C GLN A 1290 -18.73 18.95 6.39
N LYS A 1291 -17.55 18.51 5.98
CA LYS A 1291 -17.12 17.11 6.14
C LYS A 1291 -16.34 16.98 7.44
N VAL A 1292 -16.92 16.27 8.42
CA VAL A 1292 -16.28 16.12 9.72
C VAL A 1292 -15.09 15.17 9.62
N PHE A 1293 -14.02 15.49 10.33
CA PHE A 1293 -12.78 14.72 10.30
C PHE A 1293 -12.49 14.19 11.69
N ILE A 1294 -12.49 12.87 11.85
CA ILE A 1294 -12.12 12.20 13.09
C ILE A 1294 -11.08 11.14 12.75
N PHE A 1295 -9.95 11.17 13.45
CA PHE A 1295 -8.88 10.22 13.23
C PHE A 1295 -8.80 9.24 14.38
N SER A 1296 -8.13 8.12 14.13
CA SER A 1296 -7.97 7.08 15.15
C SER A 1296 -7.09 7.60 16.27
N GLY A 1297 -7.70 7.87 17.42
CA GLY A 1297 -6.97 8.43 18.53
C GLY A 1297 -7.89 8.73 19.68
N THR A 1298 -7.29 9.21 20.76
CA THR A 1298 -8.02 9.49 21.99
C THR A 1298 -9.00 10.63 21.79
N PHE A 1299 -10.06 10.64 22.61
CA PHE A 1299 -10.98 11.77 22.64
C PHE A 1299 -10.23 13.08 22.86
N ARG A 1300 -9.30 13.08 23.82
CA ARG A 1300 -8.54 14.29 24.12
C ARG A 1300 -7.68 14.72 22.94
N LYS A 1301 -7.09 13.76 22.24
CA LYS A 1301 -6.24 14.10 21.09
C LYS A 1301 -7.05 14.71 19.95
N ASN A 1302 -8.27 14.20 19.71
CA ASN A 1302 -9.11 14.75 18.66
C ASN A 1302 -9.51 16.19 18.97
N LEU A 1303 -9.84 16.47 20.23
CA LEU A 1303 -10.24 17.82 20.59
C LEU A 1303 -9.06 18.77 20.65
N ASP A 1304 -7.86 18.24 20.92
CA ASP A 1304 -6.68 19.07 21.14
C ASP A 1304 -5.46 18.29 20.69
N PRO A 1305 -5.06 18.45 19.42
CA PRO A 1305 -3.86 17.74 18.93
C PRO A 1305 -2.54 18.39 19.30
N TYR A 1306 -2.54 19.68 19.66
CA TYR A 1306 -1.31 20.34 20.05
C TYR A 1306 -1.07 20.29 21.55
N GLU A 1307 -2.01 19.76 22.33
CA GLU A 1307 -1.85 19.58 23.78
C GLU A 1307 -1.55 20.91 24.47
N GLN A 1308 -2.23 21.97 24.04
CA GLN A 1308 -2.03 23.30 24.58
C GLN A 1308 -3.12 23.74 25.56
N TRP A 1309 -4.09 22.87 25.85
CA TRP A 1309 -5.15 23.19 26.79
C TRP A 1309 -5.25 22.09 27.84
N SER A 1310 -5.64 22.50 29.05
CA SER A 1310 -5.73 21.58 30.17
C SER A 1310 -6.98 20.72 30.08
N ASP A 1311 -7.03 19.69 30.93
CA ASP A 1311 -8.22 18.85 31.02
C ASP A 1311 -9.41 19.65 31.54
N GLN A 1312 -9.18 20.55 32.49
CA GLN A 1312 -10.29 21.30 33.07
C GLN A 1312 -10.98 22.17 32.03
N GLU A 1313 -10.20 22.81 31.15
CA GLU A 1313 -10.79 23.58 30.06
C GLU A 1313 -11.57 22.70 29.10
N ILE A 1314 -11.05 21.50 28.82
CA ILE A 1314 -11.74 20.58 27.90
C ILE A 1314 -13.10 20.19 28.46
N TRP A 1315 -13.17 19.84 29.74
CA TRP A 1315 -14.46 19.52 30.35
C TRP A 1315 -15.37 20.73 30.40
N LYS A 1316 -14.80 21.93 30.56
CA LYS A 1316 -15.61 23.14 30.58
C LYS A 1316 -16.29 23.36 29.22
N VAL A 1317 -15.58 23.12 28.13
CA VAL A 1317 -16.18 23.22 26.81
C VAL A 1317 -17.20 22.09 26.62
N ALA A 1318 -16.90 20.90 27.12
CA ALA A 1318 -17.82 19.78 26.99
C ALA A 1318 -19.15 20.05 27.69
N ASP A 1319 -19.14 20.89 28.72
CA ASP A 1319 -20.39 21.27 29.37
C ASP A 1319 -21.23 22.16 28.47
N GLU A 1320 -20.61 23.11 27.78
CA GLU A 1320 -21.35 24.07 26.98
C GLU A 1320 -21.98 23.41 25.76
N VAL A 1321 -21.27 22.48 25.12
CA VAL A 1321 -21.73 21.86 23.89
C VAL A 1321 -22.46 20.55 24.12
N GLY A 1322 -22.60 20.12 25.37
CA GLY A 1322 -23.36 18.92 25.67
C GLY A 1322 -22.70 17.63 25.23
N LEU A 1323 -21.49 17.38 25.72
CA LEU A 1323 -20.76 16.17 25.37
C LEU A 1323 -20.41 15.30 26.56
N ARG A 1324 -20.71 15.71 27.79
CA ARG A 1324 -20.37 14.90 28.96
C ARG A 1324 -21.06 13.54 28.90
N SER A 1325 -22.37 13.53 28.64
CA SER A 1325 -23.11 12.27 28.61
C SER A 1325 -22.57 11.34 27.53
N VAL A 1326 -22.07 11.89 26.43
CA VAL A 1326 -21.51 11.06 25.36
C VAL A 1326 -20.19 10.45 25.79
N ILE A 1327 -19.33 11.23 26.44
CA ILE A 1327 -18.02 10.74 26.83
C ILE A 1327 -18.13 9.72 27.96
N GLU A 1328 -19.00 9.98 28.94
CA GLU A 1328 -19.05 9.14 30.13
C GLU A 1328 -19.60 7.75 29.87
N GLN A 1329 -20.30 7.55 28.75
CA GLN A 1329 -20.83 6.23 28.43
C GLN A 1329 -19.74 5.26 27.98
N PHE A 1330 -18.50 5.72 27.82
CA PHE A 1330 -17.32 4.99 27.37
C PHE A 1330 -16.39 4.71 28.55
N PRO A 1331 -15.65 3.59 28.49
CA PRO A 1331 -14.77 3.23 29.62
C PRO A 1331 -13.76 4.30 30.01
N GLY A 1332 -13.16 4.98 29.03
CA GLY A 1332 -12.17 6.00 29.30
C GLY A 1332 -12.75 7.39 29.13
N LYS A 1333 -12.81 8.13 30.24
CA LYS A 1333 -13.28 9.51 30.21
C LYS A 1333 -12.13 10.36 29.71
N LEU A 1334 -12.19 10.75 28.42
CA LEU A 1334 -11.14 11.44 27.69
C LEU A 1334 -9.91 10.56 27.47
N ASP A 1335 -10.01 9.27 27.74
CA ASP A 1335 -8.95 8.31 27.43
C ASP A 1335 -9.39 7.25 26.45
N PHE A 1336 -10.68 7.15 26.14
CA PHE A 1336 -11.18 6.15 25.22
C PHE A 1336 -10.67 6.43 23.81
N VAL A 1337 -10.14 5.39 23.15
CA VAL A 1337 -9.58 5.53 21.81
C VAL A 1337 -10.68 5.35 20.77
N LEU A 1338 -10.90 6.39 19.96
CA LEU A 1338 -11.81 6.29 18.84
C LEU A 1338 -11.16 5.55 17.68
N VAL A 1339 -11.92 4.65 17.06
CA VAL A 1339 -11.41 3.80 15.99
C VAL A 1339 -12.34 3.86 14.79
N ASP A 1340 -11.79 3.60 13.61
CA ASP A 1340 -12.54 3.54 12.35
C ASP A 1340 -13.29 4.85 12.09
N GLY A 1341 -12.60 5.97 12.33
CA GLY A 1341 -13.22 7.26 12.12
C GLY A 1341 -14.31 7.58 13.11
N GLY A 1342 -14.26 7.02 14.31
CA GLY A 1342 -15.28 7.26 15.31
C GLY A 1342 -16.63 6.66 15.00
N CYS A 1343 -16.65 5.44 14.48
CA CYS A 1343 -17.91 4.77 14.17
C CYS A 1343 -18.76 4.53 15.41
N VAL A 1344 -18.16 4.57 16.61
CA VAL A 1344 -18.92 4.37 17.83
C VAL A 1344 -19.90 5.52 18.03
N LEU A 1345 -19.56 6.71 17.57
CA LEU A 1345 -20.42 7.88 17.75
C LEU A 1345 -21.57 7.87 16.75
N SER A 1346 -22.63 8.60 17.11
CA SER A 1346 -23.72 8.84 16.18
C SER A 1346 -23.32 9.95 15.21
N HIS A 1347 -24.18 10.18 14.21
CA HIS A 1347 -23.90 11.24 13.24
C HIS A 1347 -23.92 12.61 13.89
N GLY A 1348 -24.90 12.85 14.77
CA GLY A 1348 -25.01 14.15 15.40
C GLY A 1348 -23.97 14.41 16.46
N HIS A 1349 -23.34 13.36 17.00
CA HIS A 1349 -22.27 13.54 17.96
C HIS A 1349 -21.01 14.09 17.29
N LYS A 1350 -20.79 13.75 16.03
CA LYS A 1350 -19.63 14.27 15.32
C LYS A 1350 -19.76 15.76 15.04
N GLN A 1351 -20.99 16.26 14.94
CA GLN A 1351 -21.19 17.69 14.78
C GLN A 1351 -20.80 18.45 16.04
N LEU A 1352 -21.14 17.90 17.21
CA LEU A 1352 -20.80 18.56 18.46
C LEU A 1352 -19.30 18.51 18.73
N MET A 1353 -18.61 17.49 18.22
CA MET A 1353 -17.16 17.47 18.33
C MET A 1353 -16.53 18.61 17.53
N CYS A 1354 -17.05 18.88 16.34
CA CYS A 1354 -16.52 19.96 15.53
C CYS A 1354 -16.87 21.32 16.11
N LEU A 1355 -18.04 21.44 16.75
CA LEU A 1355 -18.36 22.67 17.46
C LEU A 1355 -17.43 22.90 18.64
N ALA A 1356 -17.07 21.82 19.34
CA ALA A 1356 -16.18 21.96 20.49
C ALA A 1356 -14.83 22.53 20.09
N ARG A 1357 -14.29 22.09 18.96
CA ARG A 1357 -12.99 22.59 18.50
C ARG A 1357 -13.04 24.08 18.20
N SER A 1358 -14.10 24.54 17.53
CA SER A 1358 -14.19 25.94 17.15
C SER A 1358 -14.28 26.85 18.37
N VAL A 1359 -15.06 26.43 19.38
CA VAL A 1359 -15.15 27.19 20.62
C VAL A 1359 -13.79 27.22 21.31
N LEU A 1360 -13.03 26.13 21.22
CA LEU A 1360 -11.73 26.07 21.87
C LEU A 1360 -10.67 26.87 21.14
N SER A 1361 -10.80 27.01 19.82
CA SER A 1361 -9.81 27.76 19.04
C SER A 1361 -9.85 29.25 19.36
N LYS A 1362 -11.05 29.81 19.50
CA LYS A 1362 -11.24 31.22 19.84
C LYS A 1362 -10.63 32.15 18.78
N ALA A 1363 -11.09 31.98 17.55
CA ALA A 1363 -10.68 32.84 16.45
C ALA A 1363 -11.63 34.03 16.31
N LYS A 1364 -11.09 35.13 15.76
CA LYS A 1364 -11.89 36.35 15.63
C LYS A 1364 -12.93 36.25 14.53
N ILE A 1365 -12.61 35.56 13.42
CA ILE A 1365 -13.51 35.41 12.29
C ILE A 1365 -13.86 33.94 12.17
N LEU A 1366 -15.15 33.64 12.04
CA LEU A 1366 -15.66 32.28 12.11
C LEU A 1366 -16.42 31.95 10.84
N LEU A 1367 -16.11 30.80 10.25
CA LEU A 1367 -16.72 30.32 9.01
C LEU A 1367 -17.39 28.99 9.31
N LEU A 1368 -18.70 29.01 9.54
CA LEU A 1368 -19.47 27.83 9.91
C LEU A 1368 -20.18 27.30 8.68
N ASP A 1369 -19.87 26.06 8.29
CA ASP A 1369 -20.44 25.45 7.09
C ASP A 1369 -21.50 24.43 7.51
N GLN A 1370 -22.71 24.93 7.73
CA GLN A 1370 -23.89 24.15 8.11
C GLN A 1370 -23.58 23.30 9.34
N PRO A 1371 -23.41 23.91 10.51
CA PRO A 1371 -23.03 23.14 11.70
C PRO A 1371 -24.11 22.21 12.24
N SER A 1372 -25.34 22.26 11.71
CA SER A 1372 -26.44 21.50 12.27
C SER A 1372 -27.09 20.62 11.21
N ALA A 1373 -26.27 19.86 10.47
CA ALA A 1373 -26.74 19.16 9.28
C ALA A 1373 -27.93 18.26 9.58
N HIS A 1374 -27.83 17.40 10.58
CA HIS A 1374 -28.86 16.42 10.85
C HIS A 1374 -29.47 16.55 12.24
N LEU A 1375 -29.17 17.62 12.96
CA LEU A 1375 -29.71 17.80 14.29
C LEU A 1375 -31.21 18.07 14.25
N ASP A 1376 -31.94 17.51 15.22
CA ASP A 1376 -33.32 17.86 15.41
C ASP A 1376 -33.41 19.24 16.06
N PRO A 1377 -34.58 19.89 16.01
CA PRO A 1377 -34.68 21.24 16.59
C PRO A 1377 -34.32 21.32 18.06
N VAL A 1378 -34.46 20.24 18.82
CA VAL A 1378 -34.11 20.27 20.24
C VAL A 1378 -32.60 20.47 20.40
N THR A 1379 -31.80 19.69 19.68
CA THR A 1379 -30.35 19.80 19.77
C THR A 1379 -29.81 21.05 19.10
N TYR A 1380 -30.55 21.61 18.14
CA TYR A 1380 -30.11 22.86 17.51
C TYR A 1380 -29.98 23.99 18.54
N GLN A 1381 -30.73 23.93 19.62
CA GLN A 1381 -30.64 24.96 20.65
C GLN A 1381 -29.26 25.05 21.26
N ILE A 1382 -28.47 23.97 21.22
CA ILE A 1382 -27.08 24.04 21.67
C ILE A 1382 -26.28 24.97 20.77
N ILE A 1383 -26.49 24.87 19.45
CA ILE A 1383 -25.82 25.77 18.52
C ILE A 1383 -26.28 27.21 18.74
N ARG A 1384 -27.57 27.39 18.99
CA ARG A 1384 -28.11 28.74 19.17
C ARG A 1384 -27.55 29.40 20.42
N ARG A 1385 -27.47 28.66 21.52
CA ARG A 1385 -26.97 29.24 22.76
C ARG A 1385 -25.46 29.45 22.72
N THR A 1386 -24.72 28.55 22.05
CA THR A 1386 -23.29 28.77 21.85
C THR A 1386 -23.04 29.96 20.94
N LEU A 1387 -23.89 30.18 19.94
CA LEU A 1387 -23.71 31.28 19.01
C LEU A 1387 -23.72 32.64 19.71
N LYS A 1388 -24.39 32.74 20.85
CA LYS A 1388 -24.52 34.01 21.56
C LYS A 1388 -23.74 34.09 22.85
N GLN A 1389 -23.18 32.99 23.35
CA GLN A 1389 -22.37 33.01 24.56
C GLN A 1389 -20.89 32.84 24.26
N ALA A 1390 -20.50 31.77 23.57
CA ALA A 1390 -19.09 31.60 23.22
C ALA A 1390 -18.67 32.56 22.11
N PHE A 1391 -19.58 32.86 21.19
CA PHE A 1391 -19.33 33.74 20.06
C PHE A 1391 -20.13 35.03 20.18
N ALA A 1392 -20.23 35.57 21.40
CA ALA A 1392 -20.96 36.82 21.59
C ALA A 1392 -20.35 37.93 20.77
N ASP A 1393 -19.02 38.01 20.73
CA ASP A 1393 -18.29 38.92 19.86
C ASP A 1393 -18.04 38.24 18.51
N CYS A 1394 -17.09 38.79 17.74
CA CYS A 1394 -16.57 38.17 16.53
C CYS A 1394 -17.54 38.21 15.35
N THR A 1395 -16.99 38.08 14.14
CA THR A 1395 -17.76 38.09 12.90
C THR A 1395 -18.04 36.65 12.49
N VAL A 1396 -19.31 36.27 12.47
CA VAL A 1396 -19.73 34.89 12.25
C VAL A 1396 -20.46 34.79 10.92
N ILE A 1397 -19.97 33.94 10.03
CA ILE A 1397 -20.58 33.71 8.73
C ILE A 1397 -21.24 32.34 8.75
N LEU A 1398 -22.56 32.33 8.98
CA LEU A 1398 -23.31 31.08 8.97
C LEU A 1398 -23.63 30.65 7.54
N CYS A 1399 -23.74 29.33 7.35
CA CYS A 1399 -24.02 28.75 6.04
C CYS A 1399 -25.12 27.68 6.19
N GLU A 1400 -26.18 28.03 6.90
CA GLU A 1400 -27.22 27.07 7.26
C GLU A 1400 -28.32 27.01 6.20
N HIS A 1401 -29.04 25.90 6.21
CA HIS A 1401 -30.22 25.72 5.37
C HIS A 1401 -31.53 25.90 6.13
N ARG A 1402 -31.56 25.62 7.43
CA ARG A 1402 -32.79 25.77 8.19
C ARG A 1402 -33.13 27.25 8.37
N ILE A 1403 -34.42 27.57 8.23
CA ILE A 1403 -34.84 28.96 8.28
C ILE A 1403 -34.75 29.51 9.70
N GLU A 1404 -34.83 28.64 10.71
CA GLU A 1404 -34.79 29.10 12.10
C GLU A 1404 -33.45 29.73 12.47
N ALA A 1405 -32.38 29.40 11.75
CA ALA A 1405 -31.06 29.93 12.06
C ALA A 1405 -30.81 31.30 11.43
N MET A 1406 -31.76 31.84 10.68
CA MET A 1406 -31.59 33.13 10.02
C MET A 1406 -32.14 34.29 10.85
N LEU A 1407 -32.71 34.02 12.02
CA LEU A 1407 -33.23 35.09 12.85
C LEU A 1407 -32.12 35.89 13.54
N GLU A 1408 -30.92 35.34 13.65
CA GLU A 1408 -29.82 35.99 14.34
C GLU A 1408 -28.90 36.78 13.42
N CYS A 1409 -29.07 36.68 12.10
CA CYS A 1409 -28.15 37.30 11.16
C CYS A 1409 -28.59 38.70 10.79
N GLN A 1410 -27.62 39.61 10.70
CA GLN A 1410 -27.89 40.97 10.24
C GLN A 1410 -27.92 41.05 8.72
N GLN A 1411 -26.80 40.71 8.08
CA GLN A 1411 -26.72 40.69 6.62
C GLN A 1411 -27.09 39.32 6.07
N PHE A 1412 -27.34 39.28 4.76
CA PHE A 1412 -27.62 38.03 4.07
C PHE A 1412 -26.95 38.06 2.70
N LEU A 1413 -26.26 36.97 2.37
CA LEU A 1413 -25.61 36.81 1.08
C LEU A 1413 -26.27 35.64 0.36
N VAL A 1414 -26.78 35.89 -0.84
CA VAL A 1414 -27.50 34.90 -1.62
C VAL A 1414 -26.71 34.59 -2.88
N ILE A 1415 -26.32 33.35 -3.06
CA ILE A 1415 -25.59 32.90 -4.23
C ILE A 1415 -26.58 32.35 -5.25
N GLU A 1416 -26.50 32.85 -6.48
CA GLU A 1416 -27.30 32.33 -7.57
C GLU A 1416 -26.65 32.73 -8.90
N GLU A 1417 -26.69 31.81 -9.86
CA GLU A 1417 -26.05 31.95 -11.17
C GLU A 1417 -24.66 32.58 -11.05
N ASN A 1418 -23.86 32.03 -10.14
CA ASN A 1418 -22.46 32.39 -9.95
C ASN A 1418 -22.26 33.82 -9.48
N LYS A 1419 -23.27 34.43 -8.85
CA LYS A 1419 -23.19 35.81 -8.42
C LYS A 1419 -23.78 35.92 -7.02
N VAL A 1420 -23.21 36.83 -6.22
CA VAL A 1420 -23.64 37.05 -4.84
C VAL A 1420 -24.50 38.31 -4.79
N ARG A 1421 -25.65 38.21 -4.15
CA ARG A 1421 -26.54 39.35 -3.93
C ARG A 1421 -26.66 39.60 -2.44
N GLN A 1422 -26.52 40.87 -2.03
CA GLN A 1422 -26.48 41.25 -0.63
C GLN A 1422 -27.81 41.86 -0.21
N TYR A 1423 -28.31 41.45 0.96
CA TYR A 1423 -29.52 41.99 1.55
C TYR A 1423 -29.24 42.40 2.99
N ASP A 1424 -30.17 43.19 3.55
CA ASP A 1424 -30.03 43.68 4.91
C ASP A 1424 -31.09 43.17 5.86
N SER A 1425 -32.13 42.51 5.36
CA SER A 1425 -33.15 41.93 6.22
C SER A 1425 -33.72 40.68 5.56
N ILE A 1426 -34.09 39.71 6.39
CA ILE A 1426 -34.62 38.45 5.85
C ILE A 1426 -35.98 38.67 5.20
N GLN A 1427 -36.79 39.60 5.73
CA GLN A 1427 -38.13 39.80 5.21
C GLN A 1427 -38.10 40.33 3.78
N LYS A 1428 -37.14 41.19 3.47
CA LYS A 1428 -37.02 41.70 2.10
C LYS A 1428 -36.49 40.64 1.15
N LEU A 1429 -35.67 39.72 1.66
CA LEU A 1429 -35.18 38.62 0.83
C LEU A 1429 -36.33 37.72 0.40
N LEU A 1430 -37.18 37.32 1.35
CA LEU A 1430 -38.28 36.42 1.06
C LEU A 1430 -39.45 37.11 0.38
N ASN A 1431 -39.54 38.43 0.48
CA ASN A 1431 -40.60 39.16 -0.23
C ASN A 1431 -40.47 39.00 -1.73
N GLU A 1432 -39.24 39.00 -2.24
CA GLU A 1432 -39.02 38.92 -3.68
C GLU A 1432 -39.13 37.50 -4.23
N ARG A 1433 -39.14 36.48 -3.37
CA ARG A 1433 -39.14 35.09 -3.80
C ARG A 1433 -40.38 34.40 -3.26
N SER A 1434 -41.24 33.91 -4.16
CA SER A 1434 -42.47 33.24 -3.75
C SER A 1434 -42.22 31.77 -3.44
N LEU A 1435 -41.63 31.03 -4.38
CA LEU A 1435 -41.45 29.59 -4.19
C LEU A 1435 -40.59 29.29 -2.96
N PHE A 1436 -39.65 30.18 -2.64
CA PHE A 1436 -38.79 29.93 -1.48
C PHE A 1436 -39.56 29.99 -0.18
N ARG A 1437 -40.46 30.97 -0.04
CA ARG A 1437 -41.25 31.06 1.19
C ARG A 1437 -42.47 30.15 1.19
N GLN A 1438 -42.87 29.63 0.04
CA GLN A 1438 -43.93 28.64 0.01
C GLN A 1438 -43.50 27.33 0.66
N ALA A 1439 -42.20 27.06 0.71
CA ALA A 1439 -41.66 25.84 1.28
C ALA A 1439 -41.39 25.95 2.77
N ILE A 1440 -41.58 27.13 3.36
CA ILE A 1440 -41.25 27.32 4.77
C ILE A 1440 -42.30 26.66 5.65
N SER A 1441 -41.83 26.01 6.72
CA SER A 1441 -42.74 25.39 7.68
C SER A 1441 -43.63 26.44 8.33
N PRO A 1442 -44.92 26.14 8.55
CA PRO A 1442 -45.79 27.10 9.25
C PRO A 1442 -45.27 27.49 10.62
N SER A 1443 -44.55 26.61 11.31
CA SER A 1443 -44.01 26.96 12.62
C SER A 1443 -42.97 28.07 12.49
N ASP A 1444 -42.06 27.97 11.53
CA ASP A 1444 -41.08 29.01 11.31
C ASP A 1444 -41.69 30.21 10.59
N ARG A 1445 -42.78 30.00 9.85
CA ARG A 1445 -43.40 31.09 9.08
C ARG A 1445 -43.89 32.19 10.00
N VAL A 1446 -44.58 31.84 11.08
CA VAL A 1446 -45.10 32.83 12.01
C VAL A 1446 -43.97 33.53 12.76
N LYS A 1447 -42.84 32.84 12.95
CA LYS A 1447 -41.70 33.45 13.63
C LYS A 1447 -41.03 34.51 12.76
N LEU A 1448 -41.11 34.37 11.44
CA LEU A 1448 -40.55 35.36 10.54
C LEU A 1448 -41.54 36.46 10.17
N PHE A 1449 -42.83 36.15 10.14
CA PHE A 1449 -43.87 37.12 9.80
C PHE A 1449 -44.95 37.09 10.87
N PRO A 1450 -44.77 37.84 11.97
CA PRO A 1450 -45.74 37.89 13.07
C PRO A 1450 -47.10 38.42 12.61
N UNK B 1 -22.86 -4.92 -18.57
CA UNK B 1 -22.32 -5.89 -17.63
C UNK B 1 -20.91 -6.29 -18.04
N UNK B 2 -19.93 -5.81 -17.28
CA UNK B 2 -18.52 -6.14 -17.53
C UNK B 2 -18.13 -7.41 -16.78
N UNK B 3 -18.76 -8.53 -17.19
CA UNK B 3 -18.49 -9.81 -16.57
C UNK B 3 -17.10 -10.33 -16.87
N UNK B 4 -16.46 -9.84 -17.94
CA UNK B 4 -15.14 -10.31 -18.31
C UNK B 4 -14.07 -9.55 -17.55
N UNK B 5 -13.13 -10.28 -16.96
CA UNK B 5 -12.02 -9.70 -16.21
C UNK B 5 -10.78 -9.53 -17.07
N UNK B 6 -10.89 -9.65 -18.39
CA UNK B 6 -9.75 -9.50 -19.29
C UNK B 6 -9.30 -8.05 -19.29
N UNK B 7 -8.00 -7.83 -19.09
CA UNK B 7 -7.45 -6.48 -19.13
C UNK B 7 -7.35 -5.99 -20.56
N UNK B 8 -7.84 -4.78 -20.81
CA UNK B 8 -7.81 -4.17 -22.13
C UNK B 8 -6.76 -3.07 -22.18
N UNK B 9 -6.58 -2.53 -23.39
CA UNK B 9 -5.62 -1.44 -23.57
C UNK B 9 -6.03 -0.19 -22.80
N UNK B 10 -7.33 0.02 -22.60
CA UNK B 10 -7.76 1.20 -21.86
C UNK B 10 -7.30 1.13 -20.40
N UNK B 11 -7.39 -0.05 -19.79
CA UNK B 11 -6.94 -0.18 -18.41
C UNK B 11 -5.43 0.02 -18.29
N UNK B 12 -4.66 -0.52 -19.24
CA UNK B 12 -3.21 -0.40 -19.16
C UNK B 12 -2.76 1.05 -19.28
N UNK B 13 -3.40 1.82 -20.17
CA UNK B 13 -3.00 3.20 -20.37
C UNK B 13 -3.21 4.04 -19.10
N UNK B 14 -4.34 3.83 -18.42
CA UNK B 14 -4.66 4.67 -17.27
C UNK B 14 -3.73 4.38 -16.09
N UNK B 15 -3.50 3.11 -15.79
CA UNK B 15 -2.76 2.74 -14.59
C UNK B 15 -1.25 2.72 -14.83
N UNK B 16 -0.79 1.99 -15.84
CA UNK B 16 0.62 1.84 -16.11
C UNK B 16 1.20 2.99 -16.93
N UNK B 17 0.38 3.97 -17.29
CA UNK B 17 0.81 5.10 -18.10
C UNK B 17 1.40 4.64 -19.44
MG MG C . -28.70 8.48 12.12
MG MG D . -21.51 22.72 0.81
PG ATP E . -28.32 10.55 14.87
O1G ATP E . -29.50 11.44 14.78
O2G ATP E . -27.08 11.28 15.39
O3G ATP E . -27.96 9.91 13.52
PB ATP E . -29.46 8.04 15.76
O1B ATP E . -30.82 8.27 16.26
O2B ATP E . -29.34 7.57 14.32
O3B ATP E . -28.56 9.35 15.88
PA ATP E . -27.17 6.43 16.58
O1A ATP E . -27.64 5.05 16.36
O2A ATP E . -26.81 6.09 15.10
O3A ATP E . -28.65 7.01 16.67
O5' ATP E . -26.67 5.45 17.78
C5' ATP E . -27.41 5.30 18.99
C4' ATP E . -26.48 5.07 20.15
O4' ATP E . -25.61 3.95 19.89
C3' ATP E . -25.57 6.24 20.51
O3' ATP E . -25.35 6.33 21.92
C2' ATP E . -24.28 5.91 19.76
O2' ATP E . -23.15 6.45 20.41
C1' ATP E . -24.26 4.38 19.86
N9 ATP E . -23.60 3.72 18.74
C8 ATP E . -23.82 3.94 17.41
N7 ATP E . -23.09 3.19 16.62
C5 ATP E . -22.34 2.43 17.49
C6 ATP E . -21.36 1.43 17.29
N6 ATP E . -20.96 1.01 16.08
N1 ATP E . -20.81 0.86 18.38
C2 ATP E . -21.19 1.27 19.59
N3 ATP E . -22.10 2.20 19.91
C4 ATP E . -22.64 2.74 18.81
PG ATP F . -24.34 22.22 -0.68
O1G ATP F . -25.38 23.07 -0.03
O2G ATP F . -24.94 20.95 -1.28
O3G ATP F . -23.23 21.83 0.29
PB ATP F . -22.80 24.33 -1.92
O1B ATP F . -23.68 25.51 -1.97
O2B ATP F . -21.84 24.26 -0.75
O3B ATP F . -23.64 22.99 -1.88
PA ATP F . -20.71 23.21 -3.63
O1A ATP F . -19.75 24.33 -3.50
O2A ATP F . -19.88 22.88 -2.36
O3A ATP F . -21.94 24.15 -3.26
O5' ATP F . -19.92 23.46 -5.04
C5' ATP F . -20.45 24.31 -6.07
C4' ATP F . -20.23 23.67 -7.42
O4' ATP F . -18.84 23.33 -7.61
C3' ATP F . -21.02 22.39 -7.69
O3' ATP F . -21.48 22.31 -9.04
C2' ATP F . -20.00 21.29 -7.39
O2' ATP F . -20.25 20.13 -8.18
C1' ATP F . -18.70 21.95 -7.86
N9 ATP F . -17.52 21.48 -7.16
C8 ATP F . -17.37 21.31 -5.81
N7 ATP F . -16.19 20.86 -5.44
C5 ATP F . -15.50 20.72 -6.65
C6 ATP F . -14.21 20.29 -6.95
N6 ATP F . -13.31 19.90 -6.03
N1 ATP F . -13.83 20.29 -8.25
C2 ATP F . -14.72 20.68 -9.17
N3 ATP F . -15.98 21.11 -9.00
C4 ATP F . -16.31 21.10 -7.71
C1 CLR G . 35.80 -44.27 -2.37
C2 CLR G . 37.29 -44.62 -2.37
C3 CLR G . 38.05 -43.72 -3.29
C4 CLR G . 37.87 -42.27 -2.88
C5 CLR G . 36.42 -41.88 -2.75
C6 CLR G . 35.96 -40.77 -3.32
C7 CLR G . 34.55 -40.29 -3.27
C8 CLR G . 33.75 -40.98 -2.16
C9 CLR G . 34.03 -42.48 -2.17
C10 CLR G . 35.54 -42.81 -1.93
C11 CLR G . 33.11 -43.25 -1.22
C12 CLR G . 31.62 -42.92 -1.40
C13 CLR G . 31.36 -41.40 -1.30
C14 CLR G . 32.25 -40.75 -2.37
C15 CLR G . 31.71 -39.31 -2.45
C16 CLR G . 30.22 -39.44 -2.15
C17 CLR G . 29.97 -40.90 -1.76
C18 CLR G . 31.70 -40.90 0.12
C19 CLR G . 35.92 -42.65 -0.44
C20 CLR G . 28.77 -41.04 -0.80
C21 CLR G . 28.32 -42.48 -0.57
C22 CLR G . 27.59 -40.19 -1.29
C23 CLR G . 26.84 -40.73 -2.50
C24 CLR G . 26.00 -39.68 -3.20
C25 CLR G . 25.10 -38.84 -2.32
C26 CLR G . 24.43 -37.74 -3.11
C27 CLR G . 24.06 -39.68 -1.60
O1 CLR G . 39.44 -44.05 -3.28
C1 D12 H . 5.34 -30.41 10.98
C2 D12 H . 4.89 -30.44 9.52
C3 D12 H . 5.54 -31.57 8.73
C4 D12 H . 7.00 -31.29 8.39
C5 D12 H . 7.17 -30.49 7.10
C6 D12 H . 8.62 -30.19 6.78
C7 D12 H . 8.81 -29.36 5.51
C8 D12 H . 8.66 -30.19 4.25
C9 D12 H . 9.43 -29.61 3.07
C10 D12 H . 9.33 -30.48 1.81
C11 D12 H . 10.22 -29.97 0.69
C12 D12 H . 10.17 -30.88 -0.54
C1 VX8 I . 4.88 -32.12 3.45
C10 VX8 I . 5.07 -28.40 4.94
C11 VX8 I . 4.81 -28.86 0.64
C12 VX8 I . 4.20 -27.70 -1.61
C13 VX8 I . 4.24 -26.39 -2.42
C14 VX8 I . 4.84 -25.28 -1.51
C15 VX8 I . 6.18 -24.90 -1.64
C16 VX8 I . 6.72 -23.90 -0.81
C17 VX8 I . 5.92 -23.29 0.14
C18 VX8 I . 4.57 -23.68 0.27
C19 VX8 I . 4.05 -24.67 -0.55
C2 VX8 I . 4.86 -30.95 2.45
C20 VX8 I . 7.95 -22.27 0.18
C21 VX8 I . 2.85 -26.09 -2.97
C22 VX8 I . 3.92 -26.67 -3.89
C23 VX8 I . 5.13 -30.13 0.20
C24 VX8 I . 5.16 -31.19 1.10
C3 VX8 I . 4.54 -29.64 2.80
C4 VX8 I . 4.21 -29.25 4.26
C5 VX8 I . 3.04 -29.68 4.88
C6 VX8 I . 2.76 -29.30 6.19
C7 VX8 I . 1.49 -29.79 6.89
C8 VX8 I . 3.64 -28.47 6.87
C9 VX8 I . 4.79 -28.02 6.25
F1 VX8 I . 8.08 -21.08 -0.47
F2 VX8 I . 8.94 -22.40 1.11
N1 VX8 I . 4.53 -28.66 1.92
N2 VX8 I . 4.76 -27.69 -0.26
O1 VX8 I . 0.72 -30.60 6.31
O2 VX8 I . 1.22 -29.39 8.06
O3 VX8 I . 3.73 -28.68 -2.08
O4 VX8 I . 6.69 -22.33 0.82
O5 VX8 I . 8.01 -23.33 -0.75
N1 WJX J . 24.33 -14.39 -27.22
C4 WJX J . 22.81 -11.49 -28.58
C5 WJX J . 23.21 -13.74 -27.56
C6 WJX J . 22.03 -14.36 -27.97
C7 WJX J . 22.02 -15.75 -28.03
C8 WJX J . 23.16 -16.46 -27.69
C10 WJX J . 26.54 -15.82 -26.24
C1 WJX J . 22.93 -10.09 -27.97
C2 WJX J . 24.07 -10.25 -26.95
C3 WJX J . 24.42 -11.73 -26.82
O1 WJX J . 20.49 -12.57 -27.62
C9 WJX J . 24.28 -15.72 -27.27
C11 WJX J . 27.44 -16.83 -26.03
N2 WJX J . 25.47 -16.37 -26.86
N WJX J . 23.26 -12.37 -27.50
C WJX J . 21.63 -9.58 -27.36
O WJX J . 27.34 -19.26 -26.61
C12 WJX J . 26.84 -18.02 -26.57
C13 WJX J . 26.43 -20.32 -26.23
C14 WJX J . 27.26 -21.54 -25.77
C15 WJX J . 28.42 -21.73 -26.74
C16 WJX J . 27.83 -21.21 -24.39
C17 WJX J . 26.36 -22.75 -25.73
C18 WJX J . 20.79 -13.57 -28.28
C19 WJX J . 18.06 -12.41 -28.77
C20 WJX J . 17.67 -11.65 -27.70
C21 WJX J . 18.30 -11.50 -29.82
C22 WJX J . 18.75 -11.76 -31.22
C23 WJX J . 17.38 -9.18 -27.37
C24 WJX J . 25.73 -12.08 -27.53
C25 WJX J . 24.52 -12.18 -25.36
F WJX J . 27.04 -23.88 -25.91
F1 WJX J . 25.42 -22.72 -26.67
F2 WJX J . 25.72 -22.88 -24.57
N3 WJX J . 25.63 -17.71 -27.08
N4 WJX J . 19.83 -14.27 -28.98
N5 WJX J . 17.71 -10.38 -28.12
N6 WJX J . 18.08 -10.26 -29.42
O2 WJX J . 17.85 -14.55 -27.54
O3 WJX J . 17.59 -14.51 -30.00
S WJX J . 18.22 -14.02 -28.81
#